data_1F7L
# 
_entry.id   1F7L 
# 
_audit_conform.dict_name       mmcif_pdbx.dic 
_audit_conform.dict_version    5.376 
_audit_conform.dict_location   http://mmcif.pdb.org/dictionaries/ascii/mmcif_pdbx.dic 
# 
loop_
_database_2.database_id 
_database_2.database_code 
_database_2.pdbx_database_accession 
_database_2.pdbx_DOI 
PDB   1F7L         pdb_00001f7l 10.2210/pdb1f7l/pdb 
RCSB  RCSB011341   ?            ?                   
WWPDB D_1000011341 ?            ?                   
# 
_pdbx_database_status.status_code                     REL 
_pdbx_database_status.entry_id                        1F7L 
_pdbx_database_status.recvd_initial_deposition_date   2000-06-27 
_pdbx_database_status.deposit_site                    RCSB 
_pdbx_database_status.process_site                    RCSB 
_pdbx_database_status.SG_entry                        . 
_pdbx_database_status.pdb_format_compatible           Y 
_pdbx_database_status.status_code_mr                  ? 
_pdbx_database_status.status_code_sf                  ? 
_pdbx_database_status.status_code_cs                  ? 
_pdbx_database_status.methods_development_category    ? 
_pdbx_database_status.status_code_nmr_data            ? 
# 
loop_
_audit_author.name 
_audit_author.pdbx_ordinal 
'Parris, K.D.' 1 
'Lin, L.'      2 
'Tam, A.'      3 
'Mathew, R.'   4 
'Hixon, J.'    5 
'Stahl, M.'    6 
'Fritz, C.C.'  7 
'Seehra, J.'   8 
'Somers, W.S.' 9 
# 
_citation.id                        primary 
_citation.title                     
;Crystal structures of substrate binding to Bacillus subtilis holo-(acyl carrier protein) synthase reveal a novel trimeric arrangement of molecules resulting in three active sites.
;
_citation.journal_abbrev            'Structure Fold.Des.' 
_citation.journal_volume            8 
_citation.page_first                883 
_citation.page_last                 895 
_citation.year                      2000 
_citation.journal_id_ASTM           FODEFH 
_citation.country                   UK 
_citation.journal_id_ISSN           0969-2126 
_citation.journal_id_CSD            1263 
_citation.book_publisher            ? 
_citation.pdbx_database_id_PubMed   10997907 
_citation.pdbx_database_id_DOI      '10.1016/S0969-2126(00)00178-7' 
# 
loop_
_citation_author.citation_id 
_citation_author.name 
_citation_author.ordinal 
_citation_author.identifier_ORCID 
primary 'Parris, K.D.' 1 ? 
primary 'Lin, L.'      2 ? 
primary 'Tam, A.'      3 ? 
primary 'Mathew, R.'   4 ? 
primary 'Hixon, J.'    5 ? 
primary 'Stahl, M.'    6 ? 
primary 'Fritz, C.C.'  7 ? 
primary 'Seehra, J.'   8 ? 
primary 'Somers, W.S.' 9 ? 
# 
_cell.entry_id           1F7L 
_cell.length_a           55.820 
_cell.length_b           55.820 
_cell.length_c           92.288 
_cell.angle_alpha        90.00 
_cell.angle_beta         90.00 
_cell.angle_gamma        120.00 
_cell.Z_PDB              9 
_cell.pdbx_unique_axis   ? 
# 
_symmetry.entry_id                         1F7L 
_symmetry.space_group_name_H-M             'H 3' 
_symmetry.pdbx_full_space_group_name_H-M   ? 
_symmetry.cell_setting                     ? 
_symmetry.Int_Tables_number                146 
# 
loop_
_entity.id 
_entity.type 
_entity.src_method 
_entity.pdbx_description 
_entity.formula_weight 
_entity.pdbx_number_of_molecules 
_entity.pdbx_ec 
_entity.pdbx_mutation 
_entity.pdbx_fragment 
_entity.details 
1 polymer     man 'HOLO-(ACYL CARRIER PROTEIN) SYNTHASE' 13634.627 1  2.7.8.7 Q96P ? ? 
2 non-polymer syn 'CALCIUM ION'                          40.078    2  ?       ?    ? ? 
3 non-polymer syn 'CHLORIDE ION'                         35.453    1  ?       ?    ? ? 
4 non-polymer syn 'COENZYME A'                           767.534   1  ?       ?    ? ? 
5 water       nat water                                  18.015    98 ?       ?    ? ? 
# 
_entity_poly.entity_id                      1 
_entity_poly.type                           'polypeptide(L)' 
_entity_poly.nstd_linkage                   no 
_entity_poly.nstd_monomer                   no 
_entity_poly.pdbx_seq_one_letter_code       
;GIYGIGLDITELKRIASMAGRQKRFAERILTRSELDQYYELSEKRKNEFLAGRFAAKEAFSKAFGTGIGRQLSFQDIEIR
KDQNGKPYIICTKLSPAAVHVSITHTKEYAAAQVVIERLSS
;
_entity_poly.pdbx_seq_one_letter_code_can   
;GIYGIGLDITELKRIASMAGRQKRFAERILTRSELDQYYELSEKRKNEFLAGRFAAKEAFSKAFGTGIGRQLSFQDIEIR
KDQNGKPYIICTKLSPAAVHVSITHTKEYAAAQVVIERLSS
;
_entity_poly.pdbx_strand_id                 A 
_entity_poly.pdbx_target_identifier         ? 
# 
loop_
_entity_poly_seq.entity_id 
_entity_poly_seq.num 
_entity_poly_seq.mon_id 
_entity_poly_seq.hetero 
1 1   GLY n 
1 2   ILE n 
1 3   TYR n 
1 4   GLY n 
1 5   ILE n 
1 6   GLY n 
1 7   LEU n 
1 8   ASP n 
1 9   ILE n 
1 10  THR n 
1 11  GLU n 
1 12  LEU n 
1 13  LYS n 
1 14  ARG n 
1 15  ILE n 
1 16  ALA n 
1 17  SER n 
1 18  MET n 
1 19  ALA n 
1 20  GLY n 
1 21  ARG n 
1 22  GLN n 
1 23  LYS n 
1 24  ARG n 
1 25  PHE n 
1 26  ALA n 
1 27  GLU n 
1 28  ARG n 
1 29  ILE n 
1 30  LEU n 
1 31  THR n 
1 32  ARG n 
1 33  SER n 
1 34  GLU n 
1 35  LEU n 
1 36  ASP n 
1 37  GLN n 
1 38  TYR n 
1 39  TYR n 
1 40  GLU n 
1 41  LEU n 
1 42  SER n 
1 43  GLU n 
1 44  LYS n 
1 45  ARG n 
1 46  LYS n 
1 47  ASN n 
1 48  GLU n 
1 49  PHE n 
1 50  LEU n 
1 51  ALA n 
1 52  GLY n 
1 53  ARG n 
1 54  PHE n 
1 55  ALA n 
1 56  ALA n 
1 57  LYS n 
1 58  GLU n 
1 59  ALA n 
1 60  PHE n 
1 61  SER n 
1 62  LYS n 
1 63  ALA n 
1 64  PHE n 
1 65  GLY n 
1 66  THR n 
1 67  GLY n 
1 68  ILE n 
1 69  GLY n 
1 70  ARG n 
1 71  GLN n 
1 72  LEU n 
1 73  SER n 
1 74  PHE n 
1 75  GLN n 
1 76  ASP n 
1 77  ILE n 
1 78  GLU n 
1 79  ILE n 
1 80  ARG n 
1 81  LYS n 
1 82  ASP n 
1 83  GLN n 
1 84  ASN n 
1 85  GLY n 
1 86  LYS n 
1 87  PRO n 
1 88  TYR n 
1 89  ILE n 
1 90  ILE n 
1 91  CYS n 
1 92  THR n 
1 93  LYS n 
1 94  LEU n 
1 95  SER n 
1 96  PRO n 
1 97  ALA n 
1 98  ALA n 
1 99  VAL n 
1 100 HIS n 
1 101 VAL n 
1 102 SER n 
1 103 ILE n 
1 104 THR n 
1 105 HIS n 
1 106 THR n 
1 107 LYS n 
1 108 GLU n 
1 109 TYR n 
1 110 ALA n 
1 111 ALA n 
1 112 ALA n 
1 113 GLN n 
1 114 VAL n 
1 115 VAL n 
1 116 ILE n 
1 117 GLU n 
1 118 ARG n 
1 119 LEU n 
1 120 SER n 
1 121 SER n 
# 
_entity_src_gen.entity_id                          1 
_entity_src_gen.pdbx_src_id                        1 
_entity_src_gen.pdbx_alt_source_flag               sample 
_entity_src_gen.pdbx_seq_type                      ? 
_entity_src_gen.pdbx_beg_seq_num                   ? 
_entity_src_gen.pdbx_end_seq_num                   ? 
_entity_src_gen.gene_src_common_name               ? 
_entity_src_gen.gene_src_genus                     Bacillus 
_entity_src_gen.pdbx_gene_src_gene                 ? 
_entity_src_gen.gene_src_species                   ? 
_entity_src_gen.gene_src_strain                    ? 
_entity_src_gen.gene_src_tissue                    ? 
_entity_src_gen.gene_src_tissue_fraction           ? 
_entity_src_gen.gene_src_details                   ? 
_entity_src_gen.pdbx_gene_src_fragment             ? 
_entity_src_gen.pdbx_gene_src_scientific_name      'Bacillus subtilis' 
_entity_src_gen.pdbx_gene_src_ncbi_taxonomy_id     1423 
_entity_src_gen.pdbx_gene_src_variant              ? 
_entity_src_gen.pdbx_gene_src_cell_line            ? 
_entity_src_gen.pdbx_gene_src_atcc                 ? 
_entity_src_gen.pdbx_gene_src_organ                ? 
_entity_src_gen.pdbx_gene_src_organelle            ? 
_entity_src_gen.pdbx_gene_src_cell                 ? 
_entity_src_gen.pdbx_gene_src_cellular_location    ? 
_entity_src_gen.host_org_common_name               ? 
_entity_src_gen.pdbx_host_org_scientific_name      'Escherichia coli' 
_entity_src_gen.pdbx_host_org_ncbi_taxonomy_id     562 
_entity_src_gen.host_org_genus                     Escherichia 
_entity_src_gen.pdbx_host_org_gene                 ? 
_entity_src_gen.pdbx_host_org_organ                ? 
_entity_src_gen.host_org_species                   ? 
_entity_src_gen.pdbx_host_org_tissue               ? 
_entity_src_gen.pdbx_host_org_tissue_fraction      ? 
_entity_src_gen.pdbx_host_org_strain               ? 
_entity_src_gen.pdbx_host_org_variant              ? 
_entity_src_gen.pdbx_host_org_cell_line            ? 
_entity_src_gen.pdbx_host_org_atcc                 ? 
_entity_src_gen.pdbx_host_org_culture_collection   ? 
_entity_src_gen.pdbx_host_org_cell                 ? 
_entity_src_gen.pdbx_host_org_organelle            ? 
_entity_src_gen.pdbx_host_org_cellular_location    ? 
_entity_src_gen.pdbx_host_org_vector_type          PLASMID 
_entity_src_gen.pdbx_host_org_vector               ? 
_entity_src_gen.host_org_details                   ? 
_entity_src_gen.expression_system_id               ? 
_entity_src_gen.plasmid_name                       PBAD-HIS 
_entity_src_gen.plasmid_details                    ? 
_entity_src_gen.pdbx_description                   ? 
# 
_struct_ref.id                         1 
_struct_ref.db_code                    ACPS_BACSU 
_struct_ref.db_name                    UNP 
_struct_ref.entity_id                  1 
_struct_ref.pdbx_db_accession          P96618 
_struct_ref.pdbx_align_begin           1 
_struct_ref.pdbx_seq_one_letter_code   
;MIYGIGLDITELKRIASMAGRQKRFAERILTRSELDQYYELSEKRKNEFLAGRFAAKEAFSKAFGTGIGRQLSFQDIEIR
KDQNGKPYIICTKLSQAAVHVSITHTKEYAAAQVVIERLSS
;
_struct_ref.pdbx_db_isoform            ? 
# 
_struct_ref_seq.align_id                      1 
_struct_ref_seq.ref_id                        1 
_struct_ref_seq.pdbx_PDB_id_code              1F7L 
_struct_ref_seq.pdbx_strand_id                A 
_struct_ref_seq.seq_align_beg                 1 
_struct_ref_seq.pdbx_seq_align_beg_ins_code   ? 
_struct_ref_seq.seq_align_end                 121 
_struct_ref_seq.pdbx_seq_align_end_ins_code   ? 
_struct_ref_seq.pdbx_db_accession             P96618 
_struct_ref_seq.db_align_beg                  1 
_struct_ref_seq.pdbx_db_align_beg_ins_code    ? 
_struct_ref_seq.db_align_end                  121 
_struct_ref_seq.pdbx_db_align_end_ins_code    ? 
_struct_ref_seq.pdbx_auth_seq_align_beg       1 
_struct_ref_seq.pdbx_auth_seq_align_end       121 
# 
loop_
_struct_ref_seq_dif.align_id 
_struct_ref_seq_dif.pdbx_pdb_id_code 
_struct_ref_seq_dif.mon_id 
_struct_ref_seq_dif.pdbx_pdb_strand_id 
_struct_ref_seq_dif.seq_num 
_struct_ref_seq_dif.pdbx_pdb_ins_code 
_struct_ref_seq_dif.pdbx_seq_db_name 
_struct_ref_seq_dif.pdbx_seq_db_accession_code 
_struct_ref_seq_dif.db_mon_id 
_struct_ref_seq_dif.pdbx_seq_db_seq_num 
_struct_ref_seq_dif.details 
_struct_ref_seq_dif.pdbx_auth_seq_num 
_struct_ref_seq_dif.pdbx_ordinal 
1 1F7L GLY A 1  ? UNP P96618 MET 1  'engineered mutation' 1  1 
1 1F7L PRO A 96 ? UNP P96618 GLN 96 'engineered mutation' 96 2 
# 
loop_
_chem_comp.id 
_chem_comp.type 
_chem_comp.mon_nstd_flag 
_chem_comp.name 
_chem_comp.pdbx_synonyms 
_chem_comp.formula 
_chem_comp.formula_weight 
ALA 'L-peptide linking' y ALANINE         ? 'C3 H7 N O2'          89.093  
ARG 'L-peptide linking' y ARGININE        ? 'C6 H15 N4 O2 1'      175.209 
ASN 'L-peptide linking' y ASPARAGINE      ? 'C4 H8 N2 O3'         132.118 
ASP 'L-peptide linking' y 'ASPARTIC ACID' ? 'C4 H7 N O4'          133.103 
CA  non-polymer         . 'CALCIUM ION'   ? 'Ca 2'                40.078  
CL  non-polymer         . 'CHLORIDE ION'  ? 'Cl -1'               35.453  
COA non-polymer         . 'COENZYME A'    ? 'C21 H36 N7 O16 P3 S' 767.534 
CYS 'L-peptide linking' y CYSTEINE        ? 'C3 H7 N O2 S'        121.158 
GLN 'L-peptide linking' y GLUTAMINE       ? 'C5 H10 N2 O3'        146.144 
GLU 'L-peptide linking' y 'GLUTAMIC ACID' ? 'C5 H9 N O4'          147.129 
GLY 'peptide linking'   y GLYCINE         ? 'C2 H5 N O2'          75.067  
HIS 'L-peptide linking' y HISTIDINE       ? 'C6 H10 N3 O2 1'      156.162 
HOH non-polymer         . WATER           ? 'H2 O'                18.015  
ILE 'L-peptide linking' y ISOLEUCINE      ? 'C6 H13 N O2'         131.173 
LEU 'L-peptide linking' y LEUCINE         ? 'C6 H13 N O2'         131.173 
LYS 'L-peptide linking' y LYSINE          ? 'C6 H15 N2 O2 1'      147.195 
MET 'L-peptide linking' y METHIONINE      ? 'C5 H11 N O2 S'       149.211 
PHE 'L-peptide linking' y PHENYLALANINE   ? 'C9 H11 N O2'         165.189 
PRO 'L-peptide linking' y PROLINE         ? 'C5 H9 N O2'          115.130 
SER 'L-peptide linking' y SERINE          ? 'C3 H7 N O3'          105.093 
THR 'L-peptide linking' y THREONINE       ? 'C4 H9 N O3'          119.119 
TYR 'L-peptide linking' y TYROSINE        ? 'C9 H11 N O3'         181.189 
VAL 'L-peptide linking' y VALINE          ? 'C5 H11 N O2'         117.146 
# 
_exptl.entry_id          1F7L 
_exptl.method            'X-RAY DIFFRACTION' 
_exptl.crystals_number   2 
# 
_exptl_crystal.id                    1 
_exptl_crystal.density_meas          ? 
_exptl_crystal.density_percent_sol   34 
_exptl_crystal.density_Matthews      1.87 
_exptl_crystal.description           ? 
# 
_exptl_crystal_grow.crystal_id      1 
_exptl_crystal_grow.method          'VAPOR DIFFUSION, HANGING DROP' 
_exptl_crystal_grow.pH              4.4 
_exptl_crystal_grow.temp            291.0 
_exptl_crystal_grow.temp_details    ? 
_exptl_crystal_grow.pdbx_details    
;Protein: 10 mM sodium acetate, 2mM magnesium chloride, 100mM sodium chloride, 5mM Dithiothreitol Well: 20% PEG 3350,
0.2M Calcium chloride, pH 4.4, VAPOR DIFFUSION, HANGING DROP, temperature 18K
;
_exptl_crystal_grow.pdbx_pH_range   . 
# 
loop_
_diffrn.id 
_diffrn.ambient_temp 
_diffrn.ambient_temp_details 
_diffrn.crystal_id 
1 100 ? 1 
2 100 ? 1 
# 
loop_
_diffrn_detector.diffrn_id 
_diffrn_detector.detector 
_diffrn_detector.type 
_diffrn_detector.pdbx_collection_date 
_diffrn_detector.details 
1 CCD 'ADSC QUANTUM 4' 1999-05-30 ? 
2 CCD BRANDEIS         1999-07-27 ? 
# 
_diffrn_radiation.diffrn_id                        1 
_diffrn_radiation.wavelength_id                    1 
_diffrn_radiation.monochromator                    ? 
_diffrn_radiation.pdbx_monochromatic_or_laue_m_l   M 
_diffrn_radiation.pdbx_diffrn_protocol             'SINGLE WAVELENGTH' 
_diffrn_radiation.pdbx_scattering_type             x-ray 
# 
loop_
_diffrn_radiation_wavelength.id 
_diffrn_radiation_wavelength.wavelength 
_diffrn_radiation_wavelength.wt 
1 1.2   1.0 
2 0.978 1.0 
# 
loop_
_diffrn_source.diffrn_id 
_diffrn_source.source 
_diffrn_source.type 
_diffrn_source.pdbx_wavelength 
_diffrn_source.pdbx_synchrotron_site 
_diffrn_source.pdbx_synchrotron_beamline 
_diffrn_source.pdbx_wavelength_list 
1 SYNCHROTRON 'NSLS BEAMLINE X12C' 1.2   NSLS X12C  ? 
2 SYNCHROTRON 'ALS BEAMLINE 5.0.2' 0.978 ALS  5.0.2 ? 
# 
_reflns.entry_id                     1F7L 
_reflns.observed_criterion_sigma_I   -3 
_reflns.observed_criterion_sigma_F   ? 
_reflns.d_resolution_low             100 
_reflns.d_resolution_high            1.5 
_reflns.number_obs                   64434 
_reflns.number_all                   17170 
_reflns.percent_possible_obs         99.9 
_reflns.pdbx_Rmerge_I_obs            0.0640000 
_reflns.pdbx_Rsym_value              ? 
_reflns.pdbx_netI_over_sigmaI        18.1 
_reflns.B_iso_Wilson_estimate        20.8 
_reflns.pdbx_redundancy              3.7 
_reflns.R_free_details               ? 
_reflns.limit_h_max                  ? 
_reflns.limit_h_min                  ? 
_reflns.limit_k_max                  ? 
_reflns.limit_k_min                  ? 
_reflns.limit_l_max                  ? 
_reflns.limit_l_min                  ? 
_reflns.observed_criterion_F_max     ? 
_reflns.observed_criterion_F_min     ? 
_reflns.pdbx_ordinal                 1 
_reflns.pdbx_diffrn_id               1 
# 
_reflns_shell.d_res_high             1.5 
_reflns_shell.d_res_low              1.53 
_reflns_shell.percent_possible_obs   ? 
_reflns_shell.percent_possible_all   98.9 
_reflns_shell.Rmerge_I_obs           0.3070000 
_reflns_shell.meanI_over_sigI_obs    ? 
_reflns_shell.pdbx_Rsym_value        ? 
_reflns_shell.pdbx_redundancy        2.8 
_reflns_shell.number_unique_all      834 
_reflns_shell.pdbx_ordinal           1 
_reflns_shell.pdbx_diffrn_id         1 
# 
_refine.entry_id                                 1F7L 
_refine.ls_number_reflns_obs                     16892 
_refine.ls_number_reflns_all                     17169 
_refine.pdbx_ls_sigma_I                          ? 
_refine.pdbx_ls_sigma_F                          0 
_refine.pdbx_data_cutoff_high_absF               ? 
_refine.pdbx_data_cutoff_low_absF                ? 
_refine.ls_d_res_low                             500 
_refine.ls_d_res_high                            1.5 
_refine.ls_percent_reflns_obs                    98.3 
_refine.ls_R_factor_obs                          0.1890000 
_refine.ls_R_factor_all                          0.1890000 
_refine.ls_R_factor_R_work                       0.1850000 
_refine.ls_R_factor_R_free                       0.2010000 
_refine.ls_R_factor_R_free_error                 ? 
_refine.ls_R_factor_R_free_error_details         ? 
_refine.ls_percent_reflns_R_free                 5 
_refine.ls_number_reflns_R_free                  817 
_refine.ls_number_parameters                     ? 
_refine.ls_number_restraints                     ? 
_refine.occupancy_min                            ? 
_refine.occupancy_max                            ? 
_refine.B_iso_mean                               ? 
_refine.aniso_B[1][1]                            ? 
_refine.aniso_B[2][2]                            ? 
_refine.aniso_B[3][3]                            ? 
_refine.aniso_B[1][2]                            ? 
_refine.aniso_B[1][3]                            ? 
_refine.aniso_B[2][3]                            ? 
_refine.solvent_model_details                    CNS 
_refine.solvent_model_param_ksol                 0.3428 
_refine.solvent_model_param_bsol                 54.416 
_refine.pdbx_ls_cross_valid_method               ? 
_refine.details                                  ? 
_refine.pdbx_starting_model                      'monomer from PDB 1F7T' 
_refine.pdbx_method_to_determine_struct          'MAD and molecular replacement' 
_refine.pdbx_isotropic_thermal_model             ? 
_refine.pdbx_stereochemistry_target_values       'Engh & Huber' 
_refine.pdbx_stereochem_target_val_spec_case     ? 
_refine.pdbx_R_Free_selection_details            Random 
_refine.pdbx_overall_ESU_R_Free                  ? 
_refine.overall_SU_B                             ? 
_refine.ls_redundancy_reflns_obs                 ? 
_refine.B_iso_min                                ? 
_refine.B_iso_max                                ? 
_refine.overall_SU_ML                            ? 
_refine.pdbx_overall_ESU_R                       ? 
_refine.pdbx_data_cutoff_high_rms_absF           ? 
_refine.correlation_coeff_Fo_to_Fc               ? 
_refine.correlation_coeff_Fo_to_Fc_free          ? 
_refine.overall_SU_R_Cruickshank_DPI             ? 
_refine.overall_SU_R_free                        ? 
_refine.pdbx_refine_id                           'X-RAY DIFFRACTION' 
_refine.pdbx_diffrn_id                           1 
_refine.pdbx_TLS_residual_ADP_flag               ? 
_refine.pdbx_solvent_vdw_probe_radii             ? 
_refine.pdbx_solvent_ion_probe_radii             ? 
_refine.pdbx_solvent_shrinkage_radii             ? 
_refine.pdbx_overall_phase_error                 ? 
_refine.pdbx_overall_SU_R_free_Cruickshank_DPI   ? 
_refine.pdbx_overall_SU_R_Blow_DPI               ? 
_refine.pdbx_overall_SU_R_free_Blow_DPI          ? 
# 
_refine_hist.pdbx_refine_id                   'X-RAY DIFFRACTION' 
_refine_hist.cycle_id                         LAST 
_refine_hist.pdbx_number_atoms_protein        923 
_refine_hist.pdbx_number_atoms_nucleic_acid   0 
_refine_hist.pdbx_number_atoms_ligand         51 
_refine_hist.number_atoms_solvent             98 
_refine_hist.number_atoms_total               1072 
_refine_hist.d_res_high                       1.5 
_refine_hist.d_res_low                        500 
# 
loop_
_refine_ls_restr.type 
_refine_ls_restr.dev_ideal 
_refine_ls_restr.dev_ideal_target 
_refine_ls_restr.weight 
_refine_ls_restr.number 
_refine_ls_restr.pdbx_refine_id 
_refine_ls_restr.pdbx_restraint_function 
c_bond_d    .008 ? ? ? 'X-RAY DIFFRACTION' ? 
c_angle_deg 1.3  ? ? ? 'X-RAY DIFFRACTION' ? 
# 
_struct.entry_id                  1F7L 
_struct.title                     'HOLO-(ACYL CARRIER PROTEIN) SYNTHASE IN COMPLEX WITH COENZYME A AT 1.5A' 
_struct.pdbx_model_details        ? 
_struct.pdbx_CASP_flag            ? 
_struct.pdbx_model_type_details   ? 
# 
_struct_keywords.entry_id        1F7L 
_struct_keywords.pdbx_keywords   TRANSFERASE 
_struct_keywords.text            '9-strand pseudo beta barrel protein, coa complex protein, coenzyme a complex, TRANSFERASE' 
# 
loop_
_struct_asym.id 
_struct_asym.pdbx_blank_PDB_chainid_flag 
_struct_asym.pdbx_modified 
_struct_asym.entity_id 
_struct_asym.details 
A N N 1 ? 
B N N 2 ? 
C N N 3 ? 
D N N 2 ? 
E N N 4 ? 
F N N 5 ? 
# 
_struct_biol.id                    1 
_struct_biol.details               
'The Biological assembly is a trimer constructed from chain ACPS and the symmetry operators (-y, x-y, z) and (-x+y, -x, z)' 
_struct_biol.pdbx_parent_biol_id   ? 
# 
loop_
_struct_conf.conf_type_id 
_struct_conf.id 
_struct_conf.pdbx_PDB_helix_id 
_struct_conf.beg_label_comp_id 
_struct_conf.beg_label_asym_id 
_struct_conf.beg_label_seq_id 
_struct_conf.pdbx_beg_PDB_ins_code 
_struct_conf.end_label_comp_id 
_struct_conf.end_label_asym_id 
_struct_conf.end_label_seq_id 
_struct_conf.pdbx_end_PDB_ins_code 
_struct_conf.beg_auth_comp_id 
_struct_conf.beg_auth_asym_id 
_struct_conf.beg_auth_seq_id 
_struct_conf.end_auth_comp_id 
_struct_conf.end_auth_asym_id 
_struct_conf.end_auth_seq_id 
_struct_conf.pdbx_PDB_helix_class 
_struct_conf.details 
_struct_conf.pdbx_PDB_helix_length 
HELX_P HELX_P1 1 LEU A 12 ? GLN A 22 ? LEU A 12 GLN A 22 1 ? 11 
HELX_P HELX_P2 2 ARG A 24 ? LEU A 30 ? ARG A 24 LEU A 30 1 ? 7  
HELX_P HELX_P3 3 THR A 31 ? TYR A 39 ? THR A 31 TYR A 39 1 ? 9  
HELX_P HELX_P4 4 SER A 42 ? PHE A 64 ? SER A 42 PHE A 64 1 ? 23 
HELX_P HELX_P5 5 SER A 73 ? ILE A 77 ? SER A 73 ILE A 77 5 ? 5  
# 
_struct_conf_type.id          HELX_P 
_struct_conf_type.criteria    ? 
_struct_conf_type.reference   ? 
# 
loop_
_struct_conn.id 
_struct_conn.conn_type_id 
_struct_conn.pdbx_leaving_atom_flag 
_struct_conn.pdbx_PDB_id 
_struct_conn.ptnr1_label_asym_id 
_struct_conn.ptnr1_label_comp_id 
_struct_conn.ptnr1_label_seq_id 
_struct_conn.ptnr1_label_atom_id 
_struct_conn.pdbx_ptnr1_label_alt_id 
_struct_conn.pdbx_ptnr1_PDB_ins_code 
_struct_conn.pdbx_ptnr1_standard_comp_id 
_struct_conn.ptnr1_symmetry 
_struct_conn.ptnr2_label_asym_id 
_struct_conn.ptnr2_label_comp_id 
_struct_conn.ptnr2_label_seq_id 
_struct_conn.ptnr2_label_atom_id 
_struct_conn.pdbx_ptnr2_label_alt_id 
_struct_conn.pdbx_ptnr2_PDB_ins_code 
_struct_conn.ptnr1_auth_asym_id 
_struct_conn.ptnr1_auth_comp_id 
_struct_conn.ptnr1_auth_seq_id 
_struct_conn.ptnr2_auth_asym_id 
_struct_conn.ptnr2_auth_comp_id 
_struct_conn.ptnr2_auth_seq_id 
_struct_conn.ptnr2_symmetry 
_struct_conn.pdbx_ptnr3_label_atom_id 
_struct_conn.pdbx_ptnr3_label_seq_id 
_struct_conn.pdbx_ptnr3_label_comp_id 
_struct_conn.pdbx_ptnr3_label_asym_id 
_struct_conn.pdbx_ptnr3_label_alt_id 
_struct_conn.pdbx_ptnr3_PDB_ins_code 
_struct_conn.details 
_struct_conn.pdbx_dist_value 
_struct_conn.pdbx_value_order 
_struct_conn.pdbx_role 
metalc1  metalc ? ? A ASP 8   OD1 ? ? ? 1_555 B CA  . CA  ? ? A ASP 8   A CA  130 1_555 ? ? ? ? ? ? ? 2.766 ? ? 
metalc2  metalc ? ? A ASP 8   OD2 ? ? ? 1_555 B CA  . CA  ? ? A ASP 8   A CA  130 1_555 ? ? ? ? ? ? ? 2.299 ? ? 
metalc3  metalc ? ? A GLU 58  OE1 ? ? ? 1_555 B CA  . CA  ? ? A GLU 58  A CA  130 1_555 ? ? ? ? ? ? ? 2.379 ? ? 
metalc4  metalc ? ? A GLU 108 OE2 ? ? ? 1_555 D CA  . CA  ? ? A GLU 108 A CA  132 1_555 ? ? ? ? ? ? ? 2.459 ? ? 
metalc5  metalc ? ? A GLU 108 OE1 ? ? ? 1_555 D CA  . CA  ? ? A GLU 108 A CA  132 1_555 ? ? ? ? ? ? ? 2.686 ? ? 
metalc6  metalc ? ? A GLU 108 OE1 ? ? ? 2_555 D CA  . CA  ? ? A GLU 108 A CA  132 1_555 ? ? ? ? ? ? ? 2.686 ? ? 
metalc7  metalc ? ? A GLU 108 OE2 ? ? ? 3_555 D CA  . CA  ? ? A GLU 108 A CA  132 1_555 ? ? ? ? ? ? ? 2.459 ? ? 
metalc8  metalc ? ? A GLU 108 OE1 ? ? ? 3_555 D CA  . CA  ? ? A GLU 108 A CA  132 1_555 ? ? ? ? ? ? ? 2.686 ? ? 
metalc9  metalc ? ? A GLU 108 OE2 ? ? ? 2_555 D CA  . CA  ? ? A GLU 108 A CA  132 1_555 ? ? ? ? ? ? ? 2.459 ? ? 
metalc10 metalc ? ? B CA  .   CA  ? ? ? 1_555 E COA . O2A ? ? A CA  130 A COA 133 3_555 ? ? ? ? ? ? ? 2.339 ? ? 
metalc11 metalc ? ? B CA  .   CA  ? ? ? 1_555 F HOH . O   ? ? A CA  130 A HOH 135 1_555 ? ? ? ? ? ? ? 2.476 ? ? 
metalc12 metalc ? ? B CA  .   CA  ? ? ? 1_555 F HOH . O   ? ? A CA  130 A HOH 137 1_555 ? ? ? ? ? ? ? 2.447 ? ? 
metalc13 metalc ? ? B CA  .   CA  ? ? ? 1_555 F HOH . O   ? ? A CA  130 A HOH 143 1_555 ? ? ? ? ? ? ? 2.485 ? ? 
metalc14 metalc ? ? D CA  .   CA  ? ? ? 1_555 F HOH . O   ? ? A CA  132 A HOH 154 1_555 ? ? ? ? ? ? ? 2.413 ? ? 
metalc15 metalc ? ? D CA  .   CA  ? ? ? 1_555 F HOH . O   ? ? A CA  132 A HOH 154 2_555 ? ? ? ? ? ? ? 2.413 ? ? 
metalc16 metalc ? ? D CA  .   CA  ? ? ? 1_555 F HOH . O   ? ? A CA  132 A HOH 154 3_555 ? ? ? ? ? ? ? 2.413 ? ? 
# 
_struct_conn_type.id          metalc 
_struct_conn_type.criteria    ? 
_struct_conn_type.reference   ? 
# 
_struct_sheet.id               A 
_struct_sheet.type             ? 
_struct_sheet.number_strands   5 
_struct_sheet.details          ? 
# 
loop_
_struct_sheet_order.sheet_id 
_struct_sheet_order.range_id_1 
_struct_sheet_order.range_id_2 
_struct_sheet_order.offset 
_struct_sheet_order.sense 
A 1 2 ? anti-parallel 
A 2 3 ? anti-parallel 
A 3 4 ? anti-parallel 
A 4 5 ? anti-parallel 
# 
loop_
_struct_sheet_range.sheet_id 
_struct_sheet_range.id 
_struct_sheet_range.beg_label_comp_id 
_struct_sheet_range.beg_label_asym_id 
_struct_sheet_range.beg_label_seq_id 
_struct_sheet_range.pdbx_beg_PDB_ins_code 
_struct_sheet_range.end_label_comp_id 
_struct_sheet_range.end_label_asym_id 
_struct_sheet_range.end_label_seq_id 
_struct_sheet_range.pdbx_end_PDB_ins_code 
_struct_sheet_range.beg_auth_comp_id 
_struct_sheet_range.beg_auth_asym_id 
_struct_sheet_range.beg_auth_seq_id 
_struct_sheet_range.end_auth_comp_id 
_struct_sheet_range.end_auth_asym_id 
_struct_sheet_range.end_auth_seq_id 
A 1 ILE A 2   ? GLU A 11  ? ILE A 2   GLU A 11  
A 2 TYR A 109 ? GLU A 117 ? TYR A 109 GLU A 117 
A 3 SER A 95  ? HIS A 105 ? SER A 95  HIS A 105 
A 4 PRO A 87  ? CYS A 91  ? PRO A 87  CYS A 91  
A 5 GLU A 78  ? LYS A 81  ? GLU A 78  LYS A 81  
# 
loop_
_pdbx_struct_sheet_hbond.sheet_id 
_pdbx_struct_sheet_hbond.range_id_1 
_pdbx_struct_sheet_hbond.range_id_2 
_pdbx_struct_sheet_hbond.range_1_label_atom_id 
_pdbx_struct_sheet_hbond.range_1_label_comp_id 
_pdbx_struct_sheet_hbond.range_1_label_asym_id 
_pdbx_struct_sheet_hbond.range_1_label_seq_id 
_pdbx_struct_sheet_hbond.range_1_PDB_ins_code 
_pdbx_struct_sheet_hbond.range_1_auth_atom_id 
_pdbx_struct_sheet_hbond.range_1_auth_comp_id 
_pdbx_struct_sheet_hbond.range_1_auth_asym_id 
_pdbx_struct_sheet_hbond.range_1_auth_seq_id 
_pdbx_struct_sheet_hbond.range_2_label_atom_id 
_pdbx_struct_sheet_hbond.range_2_label_comp_id 
_pdbx_struct_sheet_hbond.range_2_label_asym_id 
_pdbx_struct_sheet_hbond.range_2_label_seq_id 
_pdbx_struct_sheet_hbond.range_2_PDB_ins_code 
_pdbx_struct_sheet_hbond.range_2_auth_atom_id 
_pdbx_struct_sheet_hbond.range_2_auth_comp_id 
_pdbx_struct_sheet_hbond.range_2_auth_asym_id 
_pdbx_struct_sheet_hbond.range_2_auth_seq_id 
A 1 2 N THR A 10  ? N THR A 10  O ALA A 110 ? O ALA A 110 
A 2 3 N VAL A 115 ? N VAL A 115 O HIS A 100 ? O HIS A 100 
A 3 4 N VAL A 101 ? N VAL A 101 O PRO A 87  ? O PRO A 87  
A 4 5 N ILE A 90  ? N ILE A 90  O GLU A 78  ? O GLU A 78  
# 
loop_
_struct_site.id 
_struct_site.pdbx_evidence_code 
_struct_site.pdbx_auth_asym_id 
_struct_site.pdbx_auth_comp_id 
_struct_site.pdbx_auth_seq_id 
_struct_site.pdbx_auth_ins_code 
_struct_site.pdbx_num_residues 
_struct_site.details 
AC1 Software A CA  130 ? 6  'BINDING SITE FOR RESIDUE CA A 130'  
AC2 Software A CL  131 ? 4  'BINDING SITE FOR RESIDUE CL A 131'  
AC3 Software A CA  132 ? 6  'BINDING SITE FOR RESIDUE CA A 132'  
AC4 Software A COA 133 ? 31 'BINDING SITE FOR RESIDUE COA A 133' 
# 
loop_
_struct_site_gen.id 
_struct_site_gen.site_id 
_struct_site_gen.pdbx_num_res 
_struct_site_gen.label_comp_id 
_struct_site_gen.label_asym_id 
_struct_site_gen.label_seq_id 
_struct_site_gen.pdbx_auth_ins_code 
_struct_site_gen.auth_comp_id 
_struct_site_gen.auth_asym_id 
_struct_site_gen.auth_seq_id 
_struct_site_gen.label_atom_id 
_struct_site_gen.label_alt_id 
_struct_site_gen.symmetry 
_struct_site_gen.details 
1  AC1 6  ASP A 8   ? ASP A 8   . ? 1_555 ? 
2  AC1 6  GLU A 58  ? GLU A 58  . ? 1_555 ? 
3  AC1 6  COA E .   ? COA A 133 . ? 3_555 ? 
4  AC1 6  HOH F .   ? HOH A 135 . ? 1_555 ? 
5  AC1 6  HOH F .   ? HOH A 137 . ? 1_555 ? 
6  AC1 6  HOH F .   ? HOH A 143 . ? 1_555 ? 
7  AC2 4  GLU A 11  ? GLU A 11  . ? 1_555 ? 
8  AC2 4  ARG A 14  ? ARG A 14  . ? 1_555 ? 
9  AC2 4  HOH F .   ? HOH A 143 . ? 1_555 ? 
10 AC2 4  HOH F .   ? HOH A 203 . ? 3_555 ? 
11 AC3 6  GLU A 108 ? GLU A 108 . ? 2_555 ? 
12 AC3 6  GLU A 108 ? GLU A 108 . ? 1_555 ? 
13 AC3 6  GLU A 108 ? GLU A 108 . ? 3_555 ? 
14 AC3 6  HOH F .   ? HOH A 154 . ? 1_555 ? 
15 AC3 6  HOH F .   ? HOH A 154 . ? 3_555 ? 
16 AC3 6  HOH F .   ? HOH A 154 . ? 2_555 ? 
17 AC4 31 ASP A 8   ? ASP A 8   . ? 2_555 ? 
18 AC4 31 PHE A 25  ? PHE A 25  . ? 2_555 ? 
19 AC4 31 ARG A 28  ? ARG A 28  . ? 2_555 ? 
20 AC4 31 ILE A 29  ? ILE A 29  . ? 2_555 ? 
21 AC4 31 ARG A 53  ? ARG A 53  . ? 1_555 ? 
22 AC4 31 GLU A 58  ? GLU A 58  . ? 2_555 ? 
23 AC4 31 SER A 61  ? SER A 61  . ? 2_555 ? 
24 AC4 31 LYS A 62  ? LYS A 62  . ? 2_555 ? 
25 AC4 31 GLY A 65  ? GLY A 65  . ? 2_555 ? 
26 AC4 31 THR A 66  ? THR A 66  . ? 2_555 ? 
27 AC4 31 GLY A 67  ? GLY A 67  . ? 2_555 ? 
28 AC4 31 ILE A 68  ? ILE A 68  . ? 2_555 ? 
29 AC4 31 ASN A 84  ? ASN A 84  . ? 1_555 ? 
30 AC4 31 GLY A 85  ? GLY A 85  . ? 1_555 ? 
31 AC4 31 LYS A 86  ? LYS A 86  . ? 1_555 ? 
32 AC4 31 PRO A 87  ? PRO A 87  . ? 1_555 ? 
33 AC4 31 ILE A 103 ? ILE A 103 . ? 1_555 ? 
34 AC4 31 THR A 104 ? THR A 104 . ? 1_555 ? 
35 AC4 31 HIS A 105 ? HIS A 105 . ? 1_555 ? 
36 AC4 31 CA  B .   ? CA  A 130 . ? 2_555 ? 
37 AC4 31 HOH F .   ? HOH A 135 . ? 2_555 ? 
38 AC4 31 HOH F .   ? HOH A 137 . ? 2_555 ? 
39 AC4 31 HOH F .   ? HOH A 140 . ? 1_555 ? 
40 AC4 31 HOH F .   ? HOH A 145 . ? 2_555 ? 
41 AC4 31 HOH F .   ? HOH A 146 . ? 1_555 ? 
42 AC4 31 HOH F .   ? HOH A 166 . ? 1_555 ? 
43 AC4 31 HOH F .   ? HOH A 173 . ? 1_555 ? 
44 AC4 31 HOH F .   ? HOH A 176 . ? 1_555 ? 
45 AC4 31 HOH F .   ? HOH A 178 . ? 1_555 ? 
46 AC4 31 HOH F .   ? HOH A 179 . ? 1_555 ? 
47 AC4 31 HOH F .   ? HOH A 192 . ? 1_555 ? 
# 
_atom_sites.entry_id                    1F7L 
_atom_sites.fract_transf_matrix[1][1]   -0.00360958 
_atom_sites.fract_transf_matrix[1][2]   0.00648130 
_atom_sites.fract_transf_matrix[1][3]   -0.01931032 
_atom_sites.fract_transf_matrix[2][1]   -0.01943959 
_atom_sites.fract_transf_matrix[2][2]   0.00265085 
_atom_sites.fract_transf_matrix[2][3]   -0.00655636 
_atom_sites.fract_transf_matrix[3][1]   0.00025424 
_atom_sites.fract_transf_matrix[3][2]   0.01028422 
_atom_sites.fract_transf_matrix[3][3]   0.00340426 
_atom_sites.fract_transf_vector[1]      0.153939 
_atom_sites.fract_transf_vector[2]      0.302610 
_atom_sites.fract_transf_vector[3]      0.540389 
# 
loop_
_atom_type.symbol 
C  
CA 
CL 
N  
O  
P  
S  
# 
loop_
_atom_site.group_PDB 
_atom_site.id 
_atom_site.type_symbol 
_atom_site.label_atom_id 
_atom_site.label_alt_id 
_atom_site.label_comp_id 
_atom_site.label_asym_id 
_atom_site.label_entity_id 
_atom_site.label_seq_id 
_atom_site.pdbx_PDB_ins_code 
_atom_site.Cartn_x 
_atom_site.Cartn_y 
_atom_site.Cartn_z 
_atom_site.occupancy 
_atom_site.B_iso_or_equiv 
_atom_site.pdbx_formal_charge 
_atom_site.auth_seq_id 
_atom_site.auth_comp_id 
_atom_site.auth_asym_id 
_atom_site.auth_atom_id 
_atom_site.pdbx_PDB_model_num 
ATOM   1    N  N   . GLY A 1 1   ? 11.719  -20.062 -5.238  1.00 25.97 ? 1   GLY A N   1 
ATOM   2    C  CA  . GLY A 1 1   ? 12.670  -18.934 -5.010  1.00 24.19 ? 1   GLY A CA  1 
ATOM   3    C  C   . GLY A 1 1   ? 11.966  -17.595 -4.880  1.00 23.54 ? 1   GLY A C   1 
ATOM   4    O  O   . GLY A 1 1   ? 10.772  -17.533 -4.584  1.00 24.07 ? 1   GLY A O   1 
ATOM   5    N  N   . ILE A 1 2   ? 12.706  -16.520 -5.110  1.00 21.88 ? 2   ILE A N   1 
ATOM   6    C  CA  . ILE A 1 2   ? 12.144  -15.176 -5.001  1.00 20.22 ? 2   ILE A CA  1 
ATOM   7    C  C   . ILE A 1 2   ? 12.022  -14.514 -6.368  1.00 19.58 ? 2   ILE A C   1 
ATOM   8    O  O   . ILE A 1 2   ? 12.992  -14.448 -7.127  1.00 19.75 ? 2   ILE A O   1 
ATOM   9    C  CB  . ILE A 1 2   ? 13.016  -14.294 -4.075  1.00 19.41 ? 2   ILE A CB  1 
ATOM   10   C  CG1 . ILE A 1 2   ? 12.915  -14.810 -2.634  1.00 19.13 ? 2   ILE A CG1 1 
ATOM   11   C  CG2 . ILE A 1 2   ? 12.578  -12.830 -4.167  1.00 18.46 ? 2   ILE A CG2 1 
ATOM   12   C  CD1 . ILE A 1 2   ? 13.887  -14.143 -1.665  1.00 20.56 ? 2   ILE A CD1 1 
ATOM   13   N  N   . TYR A 1 3   ? 10.820  -14.035 -6.683  1.00 18.83 ? 3   TYR A N   1 
ATOM   14   C  CA  . TYR A 1 3   ? 10.581  -13.359 -7.948  1.00 18.94 ? 3   TYR A CA  1 
ATOM   15   C  C   . TYR A 1 3   ? 11.103  -11.922 -7.880  1.00 17.87 ? 3   TYR A C   1 
ATOM   16   O  O   . TYR A 1 3   ? 11.702  -11.425 -8.836  1.00 18.51 ? 3   TYR A O   1 
ATOM   17   C  CB  . TYR A 1 3   ? 9.086   -13.352 -8.281  1.00 21.16 ? 3   TYR A CB  1 
ATOM   18   C  CG  . TYR A 1 3   ? 8.762   -12.612 -9.558  1.00 23.30 ? 3   TYR A CG  1 
ATOM   19   C  CD1 . TYR A 1 3   ? 9.163   -13.113 -10.801 1.00 24.81 ? 3   TYR A CD1 1 
ATOM   20   C  CD2 . TYR A 1 3   ? 8.073   -11.401 -9.527  1.00 24.18 ? 3   TYR A CD2 1 
ATOM   21   C  CE1 . TYR A 1 3   ? 8.884   -12.421 -11.983 1.00 25.94 ? 3   TYR A CE1 1 
ATOM   22   C  CE2 . TYR A 1 3   ? 7.788   -10.702 -10.698 1.00 25.63 ? 3   TYR A CE2 1 
ATOM   23   C  CZ  . TYR A 1 3   ? 8.197   -11.216 -11.922 1.00 26.92 ? 3   TYR A CZ  1 
ATOM   24   O  OH  . TYR A 1 3   ? 7.928   -10.514 -13.073 1.00 28.98 ? 3   TYR A OH  1 
ATOM   25   N  N   . GLY A 1 4   ? 10.874  -11.253 -6.749  1.00 16.17 ? 4   GLY A N   1 
ATOM   26   C  CA  . GLY A 1 4   ? 11.352  -9.885  -6.609  1.00 13.94 ? 4   GLY A CA  1 
ATOM   27   C  C   . GLY A 1 4   ? 11.119  -9.306  -5.225  1.00 13.19 ? 4   GLY A C   1 
ATOM   28   O  O   . GLY A 1 4   ? 10.308  -9.826  -4.452  1.00 13.25 ? 4   GLY A O   1 
ATOM   29   N  N   . ILE A 1 5   ? 11.845  -8.229  -4.915  1.00 12.43 ? 5   ILE A N   1 
ATOM   30   C  CA  . ILE A 1 5   ? 11.694  -7.548  -3.627  1.00 11.10 ? 5   ILE A CA  1 
ATOM   31   C  C   . ILE A 1 5   ? 11.481  -6.053  -3.880  1.00 10.72 ? 5   ILE A C   1 
ATOM   32   O  O   . ILE A 1 5   ? 11.841  -5.532  -4.939  1.00 11.21 ? 5   ILE A O   1 
ATOM   33   C  CB  . ILE A 1 5   ? 12.935  -7.765  -2.675  1.00 11.22 ? 5   ILE A CB  1 
ATOM   34   C  CG1 . ILE A 1 5   ? 14.146  -6.949  -3.144  1.00 11.21 ? 5   ILE A CG1 1 
ATOM   35   C  CG2 . ILE A 1 5   ? 13.271  -9.265  -2.596  1.00 12.21 ? 5   ILE A CG2 1 
ATOM   36   C  CD1 . ILE A 1 5   ? 15.362  -7.062  -2.217  1.00 12.31 ? 5   ILE A CD1 1 
ATOM   37   N  N   . GLY A 1 6   ? 10.872  -5.377  -2.908  1.00 10.20 ? 6   GLY A N   1 
ATOM   38   C  CA  . GLY A 1 6   ? 10.622  -3.953  -3.034  1.00 9.68  ? 6   GLY A CA  1 
ATOM   39   C  C   . GLY A 1 6   ? 10.626  -3.251  -1.690  1.00 10.17 ? 6   GLY A C   1 
ATOM   40   O  O   . GLY A 1 6   ? 10.195  -3.827  -0.688  1.00 9.96  ? 6   GLY A O   1 
ATOM   41   N  N   . LEU A 1 7   ? 11.113  -2.009  -1.676  1.00 9.09  ? 7   LEU A N   1 
ATOM   42   C  CA  . LEU A 1 7   ? 11.184  -1.198  -0.455  1.00 9.72  ? 7   LEU A CA  1 
ATOM   43   C  C   . LEU A 1 7   ? 10.734  0.241   -0.729  1.00 10.28 ? 7   LEU A C   1 
ATOM   44   O  O   . LEU A 1 7   ? 11.026  0.794   -1.791  1.00 10.25 ? 7   LEU A O   1 
ATOM   45   C  CB  . LEU A 1 7   ? 12.631  -1.169  0.068   1.00 10.10 ? 7   LEU A CB  1 
ATOM   46   C  CG  . LEU A 1 7   ? 12.955  -0.314  1.304   1.00 9.72  ? 7   LEU A CG  1 
ATOM   47   C  CD1 . LEU A 1 7   ? 12.385  -0.972  2.545   1.00 12.07 ? 7   LEU A CD1 1 
ATOM   48   C  CD2 . LEU A 1 7   ? 14.469  -0.169  1.444   1.00 10.42 ? 7   LEU A CD2 1 
ATOM   49   N  N   . ASP A 1 8   ? 10.016  0.845   0.219   1.00 9.98  ? 8   ASP A N   1 
ATOM   50   C  CA  . ASP A 1 8   ? 9.608   2.234   0.048   1.00 9.91  ? 8   ASP A CA  1 
ATOM   51   C  C   . ASP A 1 8   ? 9.430   2.970   1.364   1.00 9.65  ? 8   ASP A C   1 
ATOM   52   O  O   . ASP A 1 8   ? 8.913   2.412   2.334   1.00 10.65 ? 8   ASP A O   1 
ATOM   53   C  CB  . ASP A 1 8   ? 8.301   2.335   -0.751  1.00 9.85  ? 8   ASP A CB  1 
ATOM   54   C  CG  . ASP A 1 8   ? 8.143   3.689   -1.382  1.00 11.38 ? 8   ASP A CG  1 
ATOM   55   O  OD1 . ASP A 1 8   ? 7.453   4.551   -0.809  1.00 12.14 ? 8   ASP A OD1 1 
ATOM   56   O  OD2 . ASP A 1 8   ? 8.757   3.893   -2.441  1.00 13.58 ? 8   ASP A OD2 1 
ATOM   57   N  N   . ILE A 1 9   ? 9.875   4.225   1.399   1.00 9.53  ? 9   ILE A N   1 
ATOM   58   C  CA  . ILE A 1 9   ? 9.708   5.068   2.591   1.00 9.56  ? 9   ILE A CA  1 
ATOM   59   C  C   . ILE A 1 9   ? 8.952   6.301   2.091   1.00 9.80  ? 9   ILE A C   1 
ATOM   60   O  O   . ILE A 1 9   ? 9.482   7.096   1.330   1.00 9.76  ? 9   ILE A O   1 
ATOM   61   C  CB  . ILE A 1 9   ? 11.070  5.481   3.203   1.00 9.26  ? 9   ILE A CB  1 
ATOM   62   C  CG1 . ILE A 1 9   ? 11.835  4.247   3.693   1.00 9.47  ? 9   ILE A CG1 1 
ATOM   63   C  CG2 . ILE A 1 9   ? 10.830  6.432   4.371   1.00 10.57 ? 9   ILE A CG2 1 
ATOM   64   C  CD1 . ILE A 1 9   ? 13.252  4.546   4.202   1.00 10.23 ? 9   ILE A CD1 1 
ATOM   65   N  N   . THR A 1 10  ? 7.697   6.429   2.512   1.00 9.46  ? 10  THR A N   1 
ATOM   66   C  CA  . THR A 1 10  ? 6.815   7.517   2.086   1.00 10.38 ? 10  THR A CA  1 
ATOM   67   C  C   . THR A 1 10  ? 6.693   8.640   3.133   1.00 10.55 ? 10  THR A C   1 
ATOM   68   O  O   . THR A 1 10  ? 6.616   8.376   4.334   1.00 10.38 ? 10  THR A O   1 
ATOM   69   C  CB  . THR A 1 10  ? 5.418   6.898   1.735   1.00 10.26 ? 10  THR A CB  1 
ATOM   70   O  OG1 . THR A 1 10  ? 5.536   6.147   0.519   1.00 11.15 ? 10  THR A OG1 1 
ATOM   71   C  CG2 . THR A 1 10  ? 4.337   7.967   1.555   1.00 11.35 ? 10  THR A CG2 1 
ATOM   72   N  N   . GLU A 1 11  ? 6.684   9.889   2.655   1.00 10.75 ? 11  GLU A N   1 
ATOM   73   C  CA  . GLU A 1 11  ? 6.597   11.096  3.495   1.00 11.46 ? 11  GLU A CA  1 
ATOM   74   C  C   . GLU A 1 11  ? 5.153   11.429  3.907   1.00 11.12 ? 11  GLU A C   1 
ATOM   75   O  O   . GLU A 1 11  ? 4.315   11.703  3.053   1.00 11.41 ? 11  GLU A O   1 
ATOM   76   C  CB  . GLU A 1 11  ? 7.193   12.279  2.711   1.00 11.49 ? 11  GLU A CB  1 
ATOM   77   C  CG  . GLU A 1 11  ? 7.281   13.611  3.457   1.00 14.01 ? 11  GLU A CG  1 
ATOM   78   C  CD  . GLU A 1 11  ? 8.531   13.724  4.308   1.00 16.01 ? 11  GLU A CD  1 
ATOM   79   O  OE1 . GLU A 1 11  ? 9.559   13.132  3.925   1.00 17.38 ? 11  GLU A OE1 1 
ATOM   80   O  OE2 . GLU A 1 11  ? 8.490   14.424  5.338   1.00 18.05 ? 11  GLU A OE2 1 
ATOM   81   N  N   . LEU A 1 12  ? 4.868   11.408  5.208   1.00 11.46 ? 12  LEU A N   1 
ATOM   82   C  CA  . LEU A 1 12  ? 3.509   11.703  5.693   1.00 12.27 ? 12  LEU A CA  1 
ATOM   83   C  C   . LEU A 1 12  ? 2.993   13.052  5.206   1.00 12.67 ? 12  LEU A C   1 
ATOM   84   O  O   . LEU A 1 12  ? 1.840   13.165  4.798   1.00 12.56 ? 12  LEU A O   1 
ATOM   85   C  CB  . LEU A 1 12  ? 3.459   11.677  7.232   1.00 12.68 ? 12  LEU A CB  1 
ATOM   86   C  CG  . LEU A 1 12  ? 3.593   10.315  7.925   1.00 13.69 ? 12  LEU A CG  1 
ATOM   87   C  CD1 . LEU A 1 12  ? 3.561   10.537  9.435   1.00 13.86 ? 12  LEU A CD1 1 
ATOM   88   C  CD2 . LEU A 1 12  ? 2.457   9.373   7.511   1.00 14.80 ? 12  LEU A CD2 1 
ATOM   89   N  N   . LYS A 1 13  ? 3.847   14.071  5.233   1.00 13.19 ? 13  LYS A N   1 
ATOM   90   C  CA  . LYS A 1 13  ? 3.437   15.411  4.802   1.00 14.09 ? 13  LYS A CA  1 
ATOM   91   C  C   . LYS A 1 13  ? 3.049   15.487  3.329   1.00 13.56 ? 13  LYS A C   1 
ATOM   92   O  O   . LYS A 1 13  ? 2.170   16.274  2.957   1.00 13.25 ? 13  LYS A O   1 
ATOM   93   C  CB  . LYS A 1 13  ? 4.546   16.429  5.082   1.00 15.99 ? 13  LYS A CB  1 
ATOM   94   C  CG  . LYS A 1 13  ? 4.666   16.843  6.532   1.00 20.36 ? 13  LYS A CG  1 
ATOM   95   C  CD  . LYS A 1 13  ? 5.609   18.022  6.657   1.00 23.47 ? 13  LYS A CD  1 
ATOM   96   C  CE  . LYS A 1 13  ? 5.497   18.697  8.013   1.00 25.28 ? 13  LYS A CE  1 
ATOM   97   N  NZ  . LYS A 1 13  ? 6.324   19.942  8.049   1.00 26.94 ? 13  LYS A NZ  1 
ATOM   98   N  N   . ARG A 1 14  ? 3.713   14.704  2.483   1.00 12.75 ? 14  ARG A N   1 
ATOM   99   C  CA  . ARG A 1 14  ? 3.371   14.700  1.060   1.00 13.17 ? 14  ARG A CA  1 
ATOM   100  C  C   . ARG A 1 14  ? 1.982   14.076  0.865   1.00 13.10 ? 14  ARG A C   1 
ATOM   101  O  O   . ARG A 1 14  ? 1.155   14.607  0.121   1.00 13.21 ? 14  ARG A O   1 
ATOM   102  C  CB  . ARG A 1 14  ? 4.421   13.926  0.253   1.00 14.59 ? 14  ARG A CB  1 
ATOM   103  C  CG  . ARG A 1 14  ? 4.091   13.780  -1.218  1.00 17.45 ? 14  ARG A CG  1 
ATOM   104  C  CD  . ARG A 1 14  ? 5.276   13.250  -2.025  1.00 21.04 ? 14  ARG A CD  1 
ATOM   105  N  NE  . ARG A 1 14  ? 4.905   13.006  -3.420  1.00 23.74 ? 14  ARG A NE  1 
ATOM   106  C  CZ  . ARG A 1 14  ? 4.712   11.802  -3.954  1.00 25.19 ? 14  ARG A CZ  1 
ATOM   107  N  NH1 . ARG A 1 14  ? 4.864   10.707  -3.219  1.00 25.79 ? 14  ARG A NH1 1 
ATOM   108  N  NH2 . ARG A 1 14  ? 4.344   11.691  -5.227  1.00 25.80 ? 14  ARG A NH2 1 
ATOM   109  N  N   . ILE A 1 15  ? 1.728   12.948  1.524   1.00 11.73 ? 15  ILE A N   1 
ATOM   110  C  CA  . ILE A 1 15  ? 0.431   12.288  1.421   1.00 12.13 ? 15  ILE A CA  1 
ATOM   111  C  C   . ILE A 1 15  ? -0.690  13.207  1.935   1.00 12.43 ? 15  ILE A C   1 
ATOM   112  O  O   . ILE A 1 15  ? -1.772  13.272  1.338   1.00 13.17 ? 15  ILE A O   1 
ATOM   113  C  CB  . ILE A 1 15  ? 0.433   10.948  2.210   1.00 12.16 ? 15  ILE A CB  1 
ATOM   114  C  CG1 . ILE A 1 15  ? 1.443   9.982   1.583   1.00 13.13 ? 15  ILE A CG1 1 
ATOM   115  C  CG2 . ILE A 1 15  ? -0.954  10.307  2.197   1.00 13.81 ? 15  ILE A CG2 1 
ATOM   116  C  CD1 . ILE A 1 15  ? 1.153   9.603   0.126   1.00 15.37 ? 15  ILE A CD1 1 
ATOM   117  N  N   . ALA A 1 16  ? -0.434  13.916  3.031   1.00 12.31 ? 16  ALA A N   1 
ATOM   118  C  CA  . ALA A 1 16  ? -1.436  14.829  3.591   1.00 13.48 ? 16  ALA A CA  1 
ATOM   119  C  C   . ALA A 1 16  ? -1.715  15.971  2.622   1.00 13.84 ? 16  ALA A C   1 
ATOM   120  O  O   . ALA A 1 16  ? -2.856  16.414  2.478   1.00 14.13 ? 16  ALA A O   1 
ATOM   121  C  CB  . ALA A 1 16  ? -0.958  15.387  4.932   1.00 13.26 ? 16  ALA A CB  1 
ATOM   122  N  N   . SER A 1 17  ? -0.675  16.458  1.957   1.00 13.89 ? 17  SER A N   1 
ATOM   123  C  CA  . SER A 1 17  ? -0.847  17.539  0.998   1.00 14.78 ? 17  SER A CA  1 
ATOM   124  C  C   . SER A 1 17  ? -1.656  17.076  -0.211  1.00 15.57 ? 17  SER A C   1 
ATOM   125  O  O   . SER A 1 17  ? -2.566  17.782  -0.661  1.00 16.23 ? 17  SER A O   1 
ATOM   126  C  CB  . SER A 1 17  ? 0.514   18.068  0.538   1.00 14.52 ? 17  SER A CB  1 
ATOM   127  O  OG  . SER A 1 17  ? 0.356   19.091  -0.434  1.00 15.33 ? 17  SER A OG  1 
ATOM   128  N  N   . MET A 1 18  ? -1.341  15.900  -0.746  1.00 15.86 ? 18  MET A N   1 
ATOM   129  C  CA  . MET A 1 18  ? -2.093  15.421  -1.896  1.00 17.36 ? 18  MET A CA  1 
ATOM   130  C  C   . MET A 1 18  ? -3.560  15.194  -1.535  1.00 18.05 ? 18  MET A C   1 
ATOM   131  O  O   . MET A 1 18  ? -4.454  15.476  -2.334  1.00 17.78 ? 18  MET A O   1 
ATOM   132  C  CB  . MET A 1 18  ? -1.460  14.148  -2.458  1.00 18.79 ? 18  MET A CB  1 
ATOM   133  C  CG  . MET A 1 18  ? -0.080  14.399  -3.040  1.00 21.58 ? 18  MET A CG  1 
ATOM   134  S  SD  . MET A 1 18  ? 0.599   12.979  -3.891  1.00 27.23 ? 18  MET A SD  1 
ATOM   135  C  CE  . MET A 1 18  ? 1.234   12.067  -2.549  1.00 24.77 ? 18  MET A CE  1 
ATOM   136  N  N   . ALA A 1 19  ? -3.813  14.708  -0.326  1.00 17.79 ? 19  ALA A N   1 
ATOM   137  C  CA  . ALA A 1 19  ? -5.186  14.471  0.116   1.00 19.33 ? 19  ALA A CA  1 
ATOM   138  C  C   . ALA A 1 19  ? -5.923  15.801  0.317   1.00 20.49 ? 19  ALA A C   1 
ATOM   139  O  O   . ALA A 1 19  ? -7.146  15.872  0.172   1.00 21.87 ? 19  ALA A O   1 
ATOM   140  C  CB  . ALA A 1 19  ? -5.190  13.666  1.411   1.00 18.47 ? 19  ALA A CB  1 
ATOM   141  N  N   . GLY A 1 20  ? -5.174  16.851  0.645   1.00 21.04 ? 20  GLY A N   1 
ATOM   142  C  CA  . GLY A 1 20  ? -5.776  18.155  0.857   1.00 22.79 ? 20  GLY A CA  1 
ATOM   143  C  C   . GLY A 1 20  ? -6.054  18.880  -0.447  1.00 24.03 ? 20  GLY A C   1 
ATOM   144  O  O   . GLY A 1 20  ? -6.932  19.741  -0.509  1.00 25.21 ? 20  GLY A O   1 
ATOM   145  N  N   . ARG A 1 21  ? -5.306  18.542  -1.490  1.00 24.92 ? 21  ARG A N   1 
ATOM   146  C  CA  . ARG A 1 21  ? -5.497  19.174  -2.789  1.00 26.49 ? 21  ARG A CA  1 
ATOM   147  C  C   . ARG A 1 21  ? -6.437  18.387  -3.705  1.00 27.49 ? 21  ARG A C   1 
ATOM   148  O  O   . ARG A 1 21  ? -7.045  18.957  -4.614  1.00 28.27 ? 21  ARG A O   1 
ATOM   149  C  CB  . ARG A 1 21  ? -4.153  19.366  -3.482  1.00 27.00 ? 21  ARG A CB  1 
ATOM   150  C  CG  . ARG A 1 21  ? -3.227  20.327  -2.771  1.00 28.19 ? 21  ARG A CG  1 
ATOM   151  C  CD  . ARG A 1 21  ? -2.243  20.900  -3.762  1.00 29.42 ? 21  ARG A CD  1 
ATOM   152  N  NE  . ARG A 1 21  ? -2.949  21.645  -4.801  1.00 30.12 ? 21  ARG A NE  1 
ATOM   153  C  CZ  . ARG A 1 21  ? -2.410  22.014  -5.959  1.00 29.99 ? 21  ARG A CZ  1 
ATOM   154  N  NH1 . ARG A 1 21  ? -3.135  22.690  -6.838  1.00 30.82 ? 21  ARG A NH1 1 
ATOM   155  N  NH2 . ARG A 1 21  ? -1.151  21.703  -6.239  1.00 30.49 ? 21  ARG A NH2 1 
ATOM   156  N  N   . GLN A 1 22  ? -6.550  17.084  -3.470  1.00 27.79 ? 22  GLN A N   1 
ATOM   157  C  CA  . GLN A 1 22  ? -7.426  16.228  -4.267  1.00 28.18 ? 22  GLN A CA  1 
ATOM   158  C  C   . GLN A 1 22  ? -8.498  15.593  -3.385  1.00 27.71 ? 22  GLN A C   1 
ATOM   159  O  O   . GLN A 1 22  ? -8.207  14.741  -2.543  1.00 27.85 ? 22  GLN A O   1 
ATOM   160  C  CB  . GLN A 1 22  ? -6.618  15.134  -4.974  1.00 29.33 ? 22  GLN A CB  1 
ATOM   161  C  CG  . GLN A 1 22  ? -5.836  15.630  -6.181  1.00 30.67 ? 22  GLN A CG  1 
ATOM   162  C  CD  . GLN A 1 22  ? -5.363  14.507  -7.091  1.00 31.99 ? 22  GLN A CD  1 
ATOM   163  O  OE1 . GLN A 1 22  ? -5.021  14.740  -8.256  1.00 33.50 ? 22  GLN A OE1 1 
ATOM   164  N  NE2 . GLN A 1 22  ? -5.331  13.286  -6.567  1.00 31.08 ? 22  GLN A NE2 1 
ATOM   165  N  N   . LYS A 1 23  ? -9.744  16.010  -3.592  1.00 26.91 ? 23  LYS A N   1 
ATOM   166  C  CA  . LYS A 1 23  ? -10.868 15.511  -2.811  1.00 25.59 ? 23  LYS A CA  1 
ATOM   167  C  C   . LYS A 1 23  ? -11.058 13.996  -2.864  1.00 24.20 ? 23  LYS A C   1 
ATOM   168  O  O   . LYS A 1 23  ? -11.669 13.415  -1.963  1.00 25.27 ? 23  LYS A O   1 
ATOM   169  C  CB  . LYS A 1 23  ? -12.151 16.207  -3.253  1.00 26.37 ? 23  LYS A CB  1 
ATOM   170  N  N   . ARG A 1 24  ? -10.537 13.350  -3.900  1.00 22.39 ? 24  ARG A N   1 
ATOM   171  C  CA  . ARG A 1 24  ? -10.698 11.904  -4.017  1.00 20.64 ? 24  ARG A CA  1 
ATOM   172  C  C   . ARG A 1 24  ? -9.368  11.146  -4.050  1.00 19.11 ? 24  ARG A C   1 
ATOM   173  O  O   . ARG A 1 24  ? -9.282  10.046  -4.592  1.00 17.80 ? 24  ARG A O   1 
ATOM   174  C  CB  . ARG A 1 24  ? -11.528 11.589  -5.268  1.00 23.30 ? 24  ARG A CB  1 
ATOM   175  C  CG  . ARG A 1 24  ? -12.869 12.341  -5.312  1.00 26.19 ? 24  ARG A CG  1 
ATOM   176  C  CD  . ARG A 1 24  ? -13.669 11.980  -6.548  1.00 30.07 ? 24  ARG A CD  1 
ATOM   177  N  NE  . ARG A 1 24  ? -14.921 12.724  -6.694  1.00 32.13 ? 24  ARG A NE  1 
ATOM   178  C  CZ  . ARG A 1 24  ? -15.047 13.865  -7.362  1.00 32.86 ? 24  ARG A CZ  1 
ATOM   179  N  NH1 . ARG A 1 24  ? -13.995 14.413  -7.959  1.00 33.10 ? 24  ARG A NH1 1 
ATOM   180  N  NH2 . ARG A 1 24  ? -16.234 14.454  -7.448  1.00 34.22 ? 24  ARG A NH2 1 
ATOM   181  N  N   . PHE A 1 25  ? -8.335  11.726  -3.448  1.00 16.89 ? 25  PHE A N   1 
ATOM   182  C  CA  . PHE A 1 25  ? -7.026  11.083  -3.427  1.00 16.15 ? 25  PHE A CA  1 
ATOM   183  C  C   . PHE A 1 25  ? -7.037  9.683   -2.799  1.00 15.11 ? 25  PHE A C   1 
ATOM   184  O  O   . PHE A 1 25  ? -6.418  8.763   -3.335  1.00 14.64 ? 25  PHE A O   1 
ATOM   185  C  CB  . PHE A 1 25  ? -6.008  11.974  -2.697  1.00 16.22 ? 25  PHE A CB  1 
ATOM   186  C  CG  . PHE A 1 25  ? -4.601  11.434  -2.726  1.00 16.81 ? 25  PHE A CG  1 
ATOM   187  C  CD1 . PHE A 1 25  ? -3.976  11.028  -1.556  1.00 17.39 ? 25  PHE A CD1 1 
ATOM   188  C  CD2 . PHE A 1 25  ? -3.923  11.288  -3.933  1.00 16.97 ? 25  PHE A CD2 1 
ATOM   189  C  CE1 . PHE A 1 25  ? -2.690  10.477  -1.583  1.00 18.39 ? 25  PHE A CE1 1 
ATOM   190  C  CE2 . PHE A 1 25  ? -2.633  10.738  -3.970  1.00 18.24 ? 25  PHE A CE2 1 
ATOM   191  C  CZ  . PHE A 1 25  ? -2.021  10.334  -2.792  1.00 17.96 ? 25  PHE A CZ  1 
ATOM   192  N  N   . ALA A 1 26  ? -7.733  9.519   -1.675  1.00 15.46 ? 26  ALA A N   1 
ATOM   193  C  CA  . ALA A 1 26  ? -7.798  8.213   -1.018  1.00 15.40 ? 26  ALA A CA  1 
ATOM   194  C  C   . ALA A 1 26  ? -8.436  7.185   -1.942  1.00 15.52 ? 26  ALA A C   1 
ATOM   195  O  O   . ALA A 1 26  ? -7.998  6.039   -1.994  1.00 14.18 ? 26  ALA A O   1 
ATOM   196  C  CB  . ALA A 1 26  ? -8.589  8.303   0.297   1.00 16.24 ? 26  ALA A CB  1 
ATOM   197  N  N   . GLU A 1 27  ? -9.461  7.595   -2.689  1.00 14.73 ? 27  GLU A N   1 
ATOM   198  C  CA  . GLU A 1 27  ? -10.138 6.679   -3.607  1.00 15.35 ? 27  GLU A CA  1 
ATOM   199  C  C   . GLU A 1 27  ? -9.256  6.288   -4.793  1.00 14.38 ? 27  GLU A C   1 
ATOM   200  O  O   . GLU A 1 27  ? -9.485  5.278   -5.451  1.00 14.80 ? 27  GLU A O   1 
ATOM   201  C  CB  . GLU A 1 27  ? -11.436 7.303   -4.126  1.00 16.37 ? 27  GLU A CB  1 
ATOM   202  C  CG  . GLU A 1 27  ? -12.573 7.386   -3.126  1.00 18.60 ? 27  GLU A CG  1 
ATOM   203  C  CD  . GLU A 1 27  ? -12.349 8.414   -2.033  1.00 19.31 ? 27  GLU A CD  1 
ATOM   204  O  OE1 . GLU A 1 27  ? -11.587 9.380   -2.240  1.00 19.16 ? 27  GLU A OE1 1 
ATOM   205  O  OE2 . GLU A 1 27  ? -12.959 8.264   -0.955  1.00 22.95 ? 27  GLU A OE2 1 
ATOM   206  N  N   . ARG A 1 28  ? -8.250  7.105   -5.061  1.00 15.20 ? 28  ARG A N   1 
ATOM   207  C  CA  . ARG A 1 28  ? -7.318  6.848   -6.142  1.00 16.00 ? 28  ARG A CA  1 
ATOM   208  C  C   . ARG A 1 28  ? -6.330  5.751   -5.727  1.00 15.03 ? 28  ARG A C   1 
ATOM   209  O  O   . ARG A 1 28  ? -5.966  4.876   -6.514  1.00 15.61 ? 28  ARG A O   1 
ATOM   210  C  CB  . ARG A 1 28  ? -6.561  8.143   -6.442  1.00 18.75 ? 28  ARG A CB  1 
ATOM   211  C  CG  . ARG A 1 28  ? -5.566  8.062   -7.561  1.00 22.72 ? 28  ARG A CG  1 
ATOM   212  C  CD  . ARG A 1 28  ? -4.955  9.430   -7.808  1.00 25.44 ? 28  ARG A CD  1 
ATOM   213  N  NE  . ARG A 1 28  ? -4.015  9.394   -8.917  1.00 28.04 ? 28  ARG A NE  1 
ATOM   214  C  CZ  . ARG A 1 28  ? -3.340  10.453  -9.348  1.00 28.40 ? 28  ARG A CZ  1 
ATOM   215  N  NH1 . ARG A 1 28  ? -2.507  10.328  -10.367 1.00 29.55 ? 28  ARG A NH1 1 
ATOM   216  N  NH2 . ARG A 1 28  ? -3.501  11.629  -8.755  1.00 28.44 ? 28  ARG A NH2 1 
ATOM   217  N  N   . ILE A 1 29  ? -5.920  5.791   -4.467  1.00 14.41 ? 29  ILE A N   1 
ATOM   218  C  CA  . ILE A 1 29  ? -4.932  4.846   -3.952  1.00 14.00 ? 29  ILE A CA  1 
ATOM   219  C  C   . ILE A 1 29  ? -5.479  3.532   -3.373  1.00 13.32 ? 29  ILE A C   1 
ATOM   220  O  O   . ILE A 1 29  ? -4.874  2.477   -3.545  1.00 13.97 ? 29  ILE A O   1 
ATOM   221  C  CB  . ILE A 1 29  ? -4.077  5.519   -2.836  1.00 13.17 ? 29  ILE A CB  1 
ATOM   222  C  CG1 . ILE A 1 29  ? -3.485  6.849   -3.320  1.00 13.14 ? 29  ILE A CG1 1 
ATOM   223  C  CG2 . ILE A 1 29  ? -2.972  4.583   -2.384  1.00 13.59 ? 29  ILE A CG2 1 
ATOM   224  C  CD1 . ILE A 1 29  ? -2.718  6.776   -4.622  1.00 12.95 ? 29  ILE A CD1 1 
ATOM   225  N  N   . LEU A 1 30  ? -6.630  3.597   -2.715  1.00 12.58 ? 30  LEU A N   1 
ATOM   226  C  CA  . LEU A 1 30  ? -7.187  2.429   -2.029  1.00 12.60 ? 30  LEU A CA  1 
ATOM   227  C  C   . LEU A 1 30  ? -8.334  1.699   -2.719  1.00 12.66 ? 30  LEU A C   1 
ATOM   228  O  O   . LEU A 1 30  ? -9.154  2.315   -3.398  1.00 14.05 ? 30  LEU A O   1 
ATOM   229  C  CB  . LEU A 1 30  ? -7.655  2.862   -0.634  1.00 12.43 ? 30  LEU A CB  1 
ATOM   230  C  CG  . LEU A 1 30  ? -6.653  3.611   0.253   1.00 12.14 ? 30  LEU A CG  1 
ATOM   231  C  CD1 . LEU A 1 30  ? -7.363  4.095   1.509   1.00 13.80 ? 30  LEU A CD1 1 
ATOM   232  C  CD2 . LEU A 1 30  ? -5.483  2.695   0.613   1.00 12.77 ? 30  LEU A CD2 1 
ATOM   233  N  N   . THR A 1 31  ? -8.386  0.382   -2.527  1.00 13.04 ? 31  THR A N   1 
ATOM   234  C  CA  . THR A 1 31  ? -9.473  -0.438  -3.077  1.00 13.14 ? 31  THR A CA  1 
ATOM   235  C  C   . THR A 1 31  ? -10.692 -0.263  -2.162  1.00 13.91 ? 31  THR A C   1 
ATOM   236  O  O   . THR A 1 31  ? -10.593 0.361   -1.104  1.00 13.14 ? 31  THR A O   1 
ATOM   237  C  CB  . THR A 1 31  ? -9.108  -1.924  -3.092  1.00 13.54 ? 31  THR A CB  1 
ATOM   238  O  OG1 . THR A 1 31  ? -8.922  -2.379  -1.746  1.00 13.92 ? 31  THR A OG1 1 
ATOM   239  C  CG2 . THR A 1 31  ? -7.832  -2.153  -3.863  1.00 14.69 ? 31  THR A CG2 1 
ATOM   240  N  N   . ARG A 1 32  ? -11.834 -0.816  -2.557  1.00 15.34 ? 32  ARG A N   1 
ATOM   241  C  CA  . ARG A 1 32  ? -13.034 -0.688  -1.731  1.00 15.55 ? 32  ARG A CA  1 
ATOM   242  C  C   . ARG A 1 32  ? -12.848 -1.319  -0.356  1.00 15.92 ? 32  ARG A C   1 
ATOM   243  O  O   . ARG A 1 32  ? -13.251 -0.746  0.647   1.00 16.02 ? 32  ARG A O   1 
ATOM   244  C  CB  . ARG A 1 32  ? -14.242 -1.321  -2.435  1.00 16.36 ? 32  ARG A CB  1 
ATOM   245  C  CG  . ARG A 1 32  ? -14.541 -0.694  -3.780  1.00 18.69 ? 32  ARG A CG  1 
ATOM   246  C  CD  . ARG A 1 32  ? -15.954 -1.024  -4.241  1.00 20.77 ? 32  ARG A CD  1 
ATOM   247  N  NE  . ARG A 1 32  ? -16.971 -0.435  -3.371  1.00 22.37 ? 32  ARG A NE  1 
ATOM   248  C  CZ  . ARG A 1 32  ? -17.775 -1.133  -2.574  1.00 23.12 ? 32  ARG A CZ  1 
ATOM   249  N  NH1 . ARG A 1 32  ? -17.687 -2.454  -2.532  1.00 23.58 ? 32  ARG A NH1 1 
ATOM   250  N  NH2 . ARG A 1 32  ? -18.670 -0.506  -1.820  1.00 22.27 ? 32  ARG A NH2 1 
ATOM   251  N  N   . SER A 1 33  ? -12.238 -2.498  -0.312  1.00 16.47 ? 33  SER A N   1 
ATOM   252  C  CA  . SER A 1 33  ? -11.989 -3.189  0.958   1.00 16.46 ? 33  SER A CA  1 
ATOM   253  C  C   . SER A 1 33  ? -11.086 -2.349  1.867   1.00 16.53 ? 33  SER A C   1 
ATOM   254  O  O   . SER A 1 33  ? -11.283 -2.285  3.080   1.00 16.86 ? 33  SER A O   1 
ATOM   255  C  CB  . SER A 1 33  ? -11.319 -4.539  0.691   1.00 17.75 ? 33  SER A CB  1 
ATOM   256  O  OG  . SER A 1 33  ? -11.082 -5.246  1.889   1.00 24.08 ? 33  SER A OG  1 
ATOM   257  N  N   . GLU A 1 34  ? -10.086 -1.708  1.276   1.00 15.70 ? 34  GLU A N   1 
ATOM   258  C  CA  . GLU A 1 34  ? -9.163  -0.883  2.040   1.00 15.77 ? 34  GLU A CA  1 
ATOM   259  C  C   . GLU A 1 34  ? -9.862  0.367   2.554   1.00 15.99 ? 34  GLU A C   1 
ATOM   260  O  O   . GLU A 1 34  ? -9.638  0.803   3.684   1.00 17.16 ? 34  GLU A O   1 
ATOM   261  C  CB  . GLU A 1 34  ? -7.961  -0.501  1.163   1.00 14.72 ? 34  GLU A CB  1 
ATOM   262  C  CG  . GLU A 1 34  ? -6.970  -1.638  0.979   1.00 15.35 ? 34  GLU A CG  1 
ATOM   263  C  CD  . GLU A 1 34  ? -5.949  -1.394  -0.122  1.00 13.75 ? 34  GLU A CD  1 
ATOM   264  O  OE1 . GLU A 1 34  ? -4.926  -2.102  -0.128  1.00 13.81 ? 34  GLU A OE1 1 
ATOM   265  O  OE2 . GLU A 1 34  ? -6.163  -0.523  -0.995  1.00 13.16 ? 34  GLU A OE2 1 
ATOM   266  N  N   . LEU A 1 35  ? -10.728 0.939   1.720   1.00 16.62 ? 35  LEU A N   1 
ATOM   267  C  CA  . LEU A 1 35  ? -11.461 2.134   2.098   1.00 17.38 ? 35  LEU A CA  1 
ATOM   268  C  C   . LEU A 1 35  ? -12.411 1.873   3.258   1.00 18.36 ? 35  LEU A C   1 
ATOM   269  O  O   . LEU A 1 35  ? -12.614 2.744   4.100   1.00 17.94 ? 35  LEU A O   1 
ATOM   270  C  CB  . LEU A 1 35  ? -12.250 2.673   0.897   1.00 17.16 ? 35  LEU A CB  1 
ATOM   271  C  CG  . LEU A 1 35  ? -11.431 3.389   -0.182  1.00 17.73 ? 35  LEU A CG  1 
ATOM   272  C  CD1 . LEU A 1 35  ? -12.274 3.584   -1.437  1.00 17.25 ? 35  LEU A CD1 1 
ATOM   273  C  CD2 . LEU A 1 35  ? -10.944 4.727   0.360   1.00 17.05 ? 35  LEU A CD2 1 
ATOM   274  N  N   . ASP A 1 36  ? -12.982 0.677   3.311   1.00 19.36 ? 36  ASP A N   1 
ATOM   275  C  CA  . ASP A 1 36  ? -13.914 0.361   4.385   1.00 21.62 ? 36  ASP A CA  1 
ATOM   276  C  C   . ASP A 1 36  ? -13.197 0.527   5.720   1.00 22.68 ? 36  ASP A C   1 
ATOM   277  O  O   . ASP A 1 36  ? -13.789 0.986   6.701   1.00 23.58 ? 36  ASP A O   1 
ATOM   278  C  CB  . ASP A 1 36  ? -14.454 -1.066  4.220   1.00 22.68 ? 36  ASP A CB  1 
ATOM   279  C  CG  . ASP A 1 36  ? -15.827 -1.249  4.848   1.00 24.19 ? 36  ASP A CG  1 
ATOM   280  O  OD1 . ASP A 1 36  ? -16.630 -0.287  4.828   1.00 25.68 ? 36  ASP A OD1 1 
ATOM   281  O  OD2 . ASP A 1 36  ? -16.110 -2.363  5.341   1.00 24.47 ? 36  ASP A OD2 1 
ATOM   282  N  N   . GLN A 1 37  ? -11.910 0.186   5.745   1.00 22.62 ? 37  GLN A N   1 
ATOM   283  C  CA  . GLN A 1 37  ? -11.107 0.306   6.963   1.00 23.62 ? 37  GLN A CA  1 
ATOM   284  C  C   . GLN A 1 37  ? -10.692 1.760   7.209   1.00 23.33 ? 37  GLN A C   1 
ATOM   285  O  O   . GLN A 1 37  ? -10.703 2.243   8.339   1.00 23.90 ? 37  GLN A O   1 
ATOM   286  C  CB  . GLN A 1 37  ? -9.864  -0.584  6.849   1.00 24.76 ? 37  GLN A CB  1 
ATOM   287  C  CG  . GLN A 1 37  ? -10.179 -2.066  6.682   1.00 26.90 ? 37  GLN A CG  1 
ATOM   288  C  CD  . GLN A 1 37  ? -8.996  -2.874  6.163   1.00 29.15 ? 37  GLN A CD  1 
ATOM   289  O  OE1 . GLN A 1 37  ? -7.909  -2.857  6.745   1.00 30.76 ? 37  GLN A OE1 1 
ATOM   290  N  NE2 . GLN A 1 37  ? -9.205  -3.591  5.062   1.00 30.60 ? 37  GLN A NE2 1 
ATOM   291  N  N   . TYR A 1 38  ? -10.335 2.447   6.132   1.00 22.41 ? 38  TYR A N   1 
ATOM   292  C  CA  . TYR A 1 38  ? -9.904  3.843   6.167   1.00 22.14 ? 38  TYR A CA  1 
ATOM   293  C  C   . TYR A 1 38  ? -10.975 4.804   6.679   1.00 22.57 ? 38  TYR A C   1 
ATOM   294  O  O   . TYR A 1 38  ? -10.703 5.666   7.516   1.00 21.64 ? 38  TYR A O   1 
ATOM   295  C  CB  . TYR A 1 38  ? -9.469  4.244   4.754   1.00 20.71 ? 38  TYR A CB  1 
ATOM   296  C  CG  . TYR A 1 38  ? -9.156  5.707   4.517   1.00 20.71 ? 38  TYR A CG  1 
ATOM   297  C  CD1 . TYR A 1 38  ? -10.102 6.567   3.952   1.00 20.16 ? 38  TYR A CD1 1 
ATOM   298  C  CD2 . TYR A 1 38  ? -7.887  6.214   4.781   1.00 19.25 ? 38  TYR A CD2 1 
ATOM   299  C  CE1 . TYR A 1 38  ? -9.782  7.892   3.645   1.00 21.07 ? 38  TYR A CE1 1 
ATOM   300  C  CE2 . TYR A 1 38  ? -7.558  7.529   4.482   1.00 20.56 ? 38  TYR A CE2 1 
ATOM   301  C  CZ  . TYR A 1 38  ? -8.503  8.363   3.913   1.00 21.15 ? 38  TYR A CZ  1 
ATOM   302  O  OH  . TYR A 1 38  ? -8.159  9.658   3.601   1.00 21.86 ? 38  TYR A OH  1 
ATOM   303  N  N   . TYR A 1 39  ? -12.195 4.646   6.175   1.00 23.00 ? 39  TYR A N   1 
ATOM   304  C  CA  . TYR A 1 39  ? -13.294 5.517   6.559   1.00 23.93 ? 39  TYR A CA  1 
ATOM   305  C  C   . TYR A 1 39  ? -13.597 5.572   8.054   1.00 24.48 ? 39  TYR A C   1 
ATOM   306  O  O   . TYR A 1 39  ? -14.207 6.533   8.516   1.00 25.01 ? 39  TYR A O   1 
ATOM   307  C  CB  . TYR A 1 39  ? -14.571 5.122   5.801   1.00 24.42 ? 39  TYR A CB  1 
ATOM   308  C  CG  . TYR A 1 39  ? -14.513 5.339   4.303   1.00 25.39 ? 39  TYR A CG  1 
ATOM   309  C  CD1 . TYR A 1 39  ? -13.708 6.331   3.749   1.00 26.23 ? 39  TYR A CD1 1 
ATOM   310  C  CD2 . TYR A 1 39  ? -15.309 4.581   3.441   1.00 26.81 ? 39  TYR A CD2 1 
ATOM   311  C  CE1 . TYR A 1 39  ? -13.699 6.564   2.377   1.00 27.45 ? 39  TYR A CE1 1 
ATOM   312  C  CE2 . TYR A 1 39  ? -15.311 4.811   2.067   1.00 26.80 ? 39  TYR A CE2 1 
ATOM   313  C  CZ  . TYR A 1 39  ? -14.506 5.804   1.540   1.00 27.95 ? 39  TYR A CZ  1 
ATOM   314  O  OH  . TYR A 1 39  ? -14.526 6.060   0.180   1.00 28.86 ? 39  TYR A OH  1 
ATOM   315  N  N   . GLU A 1 40  ? -13.174 4.560   8.808   1.00 24.88 ? 40  GLU A N   1 
ATOM   316  C  CA  . GLU A 1 40  ? -13.441 4.523   10.249  1.00 26.05 ? 40  GLU A CA  1 
ATOM   317  C  C   . GLU A 1 40  ? -12.422 5.294   11.086  1.00 25.59 ? 40  GLU A C   1 
ATOM   318  O  O   . GLU A 1 40  ? -12.607 5.461   12.292  1.00 26.05 ? 40  GLU A O   1 
ATOM   319  C  CB  . GLU A 1 40  ? -13.446 3.077   10.757  1.00 27.82 ? 40  GLU A CB  1 
ATOM   320  C  CG  . GLU A 1 40  ? -14.294 2.105   9.960   1.00 30.61 ? 40  GLU A CG  1 
ATOM   321  C  CD  . GLU A 1 40  ? -14.334 0.725   10.598  1.00 31.77 ? 40  GLU A CD  1 
ATOM   322  O  OE1 . GLU A 1 40  ? -13.250 0.194   10.934  1.00 32.73 ? 40  GLU A OE1 1 
ATOM   323  O  OE2 . GLU A 1 40  ? -15.445 0.172   10.756  1.00 33.34 ? 40  GLU A OE2 1 
ATOM   324  N  N   . LEU A 1 41  ? -11.360 5.775   10.453  1.00 24.07 ? 41  LEU A N   1 
ATOM   325  C  CA  . LEU A 1 41  ? -10.291 6.455   11.178  1.00 22.24 ? 41  LEU A CA  1 
ATOM   326  C  C   . LEU A 1 41  ? -10.376 7.971   11.322  1.00 21.46 ? 41  LEU A C   1 
ATOM   327  O  O   . LEU A 1 41  ? -11.085 8.647   10.581  1.00 21.25 ? 41  LEU A O   1 
ATOM   328  C  CB  . LEU A 1 41  ? -8.954  6.086   10.529  1.00 21.78 ? 41  LEU A CB  1 
ATOM   329  C  CG  . LEU A 1 41  ? -8.679  4.587   10.356  1.00 21.91 ? 41  LEU A CG  1 
ATOM   330  C  CD1 . LEU A 1 41  ? -7.391  4.404   9.565   1.00 21.70 ? 41  LEU A CD1 1 
ATOM   331  C  CD2 . LEU A 1 41  ? -8.571  3.911   11.706  1.00 22.12 ? 41  LEU A CD2 1 
ATOM   332  N  N   . SER A 1 42  ? -9.632  8.494   12.291  1.00 21.01 ? 42  SER A N   1 
ATOM   333  C  CA  . SER A 1 42  ? -9.574  9.932   12.533  1.00 20.67 ? 42  SER A CA  1 
ATOM   334  C  C   . SER A 1 42  ? -8.777  10.539  11.392  1.00 20.69 ? 42  SER A C   1 
ATOM   335  O  O   . SER A 1 42  ? -8.153  9.814   10.615  1.00 19.86 ? 42  SER A O   1 
ATOM   336  C  CB  . SER A 1 42  ? -8.848  10.225  13.846  1.00 21.24 ? 42  SER A CB  1 
ATOM   337  O  OG  . SER A 1 42  ? -7.475  9.874   13.759  1.00 20.80 ? 42  SER A OG  1 
ATOM   338  N  N   . GLU A 1 43  ? -8.793  11.863  11.289  1.00 19.62 ? 43  GLU A N   1 
ATOM   339  C  CA  . GLU A 1 43  ? -8.059  12.559  10.234  1.00 19.23 ? 43  GLU A CA  1 
ATOM   340  C  C   . GLU A 1 43  ? -6.585  12.151  10.266  1.00 18.65 ? 43  GLU A C   1 
ATOM   341  O  O   . GLU A 1 43  ? -5.992  11.836  9.235   1.00 18.62 ? 43  GLU A O   1 
ATOM   342  C  CB  . GLU A 1 43  ? -8.197  14.075  10.430  1.00 20.39 ? 43  GLU A CB  1 
ATOM   343  C  CG  . GLU A 1 43  ? -7.433  14.947  9.428   1.00 22.14 ? 43  GLU A CG  1 
ATOM   344  C  CD  . GLU A 1 43  ? -7.444  16.423  9.818   1.00 23.47 ? 43  GLU A CD  1 
ATOM   345  O  OE1 . GLU A 1 43  ? -8.542  17.009  9.900   1.00 23.93 ? 43  GLU A OE1 1 
ATOM   346  O  OE2 . GLU A 1 43  ? -6.354  16.993  10.044  1.00 24.66 ? 43  GLU A OE2 1 
ATOM   347  N  N   . LYS A 1 44  ? -5.997  12.144  11.454  1.00 17.32 ? 44  LYS A N   1 
ATOM   348  C  CA  . LYS A 1 44  ? -4.590  11.786  11.595  1.00 17.24 ? 44  LYS A CA  1 
ATOM   349  C  C   . LYS A 1 44  ? -4.303  10.323  11.245  1.00 16.56 ? 44  LYS A C   1 
ATOM   350  O  O   . LYS A 1 44  ? -3.344  10.025  10.528  1.00 16.25 ? 44  LYS A O   1 
ATOM   351  C  CB  . LYS A 1 44  ? -4.131  12.077  13.023  1.00 16.54 ? 44  LYS A CB  1 
ATOM   352  C  CG  . LYS A 1 44  ? -2.737  11.573  13.352  1.00 17.99 ? 44  LYS A CG  1 
ATOM   353  C  CD  . LYS A 1 44  ? -2.439  11.793  14.829  1.00 19.56 ? 44  LYS A CD  1 
ATOM   354  C  CE  . LYS A 1 44  ? -1.134  11.135  15.260  1.00 19.17 ? 44  LYS A CE  1 
ATOM   355  N  NZ  . LYS A 1 44  ? -1.203  9.649   15.278  1.00 19.63 ? 44  LYS A NZ  1 
ATOM   356  N  N   . ARG A 1 45  ? -5.123  9.411   11.756  1.00 16.89 ? 45  ARG A N   1 
ATOM   357  C  CA  . ARG A 1 45  ? -4.924  7.993   11.482  1.00 17.08 ? 45  ARG A CA  1 
ATOM   358  C  C   . ARG A 1 45  ? -5.152  7.688   10.007  1.00 16.29 ? 45  ARG A C   1 
ATOM   359  O  O   . ARG A 1 45  ? -4.494  6.815   9.439   1.00 15.72 ? 45  ARG A O   1 
ATOM   360  C  CB  . ARG A 1 45  ? -5.855  7.150   12.355  1.00 19.32 ? 45  ARG A CB  1 
ATOM   361  C  CG  . ARG A 1 45  ? -5.515  7.187   13.842  1.00 21.73 ? 45  ARG A CG  1 
ATOM   362  C  CD  . ARG A 1 45  ? -4.209  6.449   14.146  1.00 25.16 ? 45  ARG A CD  1 
ATOM   363  N  NE  . ARG A 1 45  ? -3.942  6.393   15.584  1.00 28.95 ? 45  ARG A NE  1 
ATOM   364  C  CZ  . ARG A 1 45  ? -2.896  5.783   16.136  1.00 30.49 ? 45  ARG A CZ  1 
ATOM   365  N  NH1 . ARG A 1 45  ? -2.746  5.789   17.454  1.00 31.89 ? 45  ARG A NH1 1 
ATOM   366  N  NH2 . ARG A 1 45  ? -1.999  5.163   15.375  1.00 32.45 ? 45  ARG A NH2 1 
ATOM   367  N  N   . LYS A 1 46  ? -6.093  8.395   9.389   1.00 15.52 ? 46  LYS A N   1 
ATOM   368  C  CA  . LYS A 1 46  ? -6.358  8.201   7.973   1.00 15.32 ? 46  LYS A CA  1 
ATOM   369  C  C   . LYS A 1 46  ? -5.079  8.458   7.188   1.00 14.61 ? 46  LYS A C   1 
ATOM   370  O  O   . LYS A 1 46  ? -4.720  7.685   6.303   1.00 14.78 ? 46  LYS A O   1 
ATOM   371  C  CB  . LYS A 1 46  ? -7.445  9.167   7.481   1.00 15.53 ? 46  LYS A CB  1 
ATOM   372  C  CG  . LYS A 1 46  ? -8.885  8.696   7.656   1.00 18.65 ? 46  LYS A CG  1 
ATOM   373  C  CD  . LYS A 1 46  ? -9.826  9.706   7.003   1.00 20.77 ? 46  LYS A CD  1 
ATOM   374  C  CE  . LYS A 1 46  ? -11.254 9.187   6.876   1.00 22.56 ? 46  LYS A CE  1 
ATOM   375  N  NZ  . LYS A 1 46  ? -11.929 8.984   8.185   1.00 24.62 ? 46  LYS A NZ  1 
ATOM   376  N  N   . ASN A 1 47  ? -4.393  9.551   7.506   1.00 14.97 ? 47  ASN A N   1 
ATOM   377  C  CA  . ASN A 1 47  ? -3.162  9.899   6.807   1.00 14.85 ? 47  ASN A CA  1 
ATOM   378  C  C   . ASN A 1 47  ? -2.099  8.807   6.983   1.00 14.22 ? 47  ASN A C   1 
ATOM   379  O  O   . ASN A 1 47  ? -1.447  8.404   6.016   1.00 13.37 ? 47  ASN A O   1 
ATOM   380  C  CB  . ASN A 1 47  ? -2.641  11.249  7.317   1.00 16.85 ? 47  ASN A CB  1 
ATOM   381  C  CG  . ASN A 1 47  ? -1.370  11.687  6.616   1.00 19.82 ? 47  ASN A CG  1 
ATOM   382  O  OD1 . ASN A 1 47  ? -1.348  11.863  5.401   1.00 22.35 ? 47  ASN A OD1 1 
ATOM   383  N  ND2 . ASN A 1 47  ? -0.302  11.861  7.382   1.00 21.62 ? 47  ASN A ND2 1 
ATOM   384  N  N   . GLU A 1 48  ? -1.937  8.311   8.201   1.00 13.02 ? 48  GLU A N   1 
ATOM   385  C  CA  . GLU A 1 48  ? -0.951  7.259   8.450   1.00 13.33 ? 48  GLU A CA  1 
ATOM   386  C  C   . GLU A 1 48  ? -1.326  5.953   7.754   1.00 12.99 ? 48  GLU A C   1 
ATOM   387  O  O   . GLU A 1 48  ? -0.465  5.272   7.188   1.00 12.41 ? 48  GLU A O   1 
ATOM   388  C  CB  . GLU A 1 48  ? -0.794  7.046   9.956   1.00 13.97 ? 48  GLU A CB  1 
ATOM   389  C  CG  . GLU A 1 48  ? -0.244  8.283   10.662  1.00 17.87 ? 48  GLU A CG  1 
ATOM   390  C  CD  . GLU A 1 48  ? -0.499  8.270   12.152  1.00 19.35 ? 48  GLU A CD  1 
ATOM   391  O  OE1 . GLU A 1 48  ? -0.072  9.230   12.826  1.00 22.50 ? 48  GLU A OE1 1 
ATOM   392  O  OE2 . GLU A 1 48  ? -1.125  7.310   12.645  1.00 22.51 ? 48  GLU A OE2 1 
ATOM   393  N  N   . PHE A 1 49  ? -2.609  5.604   7.786   1.00 12.16 ? 49  PHE A N   1 
ATOM   394  C  CA  . PHE A 1 49  ? -3.071  4.391   7.127   1.00 11.74 ? 49  PHE A CA  1 
ATOM   395  C  C   . PHE A 1 49  ? -2.821  4.506   5.621   1.00 11.65 ? 49  PHE A C   1 
ATOM   396  O  O   . PHE A 1 49  ? -2.246  3.604   5.003   1.00 11.61 ? 49  PHE A O   1 
ATOM   397  C  CB  . PHE A 1 49  ? -4.573  4.185   7.396   1.00 12.28 ? 49  PHE A CB  1 
ATOM   398  C  CG  . PHE A 1 49  ? -5.153  2.960   6.734   1.00 13.38 ? 49  PHE A CG  1 
ATOM   399  C  CD1 . PHE A 1 49  ? -5.185  1.740   7.399   1.00 13.30 ? 49  PHE A CD1 1 
ATOM   400  C  CD2 . PHE A 1 49  ? -5.678  3.030   5.449   1.00 12.58 ? 49  PHE A CD2 1 
ATOM   401  C  CE1 . PHE A 1 49  ? -5.740  0.612   6.789   1.00 14.47 ? 49  PHE A CE1 1 
ATOM   402  C  CE2 . PHE A 1 49  ? -6.231  1.913   4.835   1.00 13.76 ? 49  PHE A CE2 1 
ATOM   403  C  CZ  . PHE A 1 49  ? -6.264  0.703   5.506   1.00 14.53 ? 49  PHE A CZ  1 
ATOM   404  N  N   . LEU A 1 50  ? -3.248  5.627   5.040   1.00 11.42 ? 50  LEU A N   1 
ATOM   405  C  CA  . LEU A 1 50  ? -3.092  5.855   3.611   1.00 11.53 ? 50  LEU A CA  1 
ATOM   406  C  C   . LEU A 1 50  ? -1.628  5.878   3.192   1.00 10.56 ? 50  LEU A C   1 
ATOM   407  O  O   . LEU A 1 50  ? -1.276  5.323   2.154   1.00 10.55 ? 50  LEU A O   1 
ATOM   408  C  CB  . LEU A 1 50  ? -3.772  7.173   3.209   1.00 12.38 ? 50  LEU A CB  1 
ATOM   409  C  CG  . LEU A 1 50  ? -3.679  7.653   1.752   1.00 12.32 ? 50  LEU A CG  1 
ATOM   410  C  CD1 . LEU A 1 50  ? -4.312  6.640   0.803   1.00 14.40 ? 50  LEU A CD1 1 
ATOM   411  C  CD2 . LEU A 1 50  ? -4.387  9.005   1.626   1.00 13.78 ? 50  LEU A CD2 1 
ATOM   412  N  N   . ALA A 1 51  ? -0.781  6.530   3.985   1.00 10.65 ? 51  ALA A N   1 
ATOM   413  C  CA  . ALA A 1 51  ? 0.645   6.595   3.650   1.00 10.86 ? 51  ALA A CA  1 
ATOM   414  C  C   . ALA A 1 51  ? 1.300   5.209   3.690   1.00 11.03 ? 51  ALA A C   1 
ATOM   415  O  O   . ALA A 1 51  ? 2.180   4.905   2.879   1.00 10.16 ? 51  ALA A O   1 
ATOM   416  C  CB  . ALA A 1 51  ? 1.373   7.547   4.601   1.00 10.65 ? 51  ALA A CB  1 
ATOM   417  N  N   . GLY A 1 52  ? 0.862   4.369   4.625   1.00 11.30 ? 52  GLY A N   1 
ATOM   418  C  CA  . GLY A 1 52  ? 1.413   3.029   4.741   1.00 11.27 ? 52  GLY A CA  1 
ATOM   419  C  C   . GLY A 1 52  ? 0.977   2.140   3.586   1.00 11.12 ? 52  GLY A C   1 
ATOM   420  O  O   . GLY A 1 52  ? 1.752   1.331   3.087   1.00 10.32 ? 52  GLY A O   1 
ATOM   421  N  N   . ARG A 1 53  ? -0.274  2.286   3.162   1.00 10.73 ? 53  ARG A N   1 
ATOM   422  C  CA  . ARG A 1 53  ? -0.772  1.487   2.048   1.00 10.83 ? 53  ARG A CA  1 
ATOM   423  C  C   . ARG A 1 53  ? -0.097  1.968   0.759   1.00 10.44 ? 53  ARG A C   1 
ATOM   424  O  O   . ARG A 1 53  ? 0.222   1.156   -0.110  1.00 10.68 ? 53  ARG A O   1 
ATOM   425  C  CB  . ARG A 1 53  ? -2.306  1.598   1.944   1.00 11.05 ? 53  ARG A CB  1 
ATOM   426  C  CG  . ARG A 1 53  ? -3.076  0.425   2.581   1.00 13.36 ? 53  ARG A CG  1 
ATOM   427  C  CD  . ARG A 1 53  ? -2.679  0.171   4.021   1.00 14.65 ? 53  ARG A CD  1 
ATOM   428  N  NE  . ARG A 1 53  ? -3.392  -0.968  4.616   1.00 13.75 ? 53  ARG A NE  1 
ATOM   429  C  CZ  . ARG A 1 53  ? -3.158  -1.424  5.843   1.00 14.79 ? 53  ARG A CZ  1 
ATOM   430  N  NH1 . ARG A 1 53  ? -2.230  -0.846  6.597   1.00 14.78 ? 53  ARG A NH1 1 
ATOM   431  N  NH2 . ARG A 1 53  ? -3.854  -2.447  6.327   1.00 15.39 ? 53  ARG A NH2 1 
ATOM   432  N  N   . PHE A 1 54  ? 0.125   3.285   0.646   1.00 10.64 ? 54  PHE A N   1 
ATOM   433  C  CA  . PHE A 1 54  ? 0.789   3.869   -0.524  1.00 9.72  ? 54  PHE A CA  1 
ATOM   434  C  C   . PHE A 1 54  ? 2.222   3.296   -0.602  1.00 9.79  ? 54  PHE A C   1 
ATOM   435  O  O   . PHE A 1 54  ? 2.676   2.861   -1.670  1.00 9.57  ? 54  PHE A O   1 
ATOM   436  C  CB  . PHE A 1 54  ? 0.779   5.409   -0.378  1.00 10.85 ? 54  PHE A CB  1 
ATOM   437  C  CG  . PHE A 1 54  ? 1.370   6.161   -1.545  1.00 11.55 ? 54  PHE A CG  1 
ATOM   438  C  CD1 . PHE A 1 54  ? 2.747   6.319   -1.670  1.00 12.45 ? 54  PHE A CD1 1 
ATOM   439  C  CD2 . PHE A 1 54  ? 0.537   6.766   -2.489  1.00 12.56 ? 54  PHE A CD2 1 
ATOM   440  C  CE1 . PHE A 1 54  ? 3.291   7.070   -2.710  1.00 12.31 ? 54  PHE A CE1 1 
ATOM   441  C  CE2 . PHE A 1 54  ? 1.069   7.522   -3.536  1.00 11.84 ? 54  PHE A CE2 1 
ATOM   442  C  CZ  . PHE A 1 54  ? 2.452   7.674   -3.643  1.00 13.57 ? 54  PHE A CZ  1 
ATOM   443  N  N   . ALA A 1 55  ? 2.919   3.271   0.533   1.00 9.67  ? 55  ALA A N   1 
ATOM   444  C  CA  . ALA A 1 55  ? 4.282   2.728   0.581   1.00 9.05  ? 55  ALA A CA  1 
ATOM   445  C  C   . ALA A 1 55  ? 4.279   1.239   0.229   1.00 9.72  ? 55  ALA A C   1 
ATOM   446  O  O   . ALA A 1 55  ? 5.129   0.761   -0.517  1.00 10.39 ? 55  ALA A O   1 
ATOM   447  C  CB  . ALA A 1 55  ? 4.887   2.941   1.974   1.00 9.23  ? 55  ALA A CB  1 
ATOM   448  N  N   . ALA A 1 56  ? 3.320   0.500   0.775   1.00 9.39  ? 56  ALA A N   1 
ATOM   449  C  CA  . ALA A 1 56  ? 3.238   -0.930  0.485   1.00 9.78  ? 56  ALA A CA  1 
ATOM   450  C  C   . ALA A 1 56  ? 3.006   -1.198  -1.006  1.00 9.83  ? 56  ALA A C   1 
ATOM   451  O  O   . ALA A 1 56  ? 3.589   -2.120  -1.561  1.00 10.05 ? 56  ALA A O   1 
ATOM   452  C  CB  . ALA A 1 56  ? 2.124   -1.567  1.318   1.00 10.10 ? 56  ALA A CB  1 
ATOM   453  N  N   . LYS A 1 57  ? 2.153   -0.397  -1.648  1.00 9.72  ? 57  LYS A N   1 
ATOM   454  C  CA  . LYS A 1 57  ? 1.880   -0.593  -3.066  1.00 10.49 ? 57  LYS A CA  1 
ATOM   455  C  C   . LYS A 1 57  ? 3.055   -0.163  -3.940  1.00 10.05 ? 57  LYS A C   1 
ATOM   456  O  O   . LYS A 1 57  ? 3.312   -0.793  -4.976  1.00 11.38 ? 57  LYS A O   1 
ATOM   457  C  CB  . LYS A 1 57  ? 0.582   0.124   -3.459  1.00 9.29  ? 57  LYS A CB  1 
ATOM   458  C  CG  . LYS A 1 57  ? -0.619  -0.475  -2.731  1.00 9.85  ? 57  LYS A CG  1 
ATOM   459  C  CD  . LYS A 1 57  ? -1.951  0.072   -3.219  1.00 10.42 ? 57  LYS A CD  1 
ATOM   460  C  CE  . LYS A 1 57  ? -3.071  -0.459  -2.335  1.00 10.41 ? 57  LYS A CE  1 
ATOM   461  N  NZ  . LYS A 1 57  ? -4.421  -0.222  -2.948  1.00 10.56 ? 57  LYS A NZ  1 
ATOM   462  N  N   . GLU A 1 58  ? 3.772   0.888   -3.547  1.00 10.76 ? 58  GLU A N   1 
ATOM   463  C  CA  . GLU A 1 58  ? 4.949   1.284   -4.323  1.00 10.03 ? 58  GLU A CA  1 
ATOM   464  C  C   . GLU A 1 58  ? 6.024   0.204   -4.144  1.00 10.19 ? 58  GLU A C   1 
ATOM   465  O  O   . GLU A 1 58  ? 6.733   -0.137  -5.091  1.00 11.04 ? 58  GLU A O   1 
ATOM   466  C  CB  . GLU A 1 58  ? 5.472   2.667   -3.899  1.00 10.79 ? 58  GLU A CB  1 
ATOM   467  C  CG  . GLU A 1 58  ? 4.544   3.814   -4.335  1.00 12.67 ? 58  GLU A CG  1 
ATOM   468  C  CD  . GLU A 1 58  ? 5.267   5.125   -4.618  1.00 14.43 ? 58  GLU A CD  1 
ATOM   469  O  OE1 . GLU A 1 58  ? 6.331   5.370   -4.023  1.00 12.52 ? 58  GLU A OE1 1 
ATOM   470  O  OE2 . GLU A 1 58  ? 4.758   5.934   -5.437  1.00 14.76 ? 58  GLU A OE2 1 
ATOM   471  N  N   . ALA A 1 59  ? 6.144   -0.343  -2.938  1.00 10.50 ? 59  ALA A N   1 
ATOM   472  C  CA  . ALA A 1 59  ? 7.115   -1.412  -2.714  1.00 10.19 ? 59  ALA A CA  1 
ATOM   473  C  C   . ALA A 1 59  ? 6.724   -2.629  -3.556  1.00 11.21 ? 59  ALA A C   1 
ATOM   474  O  O   . ALA A 1 59  ? 7.581   -3.268  -4.154  1.00 11.07 ? 59  ALA A O   1 
ATOM   475  C  CB  . ALA A 1 59  ? 7.189   -1.781  -1.220  1.00 9.73  ? 59  ALA A CB  1 
ATOM   476  N  N   . PHE A 1 60  ? 5.432   -2.944  -3.603  1.00 10.97 ? 60  PHE A N   1 
ATOM   477  C  CA  . PHE A 1 60  ? 4.979   -4.075  -4.405  1.00 11.41 ? 60  PHE A CA  1 
ATOM   478  C  C   . PHE A 1 60  ? 5.304   -3.862  -5.883  1.00 10.91 ? 60  PHE A C   1 
ATOM   479  O  O   . PHE A 1 60  ? 5.738   -4.796  -6.565  1.00 11.17 ? 60  PHE A O   1 
ATOM   480  C  CB  . PHE A 1 60  ? 3.460   -4.290  -4.275  1.00 11.35 ? 60  PHE A CB  1 
ATOM   481  C  CG  . PHE A 1 60  ? 2.939   -5.402  -5.160  1.00 11.93 ? 60  PHE A CG  1 
ATOM   482  C  CD1 . PHE A 1 60  ? 3.015   -6.733  -4.754  1.00 11.51 ? 60  PHE A CD1 1 
ATOM   483  C  CD2 . PHE A 1 60  ? 2.480   -5.118  -6.441  1.00 11.60 ? 60  PHE A CD2 1 
ATOM   484  C  CE1 . PHE A 1 60  ? 2.647   -7.770  -5.618  1.00 12.57 ? 60  PHE A CE1 1 
ATOM   485  C  CE2 . PHE A 1 60  ? 2.112   -6.142  -7.310  1.00 12.35 ? 60  PHE A CE2 1 
ATOM   486  C  CZ  . PHE A 1 60  ? 2.197   -7.463  -6.898  1.00 11.51 ? 60  PHE A CZ  1 
ATOM   487  N  N   . SER A 1 61  ? 5.089   -2.638  -6.375  1.00 11.07 ? 61  SER A N   1 
ATOM   488  C  CA  . SER A 1 61  ? 5.343   -2.333  -7.782  1.00 11.40 ? 61  SER A CA  1 
ATOM   489  C  C   . SER A 1 61  ? 6.813   -2.504  -8.145  1.00 12.17 ? 61  SER A C   1 
ATOM   490  O  O   . SER A 1 61  ? 7.141   -2.782  -9.297  1.00 11.91 ? 61  SER A O   1 
ATOM   491  C  CB  . SER A 1 61  ? 4.870   -0.917  -8.125  1.00 11.56 ? 61  SER A CB  1 
ATOM   492  O  OG  . SER A 1 61  ? 5.783   0.075   -7.693  1.00 12.07 ? 61  SER A OG  1 
ATOM   493  N  N   . LYS A 1 62  ? 7.699   -2.335  -7.165  1.00 11.76 ? 62  LYS A N   1 
ATOM   494  C  CA  . LYS A 1 62  ? 9.123   -2.523  -7.411  1.00 11.72 ? 62  LYS A CA  1 
ATOM   495  C  C   . LYS A 1 62  ? 9.440   -4.021  -7.448  1.00 11.87 ? 62  LYS A C   1 
ATOM   496  O  O   . LYS A 1 62  ? 10.234  -4.473  -8.278  1.00 12.36 ? 62  LYS A O   1 
ATOM   497  C  CB  . LYS A 1 62  ? 9.952   -1.811  -6.332  1.00 9.91  ? 62  LYS A CB  1 
ATOM   498  C  CG  . LYS A 1 62  ? 9.845   -0.262  -6.417  1.00 10.07 ? 62  LYS A CG  1 
ATOM   499  C  CD  . LYS A 1 62  ? 10.586  0.442   -5.251  1.00 8.91  ? 62  LYS A CD  1 
ATOM   500  C  CE  . LYS A 1 62  ? 10.318  1.948   -5.223  1.00 10.72 ? 62  LYS A CE  1 
ATOM   501  N  NZ  . LYS A 1 62  ? 11.006  2.626   -4.062  1.00 10.83 ? 62  LYS A NZ  1 
ATOM   502  N  N   . ALA A 1 63  ? 8.809   -4.788  -6.558  1.00 12.11 ? 63  ALA A N   1 
ATOM   503  C  CA  . ALA A 1 63  ? 9.032   -6.233  -6.517  1.00 12.83 ? 63  ALA A CA  1 
ATOM   504  C  C   . ALA A 1 63  ? 8.470   -6.865  -7.792  1.00 13.18 ? 63  ALA A C   1 
ATOM   505  O  O   . ALA A 1 63  ? 9.027   -7.835  -8.304  1.00 13.32 ? 63  ALA A O   1 
ATOM   506  C  CB  . ALA A 1 63  ? 8.361   -6.843  -5.276  1.00 11.67 ? 63  ALA A CB  1 
ATOM   507  N  N   . PHE A 1 64  ? 7.368   -6.303  -8.287  1.00 13.48 ? 64  PHE A N   1 
ATOM   508  C  CA  . PHE A 1 64  ? 6.687   -6.757  -9.503  1.00 14.82 ? 64  PHE A CA  1 
ATOM   509  C  C   . PHE A 1 64  ? 7.602   -6.470  -10.703 1.00 14.87 ? 64  PHE A C   1 
ATOM   510  O  O   . PHE A 1 64  ? 7.583   -7.191  -11.702 1.00 16.68 ? 64  PHE A O   1 
ATOM   511  C  CB  . PHE A 1 64  ? 5.354   -5.989  -9.617  1.00 14.97 ? 64  PHE A CB  1 
ATOM   512  C  CG  . PHE A 1 64  ? 4.420   -6.499  -10.677 1.00 17.08 ? 64  PHE A CG  1 
ATOM   513  C  CD1 . PHE A 1 64  ? 3.875   -7.774  -10.598 1.00 17.78 ? 64  PHE A CD1 1 
ATOM   514  C  CD2 . PHE A 1 64  ? 4.057   -5.681  -11.740 1.00 17.57 ? 64  PHE A CD2 1 
ATOM   515  C  CE1 . PHE A 1 64  ? 2.971   -8.228  -11.572 1.00 18.78 ? 64  PHE A CE1 1 
ATOM   516  C  CE2 . PHE A 1 64  ? 3.159   -6.125  -12.712 1.00 18.89 ? 64  PHE A CE2 1 
ATOM   517  C  CZ  . PHE A 1 64  ? 2.619   -7.398  -12.625 1.00 18.36 ? 64  PHE A CZ  1 
ATOM   518  N  N   . GLY A 1 65  ? 8.380   -5.395  -10.603 1.00 14.73 ? 65  GLY A N   1 
ATOM   519  C  CA  . GLY A 1 65  ? 9.330   -5.034  -11.646 1.00 14.56 ? 65  GLY A CA  1 
ATOM   520  C  C   . GLY A 1 65  ? 8.938   -3.958  -12.642 1.00 14.92 ? 65  GLY A C   1 
ATOM   521  O  O   . GLY A 1 65  ? 9.693   -3.672  -13.572 1.00 15.63 ? 65  GLY A O   1 
ATOM   522  N  N   . THR A 1 66  ? 7.789   -3.333  -12.443 1.00 16.03 ? 66  THR A N   1 
ATOM   523  C  CA  . THR A 1 66  ? 7.312   -2.314  -13.376 1.00 16.17 ? 66  THR A CA  1 
ATOM   524  C  C   . THR A 1 66  ? 7.088   -0.916  -12.816 1.00 15.80 ? 66  THR A C   1 
ATOM   525  O  O   . THR A 1 66  ? 7.047   0.057   -13.572 1.00 15.38 ? 66  THR A O   1 
ATOM   526  C  CB  . THR A 1 66  ? 5.967   -2.719  -13.977 1.00 17.57 ? 66  THR A CB  1 
ATOM   527  O  OG1 . THR A 1 66  ? 4.987   -2.775  -12.932 1.00 16.98 ? 66  THR A OG1 1 
ATOM   528  C  CG2 . THR A 1 66  ? 6.058   -4.086  -14.653 1.00 18.71 ? 66  THR A CG2 1 
ATOM   529  N  N   . GLY A 1 67  ? 6.936   -0.811  -11.502 1.00 15.62 ? 67  GLY A N   1 
ATOM   530  C  CA  . GLY A 1 67  ? 6.633   0.481   -10.919 1.00 15.38 ? 67  GLY A CA  1 
ATOM   531  C  C   . GLY A 1 67  ? 5.144   0.722   -11.150 1.00 15.61 ? 67  GLY A C   1 
ATOM   532  O  O   . GLY A 1 67  ? 4.473   -0.117  -11.757 1.00 15.25 ? 67  GLY A O   1 
ATOM   533  N  N   . ILE A 1 68  ? 4.619   1.847   -10.668 1.00 15.09 ? 68  ILE A N   1 
ATOM   534  C  CA  . ILE A 1 68  ? 3.209   2.174   -10.854 1.00 16.65 ? 68  ILE A CA  1 
ATOM   535  C  C   . ILE A 1 68  ? 3.080   2.972   -12.151 1.00 17.33 ? 68  ILE A C   1 
ATOM   536  O  O   . ILE A 1 68  ? 3.754   3.981   -12.333 1.00 18.29 ? 68  ILE A O   1 
ATOM   537  C  CB  . ILE A 1 68  ? 2.652   3.023   -9.673  1.00 15.30 ? 68  ILE A CB  1 
ATOM   538  C  CG1 . ILE A 1 68  ? 2.676   2.221   -8.362  1.00 14.84 ? 68  ILE A CG1 1 
ATOM   539  C  CG2 . ILE A 1 68  ? 1.226   3.481   -9.991  1.00 16.62 ? 68  ILE A CG2 1 
ATOM   540  C  CD1 . ILE A 1 68  ? 1.719   1.028   -8.330  1.00 15.16 ? 68  ILE A CD1 1 
ATOM   541  N  N   . GLY A 1 69  ? 2.218   2.508   -13.051 1.00 18.32 ? 69  GLY A N   1 
ATOM   542  C  CA  . GLY A 1 69  ? 2.035   3.180   -14.323 1.00 20.27 ? 69  GLY A CA  1 
ATOM   543  C  C   . GLY A 1 69  ? 1.139   2.389   -15.257 1.00 20.85 ? 69  GLY A C   1 
ATOM   544  O  O   . GLY A 1 69  ? 0.125   1.829   -14.833 1.00 20.98 ? 69  GLY A O   1 
ATOM   545  N  N   . ARG A 1 70  ? 1.523   2.326   -16.529 1.00 22.02 ? 70  ARG A N   1 
ATOM   546  C  CA  . ARG A 1 70  ? 0.732   1.629   -17.542 1.00 22.94 ? 70  ARG A CA  1 
ATOM   547  C  C   . ARG A 1 70  ? 0.503   0.140   -17.293 1.00 23.39 ? 70  ARG A C   1 
ATOM   548  O  O   . ARG A 1 70  ? -0.555  -0.388  -17.630 1.00 24.35 ? 70  ARG A O   1 
ATOM   549  C  CB  . ARG A 1 70  ? 1.365   1.823   -18.915 1.00 24.19 ? 70  ARG A CB  1 
ATOM   550  N  N   . GLN A 1 71  ? 1.486   -0.532  -16.700 1.00 22.46 ? 71  GLN A N   1 
ATOM   551  C  CA  . GLN A 1 71  ? 1.382   -1.966  -16.440 1.00 21.53 ? 71  GLN A CA  1 
ATOM   552  C  C   . GLN A 1 71  ? 0.820   -2.343  -15.070 1.00 20.50 ? 71  GLN A C   1 
ATOM   553  O  O   . GLN A 1 71  ? 0.487   -3.508  -14.836 1.00 20.08 ? 71  GLN A O   1 
ATOM   554  C  CB  . GLN A 1 71  ? 2.755   -2.624  -16.619 1.00 23.55 ? 71  GLN A CB  1 
ATOM   555  C  CG  . GLN A 1 71  ? 3.295   -2.565  -18.047 1.00 26.32 ? 71  GLN A CG  1 
ATOM   556  C  CD  . GLN A 1 71  ? 4.787   -2.841  -18.128 1.00 28.10 ? 71  GLN A CD  1 
ATOM   557  O  OE1 . GLN A 1 71  ? 5.607   -2.010  -17.732 1.00 29.41 ? 71  GLN A OE1 1 
ATOM   558  N  NE2 . GLN A 1 71  ? 5.147   -4.011  -18.647 1.00 29.15 ? 71  GLN A NE2 1 
ATOM   559  N  N   . LEU A 1 72  ? 0.698   -1.373  -14.167 1.00 18.34 ? 72  LEU A N   1 
ATOM   560  C  CA  . LEU A 1 72  ? 0.199   -1.670  -12.823 1.00 16.54 ? 72  LEU A CA  1 
ATOM   561  C  C   . LEU A 1 72  ? -0.389  -0.437  -12.139 1.00 15.95 ? 72  LEU A C   1 
ATOM   562  O  O   . LEU A 1 72  ? 0.274   0.588   -12.032 1.00 16.86 ? 72  LEU A O   1 
ATOM   563  C  CB  . LEU A 1 72  ? 1.348   -2.223  -11.961 1.00 16.42 ? 72  LEU A CB  1 
ATOM   564  C  CG  . LEU A 1 72  ? 1.003   -2.685  -10.537 1.00 15.69 ? 72  LEU A CG  1 
ATOM   565  C  CD1 . LEU A 1 72  ? 0.132   -3.931  -10.591 1.00 16.49 ? 72  LEU A CD1 1 
ATOM   566  C  CD2 . LEU A 1 72  ? 2.294   -2.976  -9.764  1.00 16.39 ? 72  LEU A CD2 1 
ATOM   567  N  N   . SER A 1 73  ? -1.629  -0.544  -11.671 1.00 15.85 ? 73  SER A N   1 
ATOM   568  C  CA  . SER A 1 73  ? -2.292  0.565   -10.987 1.00 15.02 ? 73  SER A CA  1 
ATOM   569  C  C   . SER A 1 73  ? -2.363  0.304   -9.489  1.00 13.98 ? 73  SER A C   1 
ATOM   570  O  O   . SER A 1 73  ? -2.279  -0.841  -9.050  1.00 14.35 ? 73  SER A O   1 
ATOM   571  C  CB  . SER A 1 73  ? -3.721  0.739   -11.520 1.00 16.69 ? 73  SER A CB  1 
ATOM   572  O  OG  . SER A 1 73  ? -4.534  1.506   -10.636 1.00 18.22 ? 73  SER A OG  1 
ATOM   573  N  N   . PHE A 1 74  ? -2.516  1.366   -8.702  1.00 13.59 ? 74  PHE A N   1 
ATOM   574  C  CA  . PHE A 1 74  ? -2.660  1.208   -7.258  1.00 12.78 ? 74  PHE A CA  1 
ATOM   575  C  C   . PHE A 1 74  ? -3.887  0.328   -6.991  1.00 13.25 ? 74  PHE A C   1 
ATOM   576  O  O   . PHE A 1 74  ? -3.933  -0.409  -6.014  1.00 13.15 ? 74  PHE A O   1 
ATOM   577  C  CB  . PHE A 1 74  ? -2.859  2.573   -6.581  1.00 12.70 ? 74  PHE A CB  1 
ATOM   578  C  CG  . PHE A 1 74  ? -1.584  3.350   -6.373  1.00 13.35 ? 74  PHE A CG  1 
ATOM   579  C  CD1 . PHE A 1 74  ? -0.624  2.904   -5.467  1.00 14.16 ? 74  PHE A CD1 1 
ATOM   580  C  CD2 . PHE A 1 74  ? -1.357  4.539   -7.059  1.00 15.36 ? 74  PHE A CD2 1 
ATOM   581  C  CE1 . PHE A 1 74  ? 0.543   3.629   -5.246  1.00 13.54 ? 74  PHE A CE1 1 
ATOM   582  C  CE2 . PHE A 1 74  ? -0.190  5.274   -6.846  1.00 14.73 ? 74  PHE A CE2 1 
ATOM   583  C  CZ  . PHE A 1 74  ? 0.761   4.814   -5.936  1.00 14.61 ? 74  PHE A CZ  1 
ATOM   584  N  N   . GLN A 1 75  ? -4.883  0.403   -7.872  1.00 13.41 ? 75  GLN A N   1 
ATOM   585  C  CA  . GLN A 1 75  ? -6.097  -0.397  -7.704  1.00 13.12 ? 75  GLN A CA  1 
ATOM   586  C  C   . GLN A 1 75  ? -5.923  -1.898  -7.956  1.00 13.39 ? 75  GLN A C   1 
ATOM   587  O  O   . GLN A 1 75  ? -6.810  -2.686  -7.614  1.00 14.75 ? 75  GLN A O   1 
ATOM   588  C  CB  . GLN A 1 75  ? -7.210  0.137   -8.615  1.00 13.58 ? 75  GLN A CB  1 
ATOM   589  C  CG  . GLN A 1 75  ? -7.694  1.523   -8.243  1.00 14.20 ? 75  GLN A CG  1 
ATOM   590  C  CD  . GLN A 1 75  ? -8.339  1.540   -6.873  1.00 15.83 ? 75  GLN A CD  1 
ATOM   591  O  OE1 . GLN A 1 75  ? -9.119  0.649   -6.541  1.00 17.10 ? 75  GLN A OE1 1 
ATOM   592  N  NE2 . GLN A 1 75  ? -8.023  2.551   -6.075  1.00 15.26 ? 75  GLN A NE2 1 
ATOM   593  N  N   . ASP A 1 76  ? -4.799  -2.298  -8.552  1.00 13.51 ? 76  ASP A N   1 
ATOM   594  C  CA  . ASP A 1 76  ? -4.539  -3.717  -8.821  1.00 13.36 ? 76  ASP A CA  1 
ATOM   595  C  C   . ASP A 1 76  ? -3.899  -4.430  -7.629  1.00 13.18 ? 76  ASP A C   1 
ATOM   596  O  O   . ASP A 1 76  ? -3.665  -5.645  -7.672  1.00 13.17 ? 76  ASP A O   1 
ATOM   597  C  CB  . ASP A 1 76  ? -3.584  -3.890  -10.007 1.00 14.98 ? 76  ASP A CB  1 
ATOM   598  C  CG  . ASP A 1 76  ? -4.105  -3.285  -11.292 1.00 15.83 ? 76  ASP A CG  1 
ATOM   599  O  OD1 . ASP A 1 76  ? -5.337  -3.249  -11.499 1.00 17.92 ? 76  ASP A OD1 1 
ATOM   600  O  OD2 . ASP A 1 76  ? -3.264  -2.868  -12.114 1.00 16.55 ? 76  ASP A OD2 1 
ATOM   601  N  N   . ILE A 1 77  ? -3.612  -3.672  -6.576  1.00 12.89 ? 77  ILE A N   1 
ATOM   602  C  CA  . ILE A 1 77  ? -2.937  -4.203  -5.397  1.00 12.84 ? 77  ILE A CA  1 
ATOM   603  C  C   . ILE A 1 77  ? -3.797  -4.016  -4.154  1.00 12.77 ? 77  ILE A C   1 
ATOM   604  O  O   . ILE A 1 77  ? -4.319  -2.923  -3.908  1.00 13.68 ? 77  ILE A O   1 
ATOM   605  C  CB  . ILE A 1 77  ? -1.605  -3.447  -5.185  1.00 11.96 ? 77  ILE A CB  1 
ATOM   606  C  CG1 . ILE A 1 77  ? -0.841  -3.338  -6.506  1.00 12.24 ? 77  ILE A CG1 1 
ATOM   607  C  CG2 . ILE A 1 77  ? -0.757  -4.153  -4.147  1.00 11.88 ? 77  ILE A CG2 1 
ATOM   608  C  CD1 . ILE A 1 77  ? 0.212   -2.216  -6.516  1.00 12.11 ? 77  ILE A CD1 1 
ATOM   609  N  N   . GLU A 1 78  ? -3.942  -5.070  -3.359  1.00 12.53 ? 78  GLU A N   1 
ATOM   610  C  CA  . GLU A 1 78  ? -4.742  -4.963  -2.149  1.00 12.16 ? 78  GLU A CA  1 
ATOM   611  C  C   . GLU A 1 78  ? -4.045  -5.515  -0.917  1.00 11.56 ? 78  GLU A C   1 
ATOM   612  O  O   . GLU A 1 78  ? -3.544  -6.636  -0.924  1.00 12.82 ? 78  GLU A O   1 
ATOM   613  C  CB  . GLU A 1 78  ? -6.076  -5.696  -2.338  1.00 12.59 ? 78  GLU A CB  1 
ATOM   614  C  CG  . GLU A 1 78  ? -7.084  -5.424  -1.238  1.00 13.40 ? 78  GLU A CG  1 
ATOM   615  C  CD  . GLU A 1 78  ? -8.463  -5.903  -1.622  1.00 14.46 ? 78  GLU A CD  1 
ATOM   616  O  OE1 . GLU A 1 78  ? -8.763  -7.097  -1.400  1.00 16.38 ? 78  GLU A OE1 1 
ATOM   617  O  OE2 . GLU A 1 78  ? -9.232  -5.084  -2.169  1.00 15.90 ? 78  GLU A OE2 1 
ATOM   618  N  N   . ILE A 1 79  ? -4.010  -4.716  0.141   1.00 11.82 ? 79  ILE A N   1 
ATOM   619  C  CA  . ILE A 1 79  ? -3.414  -5.161  1.394   1.00 12.32 ? 79  ILE A CA  1 
ATOM   620  C  C   . ILE A 1 79  ? -4.569  -5.707  2.234   1.00 12.37 ? 79  ILE A C   1 
ATOM   621  O  O   . ILE A 1 79  ? -5.566  -5.018  2.451   1.00 13.01 ? 79  ILE A O   1 
ATOM   622  C  CB  . ILE A 1 79  ? -2.741  -3.997  2.184   1.00 12.41 ? 79  ILE A CB  1 
ATOM   623  C  CG1 . ILE A 1 79  ? -1.411  -3.587  1.531   1.00 11.83 ? 79  ILE A CG1 1 
ATOM   624  C  CG2 . ILE A 1 79  ? -2.426  -4.454  3.619   1.00 12.50 ? 79  ILE A CG2 1 
ATOM   625  C  CD1 . ILE A 1 79  ? -1.551  -2.903  0.172   1.00 12.95 ? 79  ILE A CD1 1 
ATOM   626  N  N   . ARG A 1 80  ? -4.434  -6.955  2.667   1.00 12.18 ? 80  ARG A N   1 
ATOM   627  C  CA  . ARG A 1 80  ? -5.435  -7.600  3.512   1.00 13.15 ? 80  ARG A CA  1 
ATOM   628  C  C   . ARG A 1 80  ? -4.718  -7.975  4.809   1.00 13.09 ? 80  ARG A C   1 
ATOM   629  O  O   . ARG A 1 80  ? -3.496  -7.848  4.909   1.00 13.74 ? 80  ARG A O   1 
ATOM   630  C  CB  . ARG A 1 80  ? -5.985  -8.866  2.833   1.00 13.40 ? 80  ARG A CB  1 
ATOM   631  C  CG  . ARG A 1 80  ? -6.612  -8.620  1.450   1.00 14.66 ? 80  ARG A CG  1 
ATOM   632  C  CD  . ARG A 1 80  ? -7.229  -9.881  0.859   1.00 16.60 ? 80  ARG A CD  1 
ATOM   633  N  NE  . ARG A 1 80  ? -7.771  -9.631  -0.480  1.00 16.81 ? 80  ARG A NE  1 
ATOM   634  C  CZ  . ARG A 1 80  ? -8.294  -10.567 -1.268  1.00 18.53 ? 80  ARG A CZ  1 
ATOM   635  N  NH1 . ARG A 1 80  ? -8.761  -10.236 -2.465  1.00 18.94 ? 80  ARG A NH1 1 
ATOM   636  N  NH2 . ARG A 1 80  ? -8.356  -11.830 -0.868  1.00 17.96 ? 80  ARG A NH2 1 
ATOM   637  N  N   . LYS A 1 81  ? -5.458  -8.419  5.812   1.00 13.78 ? 81  LYS A N   1 
ATOM   638  C  CA  . LYS A 1 81  ? -4.817  -8.813  7.059   1.00 15.56 ? 81  LYS A CA  1 
ATOM   639  C  C   . LYS A 1 81  ? -5.488  -10.039 7.635   1.00 15.29 ? 81  LYS A C   1 
ATOM   640  O  O   . LYS A 1 81  ? -6.698  -10.245 7.449   1.00 15.96 ? 81  LYS A O   1 
ATOM   641  C  CB  . LYS A 1 81  ? -4.854  -7.667  8.077   1.00 17.86 ? 81  LYS A CB  1 
ATOM   642  C  CG  . LYS A 1 81  ? -6.230  -7.268  8.519   1.00 21.01 ? 81  LYS A CG  1 
ATOM   643  C  CD  . LYS A 1 81  ? -6.191  -6.069  9.467   1.00 23.45 ? 81  LYS A CD  1 
ATOM   644  C  CE  . LYS A 1 81  ? -7.596  -5.691  9.946   1.00 25.03 ? 81  LYS A CE  1 
ATOM   645  N  NZ  . LYS A 1 81  ? -7.595  -4.471  10.820  1.00 28.19 ? 81  LYS A NZ  1 
ATOM   646  N  N   . ASP A 1 82  ? -4.701  -10.865 8.316   1.00 14.49 ? 82  ASP A N   1 
ATOM   647  C  CA  . ASP A 1 82  ? -5.253  -12.062 8.924   1.00 13.96 ? 82  ASP A CA  1 
ATOM   648  C  C   . ASP A 1 82  ? -5.839  -11.750 10.296  1.00 14.59 ? 82  ASP A C   1 
ATOM   649  O  O   . ASP A 1 82  ? -5.851  -10.597 10.736  1.00 13.66 ? 82  ASP A O   1 
ATOM   650  C  CB  . ASP A 1 82  ? -4.210  -13.203 8.997   1.00 14.55 ? 82  ASP A CB  1 
ATOM   651  C  CG  . ASP A 1 82  ? -3.047  -12.922 9.951   1.00 14.41 ? 82  ASP A CG  1 
ATOM   652  O  OD1 . ASP A 1 82  ? -3.162  -12.085 10.862  1.00 13.41 ? 82  ASP A OD1 1 
ATOM   653  O  OD2 . ASP A 1 82  ? -1.999  -13.585 9.783   1.00 16.39 ? 82  ASP A OD2 1 
ATOM   654  N  N   . GLN A 1 83  ? -6.331  -12.780 10.969  1.00 16.21 ? 83  GLN A N   1 
ATOM   655  C  CA  . GLN A 1 83  ? -6.966  -12.607 12.268  1.00 18.34 ? 83  GLN A CA  1 
ATOM   656  C  C   . GLN A 1 83  ? -6.049  -12.076 13.364  1.00 18.31 ? 83  GLN A C   1 
ATOM   657  O  O   . GLN A 1 83  ? -6.522  -11.606 14.399  1.00 18.85 ? 83  GLN A O   1 
ATOM   658  C  CB  . GLN A 1 83  ? -7.619  -13.930 12.681  1.00 20.79 ? 83  GLN A CB  1 
ATOM   659  C  CG  . GLN A 1 83  ? -8.623  -14.405 11.626  1.00 25.58 ? 83  GLN A CG  1 
ATOM   660  C  CD  . GLN A 1 83  ? -9.066  -15.844 11.800  1.00 28.04 ? 83  GLN A CD  1 
ATOM   661  O  OE1 . GLN A 1 83  ? -9.729  -16.404 10.925  1.00 30.79 ? 83  GLN A OE1 1 
ATOM   662  N  NE2 . GLN A 1 83  ? -8.709  -16.452 12.931  1.00 29.51 ? 83  GLN A NE2 1 
ATOM   663  N  N   . ASN A 1 84  ? -4.743  -12.141 13.138  1.00 18.00 ? 84  ASN A N   1 
ATOM   664  C  CA  . ASN A 1 84  ? -3.785  -11.631 14.119  1.00 18.03 ? 84  ASN A CA  1 
ATOM   665  C  C   . ASN A 1 84  ? -3.365  -10.205 13.794  1.00 16.61 ? 84  ASN A C   1 
ATOM   666  O  O   . ASN A 1 84  ? -2.619  -9.594  14.556  1.00 16.49 ? 84  ASN A O   1 
ATOM   667  C  CB  . ASN A 1 84  ? -2.515  -12.484 14.170  1.00 19.80 ? 84  ASN A CB  1 
ATOM   668  C  CG  . ASN A 1 84  ? -2.757  -13.867 14.722  1.00 21.78 ? 84  ASN A CG  1 
ATOM   669  O  OD1 . ASN A 1 84  ? -3.366  -14.030 15.779  1.00 24.79 ? 84  ASN A OD1 1 
ATOM   670  N  ND2 . ASN A 1 84  ? -2.261  -14.874 14.020  1.00 23.27 ? 84  ASN A ND2 1 
ATOM   671  N  N   . GLY A 1 85  ? -3.828  -9.683  12.663  1.00 15.58 ? 85  GLY A N   1 
ATOM   672  C  CA  . GLY A 1 85  ? -3.461  -8.331  12.284  1.00 14.25 ? 85  GLY A CA  1 
ATOM   673  C  C   . GLY A 1 85  ? -2.268  -8.261  11.341  1.00 14.48 ? 85  GLY A C   1 
ATOM   674  O  O   . GLY A 1 85  ? -1.826  -7.168  10.984  1.00 14.65 ? 85  GLY A O   1 
ATOM   675  N  N   . LYS A 1 86  ? -1.745  -9.413  10.933  1.00 13.84 ? 86  LYS A N   1 
ATOM   676  C  CA  . LYS A 1 86  ? -0.603  -9.442  10.018  1.00 12.93 ? 86  LYS A CA  1 
ATOM   677  C  C   . LYS A 1 86  ? -1.059  -9.127  8.596   1.00 13.03 ? 86  LYS A C   1 
ATOM   678  O  O   . LYS A 1 86  ? -1.960  -9.779  8.069   1.00 12.98 ? 86  LYS A O   1 
ATOM   679  C  CB  . LYS A 1 86  ? 0.057   -10.824 10.015  1.00 13.87 ? 86  LYS A CB  1 
ATOM   680  C  CG  . LYS A 1 86  ? 1.232   -10.943 9.040   1.00 15.94 ? 86  LYS A CG  1 
ATOM   681  C  CD  . LYS A 1 86  ? 1.651   -12.398 8.863   1.00 19.84 ? 86  LYS A CD  1 
ATOM   682  C  CE  . LYS A 1 86  ? 2.791   -12.559 7.858   1.00 20.40 ? 86  LYS A CE  1 
ATOM   683  N  NZ  . LYS A 1 86  ? 4.106   -12.152 8.419   1.00 21.85 ? 86  LYS A NZ  1 
ATOM   684  N  N   . PRO A 1 87  ? -0.439  -8.126  7.956   1.00 11.91 ? 87  PRO A N   1 
ATOM   685  C  CA  . PRO A 1 87  ? -0.812  -7.765  6.590   1.00 11.87 ? 87  PRO A CA  1 
ATOM   686  C  C   . PRO A 1 87  ? -0.169  -8.678  5.562   1.00 11.68 ? 87  PRO A C   1 
ATOM   687  O  O   . PRO A 1 87  ? 0.881   -9.280  5.817   1.00 11.62 ? 87  PRO A O   1 
ATOM   688  C  CB  . PRO A 1 87  ? -0.291  -6.341  6.458   1.00 10.81 ? 87  PRO A CB  1 
ATOM   689  C  CG  . PRO A 1 87  ? 1.004   -6.406  7.245   1.00 11.34 ? 87  PRO A CG  1 
ATOM   690  C  CD  . PRO A 1 87  ? 0.607   -7.223  8.482   1.00 12.38 ? 87  PRO A CD  1 
ATOM   691  N  N   . TYR A 1 88  ? -0.828  -8.790  4.414   1.00 11.62 ? 88  TYR A N   1 
ATOM   692  C  CA  . TYR A 1 88  ? -0.325  -9.546  3.272   1.00 11.77 ? 88  TYR A CA  1 
ATOM   693  C  C   . TYR A 1 88  ? -0.965  -8.912  2.038   1.00 11.78 ? 88  TYR A C   1 
ATOM   694  O  O   . TYR A 1 88  ? -1.972  -8.215  2.136   1.00 11.93 ? 88  TYR A O   1 
ATOM   695  C  CB  . TYR A 1 88  ? -0.635  -11.052 3.395   1.00 13.03 ? 88  TYR A CB  1 
ATOM   696  C  CG  . TYR A 1 88  ? -2.095  -11.446 3.420   1.00 14.02 ? 88  TYR A CG  1 
ATOM   697  C  CD1 . TYR A 1 88  ? -2.778  -11.743 2.244   1.00 14.07 ? 88  TYR A CD1 1 
ATOM   698  C  CD2 . TYR A 1 88  ? -2.785  -11.553 4.630   1.00 14.32 ? 88  TYR A CD2 1 
ATOM   699  C  CE1 . TYR A 1 88  ? -4.118  -12.143 2.274   1.00 14.84 ? 88  TYR A CE1 1 
ATOM   700  C  CE2 . TYR A 1 88  ? -4.112  -11.952 4.673   1.00 15.51 ? 88  TYR A CE2 1 
ATOM   701  C  CZ  . TYR A 1 88  ? -4.777  -12.246 3.491   1.00 15.27 ? 88  TYR A CZ  1 
ATOM   702  O  OH  . TYR A 1 88  ? -6.099  -12.643 3.527   1.00 17.40 ? 88  TYR A OH  1 
ATOM   703  N  N   . ILE A 1 89  ? -0.360  -9.114  0.878   1.00 11.68 ? 89  ILE A N   1 
ATOM   704  C  CA  . ILE A 1 89  ? -0.890  -8.528  -0.345  1.00 12.44 ? 89  ILE A CA  1 
ATOM   705  C  C   . ILE A 1 89  ? -1.478  -9.535  -1.319  1.00 12.52 ? 89  ILE A C   1 
ATOM   706  O  O   . ILE A 1 89  ? -1.012  -10.673 -1.419  1.00 13.59 ? 89  ILE A O   1 
ATOM   707  C  CB  . ILE A 1 89  ? 0.228   -7.732  -1.077  1.00 11.85 ? 89  ILE A CB  1 
ATOM   708  C  CG1 . ILE A 1 89  ? 0.426   -6.373  -0.399  1.00 11.65 ? 89  ILE A CG1 1 
ATOM   709  C  CG2 . ILE A 1 89  ? -0.109  -7.534  -2.567  1.00 11.95 ? 89  ILE A CG2 1 
ATOM   710  C  CD1 . ILE A 1 89  ? 1.577   -5.556  -0.998  1.00 12.93 ? 89  ILE A CD1 1 
ATOM   711  N  N   . ILE A 1 90  ? -2.520  -9.101  -2.017  1.00 14.09 ? 90  ILE A N   1 
ATOM   712  C  CA  . ILE A 1 90  ? -3.142  -9.905  -3.061  1.00 14.07 ? 90  ILE A CA  1 
ATOM   713  C  C   . ILE A 1 90  ? -3.125  -9.041  -4.333  1.00 14.28 ? 90  ILE A C   1 
ATOM   714  O  O   . ILE A 1 90  ? -3.574  -7.894  -4.311  1.00 13.87 ? 90  ILE A O   1 
ATOM   715  C  CB  . ILE A 1 90  ? -4.613  -10.275 -2.734  1.00 14.62 ? 90  ILE A CB  1 
ATOM   716  C  CG1 . ILE A 1 90  ? -4.675  -11.217 -1.523  1.00 15.67 ? 90  ILE A CG1 1 
ATOM   717  C  CG2 . ILE A 1 90  ? -5.268  -10.932 -3.958  1.00 15.25 ? 90  ILE A CG2 1 
ATOM   718  C  CD1 . ILE A 1 90  ? -3.977  -12.548 -1.712  1.00 16.06 ? 90  ILE A CD1 1 
ATOM   719  N  N   . CYS A 1 91  ? -2.557  -9.581  -5.414  1.00 15.25 ? 91  CYS A N   1 
ATOM   720  C  CA  . CYS A 1 91  ? -2.510  -8.913  -6.717  1.00 15.44 ? 91  CYS A CA  1 
ATOM   721  C  C   . CYS A 1 91  ? -2.998  -9.974  -7.694  1.00 16.53 ? 91  CYS A C   1 
ATOM   722  O  O   . CYS A 1 91  ? -2.228  -10.812 -8.168  1.00 17.19 ? 91  CYS A O   1 
ATOM   723  C  CB  . CYS A 1 91  ? -1.084  -8.489  -7.088  1.00 15.30 ? 91  CYS A CB  1 
ATOM   724  S  SG  . CYS A 1 91  ? -0.969  -7.661  -8.707  1.00 14.62 ? 91  CYS A SG  1 
ATOM   725  N  N   . THR A 1 92  ? -4.289  -9.941  -7.972  1.00 17.43 ? 92  THR A N   1 
ATOM   726  C  CA  . THR A 1 92  ? -4.900  -10.921 -8.853  1.00 19.27 ? 92  THR A CA  1 
ATOM   727  C  C   . THR A 1 92  ? -4.233  -11.016 -10.227 1.00 19.66 ? 92  THR A C   1 
ATOM   728  O  O   . THR A 1 92  ? -4.156  -12.111 -10.800 1.00 19.81 ? 92  THR A O   1 
ATOM   729  C  CB  . THR A 1 92  ? -6.408  -10.633 -8.989  1.00 20.38 ? 92  THR A CB  1 
ATOM   730  O  OG1 . THR A 1 92  ? -7.017  -10.718 -7.689  1.00 22.97 ? 92  THR A OG1 1 
ATOM   731  C  CG2 . THR A 1 92  ? -7.067  -11.641 -9.912  1.00 21.13 ? 92  THR A CG2 1 
ATOM   732  N  N   . LYS A 1 93  ? -3.728  -9.891  -10.741 1.00 19.24 ? 93  LYS A N   1 
ATOM   733  C  CA  . LYS A 1 93  ? -3.053  -9.884  -12.045 1.00 20.40 ? 93  LYS A CA  1 
ATOM   734  C  C   . LYS A 1 93  ? -1.822  -10.779 -12.035 1.00 19.95 ? 93  LYS A C   1 
ATOM   735  O  O   . LYS A 1 93  ? -1.371  -11.236 -13.084 1.00 19.63 ? 93  LYS A O   1 
ATOM   736  C  CB  . LYS A 1 93  ? -2.608  -8.464  -12.435 1.00 21.00 ? 93  LYS A CB  1 
ATOM   737  C  CG  . LYS A 1 93  ? -3.716  -7.562  -12.940 1.00 23.04 ? 93  LYS A CG  1 
ATOM   738  C  CD  . LYS A 1 93  ? -3.156  -6.229  -13.401 1.00 23.13 ? 93  LYS A CD  1 
ATOM   739  C  CE  . LYS A 1 93  ? -4.255  -5.287  -13.874 1.00 25.70 ? 93  LYS A CE  1 
ATOM   740  N  NZ  . LYS A 1 93  ? -3.683  -4.048  -14.479 1.00 27.21 ? 93  LYS A NZ  1 
ATOM   741  N  N   . LEU A 1 94  ? -1.272  -11.015 -10.848 1.00 20.99 ? 94  LEU A N   1 
ATOM   742  C  CA  . LEU A 1 94  ? -0.080  -11.848 -10.693 1.00 22.26 ? 94  LEU A CA  1 
ATOM   743  C  C   . LEU A 1 94  ? -0.460  -13.311 -10.471 1.00 23.14 ? 94  LEU A C   1 
ATOM   744  O  O   . LEU A 1 94  ? -0.123  -14.186 -11.272 1.00 22.82 ? 94  LEU A O   1 
ATOM   745  C  CB  . LEU A 1 94  ? 0.747   -11.350 -9.507  1.00 23.41 ? 94  LEU A CB  1 
ATOM   746  C  CG  . LEU A 1 94  ? 2.048   -12.087 -9.177  1.00 24.26 ? 94  LEU A CG  1 
ATOM   747  C  CD1 . LEU A 1 94  ? 3.058   -11.907 -10.299 1.00 26.39 ? 94  LEU A CD1 1 
ATOM   748  C  CD2 . LEU A 1 94  ? 2.608   -11.538 -7.872  1.00 25.01 ? 94  LEU A CD2 1 
ATOM   749  N  N   . SER A 1 95  ? -1.152  -13.562 -9.368  1.00 23.89 ? 95  SER A N   1 
ATOM   750  C  CA  . SER A 1 95  ? -1.596  -14.900 -9.007  1.00 25.33 ? 95  SER A CA  1 
ATOM   751  C  C   . SER A 1 95  ? -2.482  -14.769 -7.769  1.00 25.56 ? 95  SER A C   1 
ATOM   752  O  O   . SER A 1 95  ? -2.600  -13.684 -7.194  1.00 24.02 ? 95  SER A O   1 
ATOM   753  C  CB  . SER A 1 95  ? -0.393  -15.813 -8.723  1.00 26.52 ? 95  SER A CB  1 
ATOM   754  O  OG  . SER A 1 95  ? 0.313   -15.429 -7.554  1.00 27.95 ? 95  SER A OG  1 
ATOM   755  N  N   . PRO A 1 96  ? -3.137  -15.863 -7.351  1.00 26.00 ? 96  PRO A N   1 
ATOM   756  C  CA  . PRO A 1 96  ? -4.004  -15.788 -6.171  1.00 25.75 ? 96  PRO A CA  1 
ATOM   757  C  C   . PRO A 1 96  ? -3.248  -15.905 -4.847  1.00 25.06 ? 96  PRO A C   1 
ATOM   758  O  O   . PRO A 1 96  ? -3.834  -15.729 -3.781  1.00 25.74 ? 96  PRO A O   1 
ATOM   759  C  CB  . PRO A 1 96  ? -4.965  -16.953 -6.388  1.00 26.31 ? 96  PRO A CB  1 
ATOM   760  C  CG  . PRO A 1 96  ? -4.082  -17.972 -7.038  1.00 26.75 ? 96  PRO A CG  1 
ATOM   761  C  CD  . PRO A 1 96  ? -3.317  -17.149 -8.055  1.00 26.52 ? 96  PRO A CD  1 
ATOM   762  N  N   . ALA A 1 97  ? -1.953  -16.194 -4.925  1.00 24.25 ? 97  ALA A N   1 
ATOM   763  C  CA  . ALA A 1 97  ? -1.120  -16.360 -3.737  1.00 23.20 ? 97  ALA A CA  1 
ATOM   764  C  C   . ALA A 1 97  ? -0.891  -15.084 -2.934  1.00 22.43 ? 97  ALA A C   1 
ATOM   765  O  O   . ALA A 1 97  ? -0.901  -13.978 -3.477  1.00 22.83 ? 97  ALA A O   1 
ATOM   766  C  CB  . ALA A 1 97  ? 0.221   -16.963 -4.126  1.00 24.01 ? 97  ALA A CB  1 
ATOM   767  N  N   . ALA A 1 98  ? -0.692  -15.253 -1.630  1.00 21.00 ? 98  ALA A N   1 
ATOM   768  C  CA  . ALA A 1 98  ? -0.437  -14.133 -0.736  1.00 19.60 ? 98  ALA A CA  1 
ATOM   769  C  C   . ALA A 1 98  ? 1.005   -13.690 -0.953  1.00 18.50 ? 98  ALA A C   1 
ATOM   770  O  O   . ALA A 1 98  ? 1.908   -14.523 -1.068  1.00 19.87 ? 98  ALA A O   1 
ATOM   771  C  CB  . ALA A 1 98  ? -0.646  -14.565 0.725   1.00 19.71 ? 98  ALA A CB  1 
ATOM   772  N  N   . VAL A 1 99  ? 1.210   -12.380 -1.027  1.00 15.98 ? 99  VAL A N   1 
ATOM   773  C  CA  . VAL A 1 99  ? 2.534   -11.803 -1.214  1.00 14.14 ? 99  VAL A CA  1 
ATOM   774  C  C   . VAL A 1 99  ? 2.969   -11.218 0.138   1.00 13.62 ? 99  VAL A C   1 
ATOM   775  O  O   . VAL A 1 99  ? 2.157   -10.630 0.847   1.00 14.19 ? 99  VAL A O   1 
ATOM   776  C  CB  . VAL A 1 99  ? 2.470   -10.712 -2.292  1.00 15.01 ? 99  VAL A CB  1 
ATOM   777  C  CG1 . VAL A 1 99  ? 3.739   -9.886  -2.294  1.00 15.26 ? 99  VAL A CG1 1 
ATOM   778  C  CG2 . VAL A 1 99  ? 2.244   -11.364 -3.651  1.00 14.69 ? 99  VAL A CG2 1 
ATOM   779  N  N   . HIS A 1 100 ? 4.237   -11.399 0.496   1.00 12.36 ? 100 HIS A N   1 
ATOM   780  C  CA  . HIS A 1 100 ? 4.766   -10.914 1.766   1.00 12.74 ? 100 HIS A CA  1 
ATOM   781  C  C   . HIS A 1 100 ? 4.910   -9.405  1.819   1.00 12.24 ? 100 HIS A C   1 
ATOM   782  O  O   . HIS A 1 100 ? 5.408   -8.794  0.881   1.00 12.33 ? 100 HIS A O   1 
ATOM   783  C  CB  . HIS A 1 100 ? 6.137   -11.530 2.029   1.00 13.48 ? 100 HIS A CB  1 
ATOM   784  C  CG  . HIS A 1 100 ? 6.110   -13.013 2.225   1.00 14.92 ? 100 HIS A CG  1 
ATOM   785  N  ND1 . HIS A 1 100 ? 5.718   -13.602 3.409   1.00 15.90 ? 100 HIS A ND1 1 
ATOM   786  C  CD2 . HIS A 1 100 ? 6.426   -14.027 1.385   1.00 15.96 ? 100 HIS A CD2 1 
ATOM   787  C  CE1 . HIS A 1 100 ? 5.792   -14.915 3.289   1.00 17.29 ? 100 HIS A CE1 1 
ATOM   788  N  NE2 . HIS A 1 100 ? 6.218   -15.199 2.071   1.00 15.85 ? 100 HIS A NE2 1 
ATOM   789  N  N   . VAL A 1 101 ? 4.476   -8.820  2.931   1.00 11.72 ? 101 VAL A N   1 
ATOM   790  C  CA  . VAL A 1 101 ? 4.600   -7.382  3.138   1.00 11.15 ? 101 VAL A CA  1 
ATOM   791  C  C   . VAL A 1 101 ? 4.721   -7.073  4.639   1.00 10.53 ? 101 VAL A C   1 
ATOM   792  O  O   . VAL A 1 101 ? 4.230   -7.835  5.475   1.00 10.71 ? 101 VAL A O   1 
ATOM   793  C  CB  . VAL A 1 101 ? 3.362   -6.612  2.559   1.00 11.69 ? 101 VAL A CB  1 
ATOM   794  C  CG1 . VAL A 1 101 ? 2.106   -6.955  3.358   1.00 12.75 ? 101 VAL A CG1 1 
ATOM   795  C  CG2 . VAL A 1 101 ? 3.619   -5.099  2.575   1.00 12.34 ? 101 VAL A CG2 1 
ATOM   796  N  N   . SER A 1 102 ? 5.436   -5.994  4.973   1.00 9.38  ? 102 SER A N   1 
ATOM   797  C  CA  . SER A 1 102 ? 5.541   -5.530  6.356   1.00 9.83  ? 102 SER A CA  1 
ATOM   798  C  C   . SER A 1 102 ? 5.537   -4.001  6.332   1.00 9.45  ? 102 SER A C   1 
ATOM   799  O  O   . SER A 1 102 ? 6.110   -3.400  5.431   1.00 10.30 ? 102 SER A O   1 
ATOM   800  C  CB  . SER A 1 102 ? 6.814   -6.034  7.049   1.00 10.13 ? 102 SER A CB  1 
ATOM   801  O  OG  . SER A 1 102 ? 6.777   -5.669  8.425   1.00 9.75  ? 102 SER A OG  1 
ATOM   802  N  N   . ILE A 1 103 ? 4.892   -3.386  7.322   1.00 9.23  ? 103 ILE A N   1 
ATOM   803  C  CA  . ILE A 1 103 ? 4.756   -1.933  7.409   1.00 9.67  ? 103 ILE A CA  1 
ATOM   804  C  C   . ILE A 1 103 ? 5.262   -1.427  8.750   1.00 9.74  ? 103 ILE A C   1 
ATOM   805  O  O   . ILE A 1 103 ? 5.140   -2.124  9.762   1.00 9.47  ? 103 ILE A O   1 
ATOM   806  C  CB  . ILE A 1 103 ? 3.263   -1.533  7.265   1.00 9.72  ? 103 ILE A CB  1 
ATOM   807  C  CG1 . ILE A 1 103 ? 2.753   -2.007  5.907   1.00 10.44 ? 103 ILE A CG1 1 
ATOM   808  C  CG2 . ILE A 1 103 ? 3.063   -0.006  7.470   1.00 8.94  ? 103 ILE A CG2 1 
ATOM   809  C  CD1 . ILE A 1 103 ? 1.231   -1.853  5.723   1.00 11.38 ? 103 ILE A CD1 1 
ATOM   810  N  N   . THR A 1 104 ? 5.846   -0.225  8.746   1.00 9.43  ? 104 THR A N   1 
ATOM   811  C  CA  . THR A 1 104 ? 6.332   0.404   9.979   1.00 9.07  ? 104 THR A CA  1 
ATOM   812  C  C   . THR A 1 104 ? 6.131   1.923   9.899   1.00 9.89  ? 104 THR A C   1 
ATOM   813  O  O   . THR A 1 104 ? 6.247   2.513   8.825   1.00 9.73  ? 104 THR A O   1 
ATOM   814  C  CB  . THR A 1 104 ? 7.831   0.063   10.235  1.00 9.49  ? 104 THR A CB  1 
ATOM   815  O  OG1 . THR A 1 104 ? 8.244   0.599   11.504  1.00 10.14 ? 104 THR A OG1 1 
ATOM   816  C  CG2 . THR A 1 104 ? 8.720   0.615   9.136   1.00 8.69  ? 104 THR A CG2 1 
ATOM   817  N  N   . HIS A 1 105 ? 5.831   2.547   11.035  1.00 10.13 ? 105 HIS A N   1 
ATOM   818  C  CA  . HIS A 1 105 ? 5.575   3.983   11.095  1.00 10.93 ? 105 HIS A CA  1 
ATOM   819  C  C   . HIS A 1 105 ? 6.533   4.766   11.993  1.00 11.03 ? 105 HIS A C   1 
ATOM   820  O  O   . HIS A 1 105 ? 7.000   4.259   13.016  1.00 12.54 ? 105 HIS A O   1 
ATOM   821  C  CB  . HIS A 1 105 ? 4.160   4.214   11.634  1.00 11.25 ? 105 HIS A CB  1 
ATOM   822  C  CG  . HIS A 1 105 ? 3.072   3.684   10.756  1.00 11.60 ? 105 HIS A CG  1 
ATOM   823  N  ND1 . HIS A 1 105 ? 2.510   4.428   9.744   1.00 11.93 ? 105 HIS A ND1 1 
ATOM   824  C  CD2 . HIS A 1 105 ? 2.435   2.488   10.744  1.00 13.08 ? 105 HIS A CD2 1 
ATOM   825  C  CE1 . HIS A 1 105 ? 1.574   3.716   9.141   1.00 11.86 ? 105 HIS A CE1 1 
ATOM   826  N  NE2 . HIS A 1 105 ? 1.510   2.533   9.729   1.00 12.18 ? 105 HIS A NE2 1 
ATOM   827  N  N   . THR A 1 106 ? 6.828   6.003   11.586  1.00 11.51 ? 106 THR A N   1 
ATOM   828  C  CA  . THR A 1 106 ? 7.636   6.919   12.394  1.00 11.59 ? 106 THR A CA  1 
ATOM   829  C  C   . THR A 1 106 ? 6.898   8.262   12.407  1.00 12.23 ? 106 THR A C   1 
ATOM   830  O  O   . THR A 1 106 ? 5.836   8.407   11.799  1.00 12.54 ? 106 THR A O   1 
ATOM   831  C  CB  . THR A 1 106 ? 9.073   7.183   11.842  1.00 11.24 ? 106 THR A CB  1 
ATOM   832  O  OG1 . THR A 1 106 ? 9.024   8.121   10.758  1.00 11.20 ? 106 THR A OG1 1 
ATOM   833  C  CG2 . THR A 1 106 ? 9.731   5.890   11.373  1.00 12.65 ? 106 THR A CG2 1 
ATOM   834  N  N   . LYS A 1 107 ? 7.478   9.240   13.097  1.00 12.39 ? 107 LYS A N   1 
ATOM   835  C  CA  . LYS A 1 107 ? 6.920   10.585  13.211  1.00 12.12 ? 107 LYS A CA  1 
ATOM   836  C  C   . LYS A 1 107 ? 6.720   11.307  11.877  1.00 12.43 ? 107 LYS A C   1 
ATOM   837  O  O   . LYS A 1 107 ? 5.846   12.183  11.757  1.00 14.30 ? 107 LYS A O   1 
ATOM   838  C  CB  . LYS A 1 107 ? 7.866   11.433  14.072  1.00 12.29 ? 107 LYS A CB  1 
ATOM   839  C  CG  . LYS A 1 107 ? 9.268   11.564  13.426  1.00 13.31 ? 107 LYS A CG  1 
ATOM   840  C  CD  . LYS A 1 107 ? 10.330  12.206  14.344  1.00 14.42 ? 107 LYS A CD  1 
ATOM   841  C  CE  . LYS A 1 107 ? 11.732  12.036  13.714  1.00 15.82 ? 107 LYS A CE  1 
ATOM   842  N  NZ  . LYS A 1 107 ? 12.866  12.538  14.570  1.00 18.55 ? 107 LYS A NZ  1 
ATOM   843  N  N   . GLU A 1 108 ? 7.521   10.951  10.878  1.00 11.38 ? 108 GLU A N   1 
ATOM   844  C  CA  . GLU A 1 108 ? 7.469   11.633  9.590   1.00 11.08 ? 108 GLU A CA  1 
ATOM   845  C  C   . GLU A 1 108 ? 7.268   10.730  8.383   1.00 10.37 ? 108 GLU A C   1 
ATOM   846  O  O   . GLU A 1 108 ? 6.983   11.223  7.294   1.00 10.85 ? 108 GLU A O   1 
ATOM   847  C  CB  . GLU A 1 108 ? 8.775   12.428  9.396   1.00 10.76 ? 108 GLU A CB  1 
ATOM   848  C  CG  . GLU A 1 108 ? 10.015  11.539  9.167   1.00 11.72 ? 108 GLU A CG  1 
ATOM   849  C  CD  . GLU A 1 108 ? 11.364  12.250  9.368   1.00 11.82 ? 108 GLU A CD  1 
ATOM   850  O  OE1 . GLU A 1 108 ? 11.540  13.402  8.925   1.00 12.16 ? 108 GLU A OE1 1 
ATOM   851  O  OE2 . GLU A 1 108 ? 12.285  11.636  9.956   1.00 11.39 ? 108 GLU A OE2 1 
ATOM   852  N  N   . TYR A 1 109 ? 7.400   9.418   8.575   1.00 10.03 ? 109 TYR A N   1 
ATOM   853  C  CA  . TYR A 1 109 ? 7.305   8.465   7.467   1.00 9.03  ? 109 TYR A CA  1 
ATOM   854  C  C   . TYR A 1 109 ? 6.398   7.268   7.719   1.00 9.01  ? 109 TYR A C   1 
ATOM   855  O  O   . TYR A 1 109 ? 6.086   6.933   8.857   1.00 9.80  ? 109 TYR A O   1 
ATOM   856  C  CB  . TYR A 1 109 ? 8.685   7.827   7.177   1.00 10.14 ? 109 TYR A CB  1 
ATOM   857  C  CG  . TYR A 1 109 ? 9.821   8.745   6.802   1.00 9.25  ? 109 TYR A CG  1 
ATOM   858  C  CD1 . TYR A 1 109 ? 9.701   9.633   5.740   1.00 9.05  ? 109 TYR A CD1 1 
ATOM   859  C  CD2 . TYR A 1 109 ? 11.040  8.693   7.484   1.00 10.49 ? 109 TYR A CD2 1 
ATOM   860  C  CE1 . TYR A 1 109 ? 10.762  10.452  5.357   1.00 10.07 ? 109 TYR A CE1 1 
ATOM   861  C  CE2 . TYR A 1 109 ? 12.106  9.507   7.110   1.00 10.01 ? 109 TYR A CE2 1 
ATOM   862  C  CZ  . TYR A 1 109 ? 11.956  10.383  6.041   1.00 11.02 ? 109 TYR A CZ  1 
ATOM   863  O  OH  . TYR A 1 109 ? 13.015  11.168  5.640   1.00 11.45 ? 109 TYR A OH  1 
ATOM   864  N  N   . ALA A 1 110 ? 6.005   6.627   6.624   1.00 9.15  ? 110 ALA A N   1 
ATOM   865  C  CA  . ALA A 1 110 ? 5.312   5.343   6.673   1.00 10.18 ? 110 ALA A CA  1 
ATOM   866  C  C   . ALA A 1 110 ? 6.182   4.539   5.689   1.00 8.99  ? 110 ALA A C   1 
ATOM   867  O  O   . ALA A 1 110 ? 6.364   4.949   4.541   1.00 10.23 ? 110 ALA A O   1 
ATOM   868  C  CB  . ALA A 1 110 ? 3.877   5.449   6.176   1.00 9.95  ? 110 ALA A CB  1 
ATOM   869  N  N   . ALA A 1 111 ? 6.750   3.424   6.148   1.00 9.06  ? 111 ALA A N   1 
ATOM   870  C  CA  . ALA A 1 111 ? 7.629   2.596   5.309   1.00 9.24  ? 111 ALA A CA  1 
ATOM   871  C  C   . ALA A 1 111 ? 7.109   1.174   5.162   1.00 9.10  ? 111 ALA A C   1 
ATOM   872  O  O   . ALA A 1 111 ? 6.407   0.669   6.036   1.00 9.14  ? 111 ALA A O   1 
ATOM   873  C  CB  . ALA A 1 111 ? 9.052   2.562   5.912   1.00 9.27  ? 111 ALA A CB  1 
ATOM   874  N  N   . ALA A 1 112 ? 7.463   0.531   4.053   1.00 9.52  ? 112 ALA A N   1 
ATOM   875  C  CA  . ALA A 1 112 ? 7.024   -0.840  3.808   1.00 9.40  ? 112 ALA A CA  1 
ATOM   876  C  C   . ALA A 1 112 ? 7.995   -1.595  2.924   1.00 9.11  ? 112 ALA A C   1 
ATOM   877  O  O   . ALA A 1 112 ? 8.786   -1.003  2.196   1.00 9.27  ? 112 ALA A O   1 
ATOM   878  C  CB  . ALA A 1 112 ? 5.649   -0.840  3.134   1.00 10.40 ? 112 ALA A CB  1 
ATOM   879  N  N   . GLN A 1 113 ? 7.936   -2.917  3.011   1.00 10.03 ? 113 GLN A N   1 
ATOM   880  C  CA  . GLN A 1 113 ? 8.746   -3.770  2.147   1.00 10.71 ? 113 GLN A CA  1 
ATOM   881  C  C   . GLN A 1 113 ? 7.891   -4.950  1.678   1.00 10.42 ? 113 GLN A C   1 
ATOM   882  O  O   . GLN A 1 113 ? 6.923   -5.338  2.339   1.00 11.38 ? 113 GLN A O   1 
ATOM   883  C  CB  . GLN A 1 113 ? 10.012  -4.270  2.854   1.00 12.50 ? 113 GLN A CB  1 
ATOM   884  C  CG  . GLN A 1 113 ? 9.755   -5.238  3.993   1.00 14.15 ? 113 GLN A CG  1 
ATOM   885  C  CD  . GLN A 1 113 ? 11.030  -5.704  4.668   1.00 16.57 ? 113 GLN A CD  1 
ATOM   886  O  OE1 . GLN A 1 113 ? 10.987  -6.527  5.580   1.00 17.95 ? 113 GLN A OE1 1 
ATOM   887  N  NE2 . GLN A 1 113 ? 12.171  -5.168  4.234   1.00 19.32 ? 113 GLN A NE2 1 
ATOM   888  N  N   . VAL A 1 114 ? 8.255   -5.508  0.528   1.00 10.88 ? 114 VAL A N   1 
ATOM   889  C  CA  . VAL A 1 114 ? 7.529   -6.620  -0.069  1.00 11.50 ? 114 VAL A CA  1 
ATOM   890  C  C   . VAL A 1 114 ? 8.474   -7.667  -0.646  1.00 11.78 ? 114 VAL A C   1 
ATOM   891  O  O   . VAL A 1 114 ? 9.563   -7.345  -1.118  1.00 11.30 ? 114 VAL A O   1 
ATOM   892  C  CB  . VAL A 1 114 ? 6.639   -6.111  -1.248  1.00 12.48 ? 114 VAL A CB  1 
ATOM   893  C  CG1 . VAL A 1 114 ? 6.109   -7.287  -2.079  1.00 12.51 ? 114 VAL A CG1 1 
ATOM   894  C  CG2 . VAL A 1 114 ? 5.498   -5.264  -0.712  1.00 11.66 ? 114 VAL A CG2 1 
ATOM   895  N  N   . VAL A 1 115 ? 8.053   -8.928  -0.575  1.00 12.16 ? 115 VAL A N   1 
ATOM   896  C  CA  . VAL A 1 115 ? 8.796   -10.020 -1.183  1.00 12.60 ? 115 VAL A CA  1 
ATOM   897  C  C   . VAL A 1 115 ? 7.778   -10.901 -1.901  1.00 12.96 ? 115 VAL A C   1 
ATOM   898  O  O   . VAL A 1 115 ? 6.822   -11.384 -1.289  1.00 13.15 ? 115 VAL A O   1 
ATOM   899  C  CB  . VAL A 1 115 ? 9.562   -10.889 -0.169  1.00 12.42 ? 115 VAL A CB  1 
ATOM   900  C  CG1 . VAL A 1 115 ? 10.204  -12.065 -0.896  1.00 14.70 ? 115 VAL A CG1 1 
ATOM   901  C  CG2 . VAL A 1 115 ? 10.634  -10.067 0.546   1.00 12.57 ? 115 VAL A CG2 1 
ATOM   902  N  N   . ILE A 1 116 ? 7.974   -11.080 -3.206  1.00 13.59 ? 116 ILE A N   1 
ATOM   903  C  CA  . ILE A 1 116 ? 7.095   -11.925 -4.024  1.00 15.01 ? 116 ILE A CA  1 
ATOM   904  C  C   . ILE A 1 116 ? 7.867   -13.211 -4.305  1.00 16.45 ? 116 ILE A C   1 
ATOM   905  O  O   . ILE A 1 116 ? 8.984   -13.156 -4.833  1.00 16.35 ? 116 ILE A O   1 
ATOM   906  C  CB  . ILE A 1 116 ? 6.788   -11.289 -5.398  1.00 15.13 ? 116 ILE A CB  1 
ATOM   907  C  CG1 . ILE A 1 116 ? 6.018   -9.974  -5.232  1.00 14.74 ? 116 ILE A CG1 1 
ATOM   908  C  CG2 . ILE A 1 116 ? 5.977   -12.278 -6.258  1.00 15.76 ? 116 ILE A CG2 1 
ATOM   909  C  CD1 . ILE A 1 116 ? 5.788   -9.249  -6.556  1.00 15.57 ? 116 ILE A CD1 1 
ATOM   910  N  N   . GLU A 1 117 ? 7.282   -14.358 -3.973  1.00 18.81 ? 117 GLU A N   1 
ATOM   911  C  CA  . GLU A 1 117 ? 7.962   -15.632 -4.222  1.00 21.39 ? 117 GLU A CA  1 
ATOM   912  C  C   . GLU A 1 117 ? 7.603   -16.174 -5.600  1.00 23.33 ? 117 GLU A C   1 
ATOM   913  O  O   . GLU A 1 117 ? 6.596   -15.785 -6.182  1.00 23.55 ? 117 GLU A O   1 
ATOM   914  C  CB  . GLU A 1 117 ? 7.587   -16.661 -3.152  1.00 22.18 ? 117 GLU A CB  1 
ATOM   915  C  CG  . GLU A 1 117 ? 7.898   -16.211 -1.735  1.00 23.46 ? 117 GLU A CG  1 
ATOM   916  C  CD  . GLU A 1 117 ? 7.743   -17.319 -0.711  1.00 24.48 ? 117 GLU A CD  1 
ATOM   917  O  OE1 . GLU A 1 117 ? 8.643   -18.181 -0.621  1.00 25.10 ? 117 GLU A OE1 1 
ATOM   918  O  OE2 . GLU A 1 117 ? 6.720   -17.330 0.002   1.00 25.49 ? 117 GLU A OE2 1 
ATOM   919  N  N   . ARG A 1 118 ? 8.432   -17.068 -6.129  1.00 25.38 ? 118 ARG A N   1 
ATOM   920  C  CA  . ARG A 1 118 ? 8.164   -17.642 -7.444  1.00 27.43 ? 118 ARG A CA  1 
ATOM   921  C  C   . ARG A 1 118 ? 6.833   -18.386 -7.436  1.00 28.57 ? 118 ARG A C   1 
ATOM   922  O  O   . ARG A 1 118 ? 6.443   -18.876 -6.354  1.00 29.57 ? 118 ARG A O   1 
ATOM   923  C  CB  . ARG A 1 118 ? 9.288   -18.588 -7.835  1.00 27.34 ? 118 ARG A CB  1 
HETATM 924  CA CA  . CA  B 2 .   ? 8.318   6.096   -2.935  1.00 11.64 ? 130 CA  A CA  1 
HETATM 925  CL CL  . CL  C 3 .   ? 6.644   10.264  -0.529  1.00 16.02 ? 131 CL  A CL  1 
HETATM 926  CA CA  . CA  D 2 .   ? 14.074  13.316  9.810   0.33 1.00  ? 132 CA  A CA  1 
HETATM 927  N  N1A . COA E 4 .   ? 2.015   -9.366  12.389  1.00 13.13 ? 133 COA A N1A 1 
HETATM 928  C  C2A . COA E 4 .   ? 2.728   -8.557  11.462  1.00 12.29 ? 133 COA A C2A 1 
HETATM 929  N  N3A . COA E 4 .   ? 2.543   -7.184  11.318  1.00 13.13 ? 133 COA A N3A 1 
HETATM 930  C  C4A . COA E 4 .   ? 1.608   -6.643  12.151  1.00 12.87 ? 133 COA A C4A 1 
HETATM 931  C  C5A . COA E 4 .   ? 0.798   -7.330  13.153  1.00 12.68 ? 133 COA A C5A 1 
HETATM 932  C  C6A . COA E 4 .   ? 1.039   -8.810  13.258  1.00 13.32 ? 133 COA A C6A 1 
HETATM 933  N  N6A . COA E 4 .   ? 0.384   -9.551  14.106  1.00 13.97 ? 133 COA A N6A 1 
HETATM 934  N  N7A . COA E 4 .   ? -0.031  -6.495  13.805  1.00 13.45 ? 133 COA A N7A 1 
HETATM 935  C  C8A . COA E 4 .   ? 0.203   -5.291  13.267  1.00 14.05 ? 133 COA A C8A 1 
HETATM 936  N  N9A . COA E 4 .   ? 1.188   -5.310  12.252  1.00 12.82 ? 133 COA A N9A 1 
HETATM 937  C  C1B . COA E 4 .   ? 1.891   -4.236  11.265  1.00 12.92 ? 133 COA A C1B 1 
HETATM 938  C  C2B . COA E 4 .   ? 0.788   -3.431  10.682  1.00 12.61 ? 133 COA A C2B 1 
HETATM 939  O  O2B . COA E 4 .   ? 0.714   -3.357  9.285   1.00 13.09 ? 133 COA A O2B 1 
HETATM 940  C  C3B . COA E 4 .   ? 0.848   -2.091  11.348  1.00 12.95 ? 133 COA A C3B 1 
HETATM 941  O  O3B . COA E 4 .   ? 0.751   -0.757  10.565  1.00 12.93 ? 133 COA A O3B 1 
HETATM 942  P  P3B . COA E 4 .   ? -0.767  -0.425  9.996   1.00 13.47 ? 133 COA A P3B 1 
HETATM 943  O  O7A . COA E 4 .   ? -1.284  -1.576  9.041   1.00 13.51 ? 133 COA A O7A 1 
HETATM 944  O  O8A . COA E 4 .   ? -0.658  0.927   9.206   1.00 13.28 ? 133 COA A O8A 1 
HETATM 945  O  O9A . COA E 4 .   ? -1.682  -0.261  11.294  1.00 14.44 ? 133 COA A O9A 1 
HETATM 946  C  C4B . COA E 4 .   ? 2.389   -2.021  11.832  1.00 13.08 ? 133 COA A C4B 1 
HETATM 947  O  O4B . COA E 4 .   ? 2.547   -3.457  12.289  1.00 12.26 ? 133 COA A O4B 1 
HETATM 948  C  C5B . COA E 4 .   ? 2.756   -0.800  12.580  1.00 14.58 ? 133 COA A C5B 1 
HETATM 949  O  O5B . COA E 4 .   ? 4.116   -1.188  13.049  1.00 13.48 ? 133 COA A O5B 1 
HETATM 950  P  P1A . COA E 4 .   ? 4.839   0.010   13.915  1.00 12.56 ? 133 COA A P1A 1 
HETATM 951  O  O1A . COA E 4 .   ? 4.644   1.298   13.223  1.00 13.21 ? 133 COA A O1A 1 
HETATM 952  O  O2A . COA E 4 .   ? 6.258   -0.353  14.123  1.00 15.04 ? 133 COA A O2A 1 
HETATM 953  O  O3A . COA E 4 .   ? 3.995   0.131   15.171  1.00 16.52 ? 133 COA A O3A 1 
HETATM 954  P  P2A . COA E 4 .   ? 3.984   -0.385  16.704  1.00 22.65 ? 133 COA A P2A 1 
HETATM 955  O  O4A . COA E 4 .   ? 5.176   0.028   17.413  1.00 23.91 ? 133 COA A O4A 1 
HETATM 956  O  O5A . COA E 4 .   ? 2.773   0.159   17.396  1.00 25.17 ? 133 COA A O5A 1 
HETATM 957  O  O6A . COA E 4 .   ? 3.773   -1.975  16.529  1.00 23.32 ? 133 COA A O6A 1 
HETATM 958  C  CBP . COA E 4 .   ? 4.325   -4.353  16.900  1.00 25.32 ? 133 COA A CBP 1 
HETATM 959  C  CCP . COA E 4 .   ? 4.839   -2.896  16.525  1.00 24.46 ? 133 COA A CCP 1 
HETATM 960  C  CDP . COA E 4 .   ? 3.547   -4.978  15.677  1.00 25.05 ? 133 COA A CDP 1 
HETATM 961  C  CEP . COA E 4 .   ? 5.618   -5.102  17.202  1.00 25.09 ? 133 COA A CEP 1 
HETATM 962  C  CAP . COA E 4 .   ? 3.266   -4.322  18.180  1.00 26.37 ? 133 COA A CAP 1 
HETATM 963  O  OAP . COA E 4 .   ? 2.811   -5.677  18.503  1.00 26.75 ? 133 COA A OAP 1 
HETATM 964  C  C9P . COA E 4 .   ? 3.848   -3.724  19.505  1.00 27.72 ? 133 COA A C9P 1 
HETATM 965  O  O9P . COA E 4 .   ? 4.165   -2.422  19.577  1.00 28.04 ? 133 COA A O9P 1 
HETATM 966  N  N8P . COA E 4 .   ? 4.009   -4.537  20.508  1.00 30.34 ? 133 COA A N8P 1 
HETATM 967  C  C7P . COA E 4 .   ? 3.896   -4.141  21.917  1.00 32.23 ? 133 COA A C7P 1 
HETATM 968  C  C6P . COA E 4 .   ? 5.285   -3.761  22.451  1.00 33.78 ? 133 COA A C6P 1 
HETATM 969  C  C5P . COA E 4 .   ? 5.208   -2.601  23.443  1.00 34.86 ? 133 COA A C5P 1 
HETATM 970  O  O5P . COA E 4 .   ? 4.078   -2.081  23.861  1.00 36.24 ? 133 COA A O5P 1 
HETATM 971  N  N4P . COA E 4 .   ? 6.391   -2.174  23.839  1.00 34.84 ? 133 COA A N4P 1 
HETATM 972  C  C3P . COA E 4 .   ? 6.595   -1.023  24.823  1.00 34.67 ? 133 COA A C3P 1 
HETATM 973  C  C2P . COA E 4 .   ? 8.074   -0.851  25.021  1.00 34.47 ? 133 COA A C2P 1 
HETATM 974  S  S1P . COA E 4 .   ? 8.803   -2.104  26.171  1.00 33.46 ? 133 COA A S1P 1 
HETATM 975  O  O   . HOH F 5 .   ? 1.298   18.009  -2.695  1.00 24.49 ? 134 HOH A O   1 
HETATM 976  O  O   . HOH F 5 .   ? 8.538   8.446   -3.682  1.00 23.58 ? 135 HOH A O   1 
HETATM 977  O  O   . HOH F 5 .   ? 5.228   -11.883 5.748   1.00 13.40 ? 136 HOH A O   1 
HETATM 978  O  O   . HOH F 5 .   ? 9.994   7.034   -1.419  1.00 12.56 ? 137 HOH A O   1 
HETATM 979  O  O   . HOH F 5 .   ? 4.529   -8.958  7.999   1.00 13.42 ? 138 HOH A O   1 
HETATM 980  O  O   . HOH F 5 .   ? 3.423   6.939   9.648   1.00 14.25 ? 139 HOH A O   1 
HETATM 981  O  O   . HOH F 5 .   ? 4.275   -6.398  9.132   1.00 10.54 ? 140 HOH A O   1 
HETATM 982  O  O   . HOH F 5 .   ? 6.342   13.870  6.860   1.00 14.13 ? 141 HOH A O   1 
HETATM 983  O  O   . HOH F 5 .   ? -0.287  -14.272 11.736  1.00 16.00 ? 142 HOH A O   1 
HETATM 984  O  O   . HOH F 5 .   ? 6.698   7.411   -1.586  1.00 12.10 ? 143 HOH A O   1 
HETATM 985  O  O   . HOH F 5 .   ? -2.426  3.961   -10.217 1.00 18.90 ? 144 HOH A O   1 
HETATM 986  O  O   . HOH F 5 .   ? 5.710   8.481   -5.211  1.00 20.43 ? 145 HOH A O   1 
HETATM 987  O  O   . HOH F 5 .   ? -0.685  1.597   6.564   1.00 13.06 ? 146 HOH A O   1 
HETATM 988  O  O   . HOH F 5 .   ? -11.766 -4.367  -2.633  1.00 17.37 ? 147 HOH A O   1 
HETATM 989  O  O   . HOH F 5 .   ? -5.740  -7.727  -6.140  1.00 16.78 ? 148 HOH A O   1 
HETATM 990  O  O   . HOH F 5 .   ? -8.313  -4.977  2.560   1.00 19.74 ? 149 HOH A O   1 
HETATM 991  O  O   . HOH F 5 .   ? 2.903   -10.655 4.711   1.00 12.90 ? 150 HOH A O   1 
HETATM 992  O  O   . HOH F 5 .   ? -9.175  -5.729  -4.926  1.00 18.93 ? 151 HOH A O   1 
HETATM 993  O  O   . HOH F 5 .   ? -7.475  -13.676 1.405   1.00 19.34 ? 152 HOH A O   1 
HETATM 994  O  O   . HOH F 5 .   ? -19.475 2.244   -0.879  1.00 22.07 ? 153 HOH A O   1 
HETATM 995  O  O   . HOH F 5 .   ? 12.727  14.573  11.369  1.00 14.90 ? 154 HOH A O   1 
HETATM 996  O  O   . HOH F 5 .   ? 10.473  -8.360  -10.649 1.00 23.19 ? 155 HOH A O   1 
HETATM 997  O  O   . HOH F 5 .   ? 1.124   18.262  4.703   1.00 24.82 ? 156 HOH A O   1 
HETATM 998  O  O   . HOH F 5 .   ? 3.009   7.854   12.336  1.00 18.79 ? 157 HOH A O   1 
HETATM 999  O  O   . HOH F 5 .   ? 4.623   -14.324 -2.771  1.00 22.45 ? 158 HOH A O   1 
HETATM 1000 O  O   . HOH F 5 .   ? -5.719  -2.807  4.116   1.00 15.49 ? 159 HOH A O   1 
HETATM 1001 O  O   . HOH F 5 .   ? -4.825  16.467  4.373   1.00 21.01 ? 160 HOH A O   1 
HETATM 1002 O  O   . HOH F 5 .   ? -7.052  -5.275  -6.716  1.00 18.21 ? 161 HOH A O   1 
HETATM 1003 O  O   . HOH F 5 .   ? 10.553  12.516  1.656   1.00 18.49 ? 162 HOH A O   1 
HETATM 1004 O  O   . HOH F 5 .   ? -1.274  -12.123 -5.328  1.00 18.35 ? 163 HOH A O   1 
HETATM 1005 O  O   . HOH F 5 .   ? 2.454   -13.292 3.983   1.00 20.48 ? 164 HOH A O   1 
HETATM 1006 O  O   . HOH F 5 .   ? -1.597  -15.749 7.852   1.00 24.33 ? 165 HOH A O   1 
HETATM 1007 O  O   . HOH F 5 .   ? -3.414  -3.195  9.445   1.00 27.42 ? 166 HOH A O   1 
HETATM 1008 O  O   . HOH F 5 .   ? -6.442  12.659  6.751   1.00 24.32 ? 167 HOH A O   1 
HETATM 1009 O  O   . HOH F 5 .   ? 11.491  -6.813  0.732   1.00 20.38 ? 168 HOH A O   1 
HETATM 1010 O  O   . HOH F 5 .   ? -8.578  -8.009  5.322   1.00 23.75 ? 169 HOH A O   1 
HETATM 1011 O  O   . HOH F 5 .   ? -20.762 -2.899  -3.905  1.00 20.66 ? 170 HOH A O   1 
HETATM 1012 O  O   . HOH F 5 .   ? -8.105  -8.311  -4.666  1.00 19.80 ? 171 HOH A O   1 
HETATM 1013 O  O   . HOH F 5 .   ? -6.873  13.970  13.598  1.00 20.80 ? 172 HOH A O   1 
HETATM 1014 O  O   . HOH F 5 .   ? -1.785  3.174   9.977   1.00 26.24 ? 173 HOH A O   1 
HETATM 1015 O  O   . HOH F 5 .   ? -15.833 0.222   0.521   1.00 28.51 ? 174 HOH A O   1 
HETATM 1016 O  O   . HOH F 5 .   ? -5.839  -2.070  9.202   1.00 24.92 ? 175 HOH A O   1 
HETATM 1017 O  O   . HOH F 5 .   ? -2.440  -2.397  12.919  1.00 27.30 ? 176 HOH A O   1 
HETATM 1018 O  O   . HOH F 5 .   ? -4.611  -7.299  -9.882  1.00 21.12 ? 177 HOH A O   1 
HETATM 1019 O  O   . HOH F 5 .   ? -1.332  -6.821  16.222  1.00 26.54 ? 178 HOH A O   1 
HETATM 1020 O  O   . HOH F 5 .   ? 3.637   3.425   15.030  1.00 23.02 ? 179 HOH A O   1 
HETATM 1021 O  O   . HOH F 5 .   ? -3.156  15.046  -5.406  1.00 34.53 ? 180 HOH A O   1 
HETATM 1022 O  O   . HOH F 5 .   ? -18.532 0.015   6.772   1.00 21.86 ? 181 HOH A O   1 
HETATM 1023 O  O   . HOH F 5 .   ? 3.410   0.205   -14.606 1.00 23.96 ? 182 HOH A O   1 
HETATM 1024 O  O   . HOH F 5 .   ? -2.621  -5.333  -16.921 1.00 30.68 ? 183 HOH A O   1 
HETATM 1025 O  O   . HOH F 5 .   ? -8.867  6.597   14.652  1.00 27.55 ? 184 HOH A O   1 
HETATM 1026 O  O   . HOH F 5 .   ? -9.890  14.297  -6.453  1.00 32.84 ? 185 HOH A O   1 
HETATM 1027 O  O   . HOH F 5 .   ? -16.381 1.604   7.438   1.00 31.03 ? 186 HOH A O   1 
HETATM 1028 O  O   . HOH F 5 .   ? 4.580   13.342  14.019  1.00 25.57 ? 187 HOH A O   1 
HETATM 1029 O  O   . HOH F 5 .   ? 9.679   10.067  0.611   1.00 16.31 ? 188 HOH A O   1 
HETATM 1030 O  O   . HOH F 5 .   ? -9.389  17.400  -0.067  1.00 35.32 ? 189 HOH A O   1 
HETATM 1031 O  O   . HOH F 5 .   ? 10.747  -18.863 -1.941  1.00 42.03 ? 190 HOH A O   1 
HETATM 1032 O  O   . HOH F 5 .   ? 4.105   -16.718 -5.362  1.00 41.42 ? 191 HOH A O   1 
HETATM 1033 O  O   . HOH F 5 .   ? 4.298   -0.038  20.255  1.00 21.92 ? 192 HOH A O   1 
HETATM 1034 O  O   . HOH F 5 .   ? -6.125  10.380  16.036  1.00 23.56 ? 193 HOH A O   1 
HETATM 1035 O  O   . HOH F 5 .   ? -5.597  13.377  15.940  1.00 20.64 ? 194 HOH A O   1 
HETATM 1036 O  O   . HOH F 5 .   ? -0.408  -2.378  14.899  1.00 25.38 ? 195 HOH A O   1 
HETATM 1037 O  O   . HOH F 5 .   ? 1.882   5.727   13.786  1.00 23.49 ? 196 HOH A O   1 
HETATM 1038 O  O   . HOH F 5 .   ? -20.017 -3.679  -1.081  1.00 21.83 ? 197 HOH A O   1 
HETATM 1039 O  O   . HOH F 5 .   ? -5.831  10.958  4.498   1.00 24.39 ? 198 HOH A O   1 
HETATM 1040 O  O   . HOH F 5 .   ? -5.403  15.871  12.126  1.00 22.87 ? 199 HOH A O   1 
HETATM 1041 O  O   . HOH F 5 .   ? 1.513   -15.858 10.620  1.00 26.90 ? 200 HOH A O   1 
HETATM 1042 O  O   . HOH F 5 .   ? -14.805 -4.668  -1.446  1.00 33.63 ? 201 HOH A O   1 
HETATM 1043 O  O   . HOH F 5 .   ? 9.750   15.263  11.789  1.00 31.25 ? 202 HOH A O   1 
HETATM 1044 O  O   . HOH F 5 .   ? 7.154   5.370   18.130  1.00 28.65 ? 203 HOH A O   1 
HETATM 1045 O  O   . HOH F 5 .   ? -3.576  12.198  4.385   1.00 32.45 ? 204 HOH A O   1 
HETATM 1046 O  O   . HOH F 5 .   ? -1.470  21.274  0.185   1.00 26.38 ? 205 HOH A O   1 
HETATM 1047 O  O   . HOH F 5 .   ? -16.736 1.378   2.662   1.00 29.41 ? 206 HOH A O   1 
HETATM 1048 O  O   . HOH F 5 .   ? -0.694  6.637   -10.096 1.00 26.05 ? 207 HOH A O   1 
HETATM 1049 O  O   . HOH F 5 .   ? -0.265  6.999   15.376  1.00 28.27 ? 208 HOH A O   1 
HETATM 1050 O  O   . HOH F 5 .   ? -9.167  -9.869  -6.318  1.00 33.92 ? 209 HOH A O   1 
HETATM 1051 O  O   . HOH F 5 .   ? -11.029 13.169  12.738  1.00 30.50 ? 210 HOH A O   1 
HETATM 1052 O  O   . HOH F 5 .   ? -3.895  21.148  1.209   1.00 35.09 ? 211 HOH A O   1 
HETATM 1053 O  O   . HOH F 5 .   ? -3.778  4.349   10.986  1.00 23.81 ? 212 HOH A O   1 
HETATM 1054 O  O   . HOH F 5 .   ? -0.178  4.200   12.201  1.00 26.57 ? 213 HOH A O   1 
HETATM 1055 O  O   . HOH F 5 .   ? 6.168   4.336   15.754  1.00 26.62 ? 214 HOH A O   1 
HETATM 1056 O  O   . HOH F 5 .   ? 0.283   -14.158 5.215   1.00 35.64 ? 215 HOH A O   1 
HETATM 1057 O  O   . HOH F 5 .   ? -4.402  14.549  6.242   1.00 26.51 ? 216 HOH A O   1 
HETATM 1058 O  O   . HOH F 5 .   ? -6.161  -1.675  -13.414 1.00 31.56 ? 217 HOH A O   1 
HETATM 1059 O  O   . HOH F 5 .   ? 8.429   0.833   -18.520 1.00 35.96 ? 218 HOH A O   1 
HETATM 1060 O  O   . HOH F 5 .   ? -2.342  1.047   -15.296 1.00 39.76 ? 219 HOH A O   1 
HETATM 1061 O  O   . HOH F 5 .   ? -1.106  13.433  -8.336  1.00 34.99 ? 220 HOH A O   1 
HETATM 1062 O  O   . HOH F 5 .   ? -7.668  -6.543  -9.019  1.00 31.59 ? 221 HOH A O   1 
HETATM 1063 O  O   . HOH F 5 .   ? -7.443  16.166  3.894   1.00 34.76 ? 222 HOH A O   1 
HETATM 1064 O  O   . HOH F 5 .   ? 2.219   10.310  12.920  1.00 31.45 ? 223 HOH A O   1 
HETATM 1065 O  O   . HOH F 5 .   ? 8.456   -0.023  -16.070 1.00 29.99 ? 224 HOH A O   1 
HETATM 1066 O  O   . HOH F 5 .   ? 6.127   15.484  9.162   1.00 28.61 ? 225 HOH A O   1 
HETATM 1067 O  O   . HOH F 5 .   ? 3.171   15.082  10.092  1.00 32.97 ? 226 HOH A O   1 
HETATM 1068 O  O   . HOH F 5 .   ? 1.378   14.604  7.967   1.00 27.88 ? 227 HOH A O   1 
HETATM 1069 O  O   . HOH F 5 .   ? -2.884  14.976  8.685   1.00 34.32 ? 228 HOH A O   1 
HETATM 1070 O  O   . HOH F 5 .   ? -9.068  13.995  0.103   1.00 31.02 ? 229 HOH A O   1 
HETATM 1071 O  O   . HOH F 5 .   ? -3.658  8.664   16.793  1.00 15.69 ? 230 HOH A O   1 
HETATM 1072 O  O   . HOH F 5 .   ? -2.965  -4.800  11.427  1.00 25.84 ? 231 HOH A O   1 
# 
loop_
_pdbx_poly_seq_scheme.asym_id 
_pdbx_poly_seq_scheme.entity_id 
_pdbx_poly_seq_scheme.seq_id 
_pdbx_poly_seq_scheme.mon_id 
_pdbx_poly_seq_scheme.ndb_seq_num 
_pdbx_poly_seq_scheme.pdb_seq_num 
_pdbx_poly_seq_scheme.auth_seq_num 
_pdbx_poly_seq_scheme.pdb_mon_id 
_pdbx_poly_seq_scheme.auth_mon_id 
_pdbx_poly_seq_scheme.pdb_strand_id 
_pdbx_poly_seq_scheme.pdb_ins_code 
_pdbx_poly_seq_scheme.hetero 
A 1 1   GLY 1   1   1   GLY GLY A . n 
A 1 2   ILE 2   2   2   ILE ILE A . n 
A 1 3   TYR 3   3   3   TYR TYR A . n 
A 1 4   GLY 4   4   4   GLY GLY A . n 
A 1 5   ILE 5   5   5   ILE ILE A . n 
A 1 6   GLY 6   6   6   GLY GLY A . n 
A 1 7   LEU 7   7   7   LEU LEU A . n 
A 1 8   ASP 8   8   8   ASP ASP A . n 
A 1 9   ILE 9   9   9   ILE ILE A . n 
A 1 10  THR 10  10  10  THR THR A . n 
A 1 11  GLU 11  11  11  GLU GLU A . n 
A 1 12  LEU 12  12  12  LEU LEU A . n 
A 1 13  LYS 13  13  13  LYS LYS A . n 
A 1 14  ARG 14  14  14  ARG ARG A . n 
A 1 15  ILE 15  15  15  ILE ILE A . n 
A 1 16  ALA 16  16  16  ALA ALA A . n 
A 1 17  SER 17  17  17  SER SER A . n 
A 1 18  MET 18  18  18  MET MET A . n 
A 1 19  ALA 19  19  19  ALA ALA A . n 
A 1 20  GLY 20  20  20  GLY GLY A . n 
A 1 21  ARG 21  21  21  ARG ARG A . n 
A 1 22  GLN 22  22  22  GLN GLN A . n 
A 1 23  LYS 23  23  23  LYS LYS A . n 
A 1 24  ARG 24  24  24  ARG ARG A . n 
A 1 25  PHE 25  25  25  PHE PHE A . n 
A 1 26  ALA 26  26  26  ALA ALA A . n 
A 1 27  GLU 27  27  27  GLU GLU A . n 
A 1 28  ARG 28  28  28  ARG ARG A . n 
A 1 29  ILE 29  29  29  ILE ILE A . n 
A 1 30  LEU 30  30  30  LEU LEU A . n 
A 1 31  THR 31  31  31  THR THR A . n 
A 1 32  ARG 32  32  32  ARG ARG A . n 
A 1 33  SER 33  33  33  SER SER A . n 
A 1 34  GLU 34  34  34  GLU GLU A . n 
A 1 35  LEU 35  35  35  LEU LEU A . n 
A 1 36  ASP 36  36  36  ASP ASP A . n 
A 1 37  GLN 37  37  37  GLN GLN A . n 
A 1 38  TYR 38  38  38  TYR TYR A . n 
A 1 39  TYR 39  39  39  TYR TYR A . n 
A 1 40  GLU 40  40  40  GLU GLU A . n 
A 1 41  LEU 41  41  41  LEU LEU A . n 
A 1 42  SER 42  42  42  SER SER A . n 
A 1 43  GLU 43  43  43  GLU GLU A . n 
A 1 44  LYS 44  44  44  LYS LYS A . n 
A 1 45  ARG 45  45  45  ARG ARG A . n 
A 1 46  LYS 46  46  46  LYS LYS A . n 
A 1 47  ASN 47  47  47  ASN ASN A . n 
A 1 48  GLU 48  48  48  GLU GLU A . n 
A 1 49  PHE 49  49  49  PHE PHE A . n 
A 1 50  LEU 50  50  50  LEU LEU A . n 
A 1 51  ALA 51  51  51  ALA ALA A . n 
A 1 52  GLY 52  52  52  GLY GLY A . n 
A 1 53  ARG 53  53  53  ARG ARG A . n 
A 1 54  PHE 54  54  54  PHE PHE A . n 
A 1 55  ALA 55  55  55  ALA ALA A . n 
A 1 56  ALA 56  56  56  ALA ALA A . n 
A 1 57  LYS 57  57  57  LYS LYS A . n 
A 1 58  GLU 58  58  58  GLU GLU A . n 
A 1 59  ALA 59  59  59  ALA ALA A . n 
A 1 60  PHE 60  60  60  PHE PHE A . n 
A 1 61  SER 61  61  61  SER SER A . n 
A 1 62  LYS 62  62  62  LYS LYS A . n 
A 1 63  ALA 63  63  63  ALA ALA A . n 
A 1 64  PHE 64  64  64  PHE PHE A . n 
A 1 65  GLY 65  65  65  GLY GLY A . n 
A 1 66  THR 66  66  66  THR THR A . n 
A 1 67  GLY 67  67  67  GLY GLY A . n 
A 1 68  ILE 68  68  68  ILE ILE A . n 
A 1 69  GLY 69  69  69  GLY GLY A . n 
A 1 70  ARG 70  70  70  ARG ARG A . n 
A 1 71  GLN 71  71  71  GLN GLN A . n 
A 1 72  LEU 72  72  72  LEU LEU A . n 
A 1 73  SER 73  73  73  SER SER A . n 
A 1 74  PHE 74  74  74  PHE PHE A . n 
A 1 75  GLN 75  75  75  GLN GLN A . n 
A 1 76  ASP 76  76  76  ASP ASP A . n 
A 1 77  ILE 77  77  77  ILE ILE A . n 
A 1 78  GLU 78  78  78  GLU GLU A . n 
A 1 79  ILE 79  79  79  ILE ILE A . n 
A 1 80  ARG 80  80  80  ARG ARG A . n 
A 1 81  LYS 81  81  81  LYS LYS A . n 
A 1 82  ASP 82  82  82  ASP ASP A . n 
A 1 83  GLN 83  83  83  GLN GLN A . n 
A 1 84  ASN 84  84  84  ASN ASN A . n 
A 1 85  GLY 85  85  85  GLY GLY A . n 
A 1 86  LYS 86  86  86  LYS LYS A . n 
A 1 87  PRO 87  87  87  PRO PRO A . n 
A 1 88  TYR 88  88  88  TYR TYR A . n 
A 1 89  ILE 89  89  89  ILE ILE A . n 
A 1 90  ILE 90  90  90  ILE ILE A . n 
A 1 91  CYS 91  91  91  CYS CYS A . n 
A 1 92  THR 92  92  92  THR THR A . n 
A 1 93  LYS 93  93  93  LYS LYS A . n 
A 1 94  LEU 94  94  94  LEU LEU A . n 
A 1 95  SER 95  95  95  SER SER A . n 
A 1 96  PRO 96  96  96  PRO PRO A . n 
A 1 97  ALA 97  97  97  ALA ALA A . n 
A 1 98  ALA 98  98  98  ALA ALA A . n 
A 1 99  VAL 99  99  99  VAL VAL A . n 
A 1 100 HIS 100 100 100 HIS HIS A . n 
A 1 101 VAL 101 101 101 VAL VAL A . n 
A 1 102 SER 102 102 102 SER SER A . n 
A 1 103 ILE 103 103 103 ILE ILE A . n 
A 1 104 THR 104 104 104 THR THR A . n 
A 1 105 HIS 105 105 105 HIS HIS A . n 
A 1 106 THR 106 106 106 THR THR A . n 
A 1 107 LYS 107 107 107 LYS LYS A . n 
A 1 108 GLU 108 108 108 GLU GLU A . n 
A 1 109 TYR 109 109 109 TYR TYR A . n 
A 1 110 ALA 110 110 110 ALA ALA A . n 
A 1 111 ALA 111 111 111 ALA ALA A . n 
A 1 112 ALA 112 112 112 ALA ALA A . n 
A 1 113 GLN 113 113 113 GLN GLN A . n 
A 1 114 VAL 114 114 114 VAL VAL A . n 
A 1 115 VAL 115 115 115 VAL VAL A . n 
A 1 116 ILE 116 116 116 ILE ILE A . n 
A 1 117 GLU 117 117 117 GLU GLU A . n 
A 1 118 ARG 118 118 118 ARG ARG A . n 
A 1 119 LEU 119 119 ?   ?   ?   A . n 
A 1 120 SER 120 120 ?   ?   ?   A . n 
A 1 121 SER 121 121 ?   ?   ?   A . n 
# 
loop_
_pdbx_nonpoly_scheme.asym_id 
_pdbx_nonpoly_scheme.entity_id 
_pdbx_nonpoly_scheme.mon_id 
_pdbx_nonpoly_scheme.ndb_seq_num 
_pdbx_nonpoly_scheme.pdb_seq_num 
_pdbx_nonpoly_scheme.auth_seq_num 
_pdbx_nonpoly_scheme.pdb_mon_id 
_pdbx_nonpoly_scheme.auth_mon_id 
_pdbx_nonpoly_scheme.pdb_strand_id 
_pdbx_nonpoly_scheme.pdb_ins_code 
B 2 CA  1  130 1   CA  CA2 A . 
C 3 CL  1  131 2   CL  CL1 A . 
D 2 CA  1  132 3   CA  CA2 A . 
E 4 COA 1  133 120 COA COA A . 
F 5 HOH 1  134 1   HOH HOH A . 
F 5 HOH 2  135 2   HOH HOH A . 
F 5 HOH 3  136 3   HOH HOH A . 
F 5 HOH 4  137 4   HOH HOH A . 
F 5 HOH 5  138 5   HOH HOH A . 
F 5 HOH 6  139 6   HOH HOH A . 
F 5 HOH 7  140 7   HOH HOH A . 
F 5 HOH 8  141 8   HOH HOH A . 
F 5 HOH 9  142 9   HOH HOH A . 
F 5 HOH 10 143 10  HOH HOH A . 
F 5 HOH 11 144 11  HOH HOH A . 
F 5 HOH 12 145 12  HOH HOH A . 
F 5 HOH 13 146 13  HOH HOH A . 
F 5 HOH 14 147 14  HOH HOH A . 
F 5 HOH 15 148 15  HOH HOH A . 
F 5 HOH 16 149 16  HOH HOH A . 
F 5 HOH 17 150 17  HOH HOH A . 
F 5 HOH 18 151 18  HOH HOH A . 
F 5 HOH 19 152 19  HOH HOH A . 
F 5 HOH 20 153 20  HOH HOH A . 
F 5 HOH 21 154 21  HOH HOH A . 
F 5 HOH 22 155 22  HOH HOH A . 
F 5 HOH 23 156 23  HOH HOH A . 
F 5 HOH 24 157 24  HOH HOH A . 
F 5 HOH 25 158 25  HOH HOH A . 
F 5 HOH 26 159 26  HOH HOH A . 
F 5 HOH 27 160 27  HOH HOH A . 
F 5 HOH 28 161 28  HOH HOH A . 
F 5 HOH 29 162 29  HOH HOH A . 
F 5 HOH 30 163 30  HOH HOH A . 
F 5 HOH 31 164 31  HOH HOH A . 
F 5 HOH 32 165 32  HOH HOH A . 
F 5 HOH 33 166 33  HOH HOH A . 
F 5 HOH 34 167 34  HOH HOH A . 
F 5 HOH 35 168 35  HOH HOH A . 
F 5 HOH 36 169 36  HOH HOH A . 
F 5 HOH 37 170 37  HOH HOH A . 
F 5 HOH 38 171 38  HOH HOH A . 
F 5 HOH 39 172 39  HOH HOH A . 
F 5 HOH 40 173 40  HOH HOH A . 
F 5 HOH 41 174 41  HOH HOH A . 
F 5 HOH 42 175 42  HOH HOH A . 
F 5 HOH 43 176 43  HOH HOH A . 
F 5 HOH 44 177 44  HOH HOH A . 
F 5 HOH 45 178 45  HOH HOH A . 
F 5 HOH 46 179 46  HOH HOH A . 
F 5 HOH 47 180 47  HOH HOH A . 
F 5 HOH 48 181 48  HOH HOH A . 
F 5 HOH 49 182 49  HOH HOH A . 
F 5 HOH 50 183 50  HOH HOH A . 
F 5 HOH 51 184 51  HOH HOH A . 
F 5 HOH 52 185 52  HOH HOH A . 
F 5 HOH 53 186 53  HOH HOH A . 
F 5 HOH 54 187 54  HOH HOH A . 
F 5 HOH 55 188 55  HOH HOH A . 
F 5 HOH 56 189 56  HOH HOH A . 
F 5 HOH 57 190 57  HOH HOH A . 
F 5 HOH 58 191 58  HOH HOH A . 
F 5 HOH 59 192 59  HOH HOH A . 
F 5 HOH 60 193 60  HOH HOH A . 
F 5 HOH 61 194 61  HOH HOH A . 
F 5 HOH 62 195 62  HOH HOH A . 
F 5 HOH 63 196 63  HOH HOH A . 
F 5 HOH 64 197 64  HOH HOH A . 
F 5 HOH 65 198 65  HOH HOH A . 
F 5 HOH 66 199 66  HOH HOH A . 
F 5 HOH 67 200 67  HOH HOH A . 
F 5 HOH 68 201 68  HOH HOH A . 
F 5 HOH 69 202 69  HOH HOH A . 
F 5 HOH 70 203 70  HOH HOH A . 
F 5 HOH 71 204 71  HOH HOH A . 
F 5 HOH 72 205 72  HOH HOH A . 
F 5 HOH 73 206 73  HOH HOH A . 
F 5 HOH 74 207 74  HOH HOH A . 
F 5 HOH 75 208 75  HOH HOH A . 
F 5 HOH 76 209 76  HOH HOH A . 
F 5 HOH 77 210 77  HOH HOH A . 
F 5 HOH 78 211 78  HOH HOH A . 
F 5 HOH 79 212 79  HOH HOH A . 
F 5 HOH 80 213 80  HOH HOH A . 
F 5 HOH 81 214 81  HOH HOH A . 
F 5 HOH 82 215 82  HOH HOH A . 
F 5 HOH 83 216 83  HOH HOH A . 
F 5 HOH 84 217 84  HOH HOH A . 
F 5 HOH 85 218 85  HOH HOH A . 
F 5 HOH 86 219 86  HOH HOH A . 
F 5 HOH 87 220 87  HOH HOH A . 
F 5 HOH 88 221 88  HOH HOH A . 
F 5 HOH 89 222 89  HOH HOH A . 
F 5 HOH 90 223 90  HOH HOH A . 
F 5 HOH 91 224 91  HOH HOH A . 
F 5 HOH 92 225 92  HOH HOH A . 
F 5 HOH 93 226 93  HOH HOH A . 
F 5 HOH 94 227 94  HOH HOH A . 
F 5 HOH 95 228 95  HOH HOH A . 
F 5 HOH 96 229 96  HOH HOH A . 
F 5 HOH 97 230 97  HOH HOH A . 
F 5 HOH 98 231 98  HOH HOH A . 
# 
_pdbx_struct_assembly.id                   1 
_pdbx_struct_assembly.details              author_and_software_defined_assembly 
_pdbx_struct_assembly.method_details       PISA,PQS 
_pdbx_struct_assembly.oligomeric_details   trimeric 
_pdbx_struct_assembly.oligomeric_count     3 
# 
_pdbx_struct_assembly_gen.assembly_id       1 
_pdbx_struct_assembly_gen.oper_expression   1,2,3 
_pdbx_struct_assembly_gen.asym_id_list      A,B,C,D,E,F 
# 
loop_
_pdbx_struct_assembly_prop.biol_id 
_pdbx_struct_assembly_prop.type 
_pdbx_struct_assembly_prop.value 
_pdbx_struct_assembly_prop.details 
1 'ABSA (A^2)' 8730  ? 
1 MORE         -78   ? 
1 'SSA (A^2)'  16410 ? 
# 
loop_
_pdbx_struct_oper_list.id 
_pdbx_struct_oper_list.type 
_pdbx_struct_oper_list.name 
_pdbx_struct_oper_list.symmetry_operation 
_pdbx_struct_oper_list.matrix[1][1] 
_pdbx_struct_oper_list.matrix[1][2] 
_pdbx_struct_oper_list.matrix[1][3] 
_pdbx_struct_oper_list.vector[1] 
_pdbx_struct_oper_list.matrix[2][1] 
_pdbx_struct_oper_list.matrix[2][2] 
_pdbx_struct_oper_list.matrix[2][3] 
_pdbx_struct_oper_list.vector[2] 
_pdbx_struct_oper_list.matrix[3][1] 
_pdbx_struct_oper_list.matrix[3][2] 
_pdbx_struct_oper_list.matrix[3][3] 
_pdbx_struct_oper_list.vector[3] 
1 'identity operation'         1_555 x,y,z     1.0000000000  0.0000000000  0.0000000000  0.0000000000  0.0000000000  1.0000000000 0.0000000000 0.0000000000  0.0000000000  0.0000000000 1.0000000000  0.0000000000  
2 'crystal symmetry operation' 2_555 -y,x-y,z  -0.4991742657 -0.2386708518 0.8329833594  16.1051624436 0.3054742093  0.8511273420 0.4269282787 -6.5051447519 -0.8108702485 0.4675665431 -0.3519530762 18.4491609651 
3 'crystal symmetry operation' 3_555 -x+y,-x,z -0.4991742657 0.3054742093  -0.8108702485 24.9863123228 -0.2386708518 0.8511273420 0.4675665431 0.7543289847  0.8329833594  0.4269282787 -0.3519530762 -4.1448631077 
# 
_pdbx_struct_special_symmetry.id              1 
_pdbx_struct_special_symmetry.PDB_model_num   1 
_pdbx_struct_special_symmetry.auth_asym_id    A 
_pdbx_struct_special_symmetry.auth_comp_id    CA 
_pdbx_struct_special_symmetry.auth_seq_id     132 
_pdbx_struct_special_symmetry.PDB_ins_code    ? 
_pdbx_struct_special_symmetry.label_asym_id   D 
_pdbx_struct_special_symmetry.label_comp_id   CA 
_pdbx_struct_special_symmetry.label_seq_id    . 
# 
loop_
_pdbx_struct_conn_angle.id 
_pdbx_struct_conn_angle.ptnr1_label_atom_id 
_pdbx_struct_conn_angle.ptnr1_label_alt_id 
_pdbx_struct_conn_angle.ptnr1_label_asym_id 
_pdbx_struct_conn_angle.ptnr1_label_comp_id 
_pdbx_struct_conn_angle.ptnr1_label_seq_id 
_pdbx_struct_conn_angle.ptnr1_auth_atom_id 
_pdbx_struct_conn_angle.ptnr1_auth_asym_id 
_pdbx_struct_conn_angle.ptnr1_auth_comp_id 
_pdbx_struct_conn_angle.ptnr1_auth_seq_id 
_pdbx_struct_conn_angle.ptnr1_PDB_ins_code 
_pdbx_struct_conn_angle.ptnr1_symmetry 
_pdbx_struct_conn_angle.ptnr2_label_atom_id 
_pdbx_struct_conn_angle.ptnr2_label_alt_id 
_pdbx_struct_conn_angle.ptnr2_label_asym_id 
_pdbx_struct_conn_angle.ptnr2_label_comp_id 
_pdbx_struct_conn_angle.ptnr2_label_seq_id 
_pdbx_struct_conn_angle.ptnr2_auth_atom_id 
_pdbx_struct_conn_angle.ptnr2_auth_asym_id 
_pdbx_struct_conn_angle.ptnr2_auth_comp_id 
_pdbx_struct_conn_angle.ptnr2_auth_seq_id 
_pdbx_struct_conn_angle.ptnr2_PDB_ins_code 
_pdbx_struct_conn_angle.ptnr2_symmetry 
_pdbx_struct_conn_angle.ptnr3_label_atom_id 
_pdbx_struct_conn_angle.ptnr3_label_alt_id 
_pdbx_struct_conn_angle.ptnr3_label_asym_id 
_pdbx_struct_conn_angle.ptnr3_label_comp_id 
_pdbx_struct_conn_angle.ptnr3_label_seq_id 
_pdbx_struct_conn_angle.ptnr3_auth_atom_id 
_pdbx_struct_conn_angle.ptnr3_auth_asym_id 
_pdbx_struct_conn_angle.ptnr3_auth_comp_id 
_pdbx_struct_conn_angle.ptnr3_auth_seq_id 
_pdbx_struct_conn_angle.ptnr3_PDB_ins_code 
_pdbx_struct_conn_angle.ptnr3_symmetry 
_pdbx_struct_conn_angle.value 
_pdbx_struct_conn_angle.value_esd 
1  OD1 ? A ASP 8   ? A ASP 8   ? 1_555 CA ? B CA . ? A CA 130 ? 1_555 OD2 ? A ASP 8   ? A ASP 8   ? 1_555 50.2  ? 
2  OD1 ? A ASP 8   ? A ASP 8   ? 1_555 CA ? B CA . ? A CA 130 ? 1_555 OE1 ? A GLU 58  ? A GLU 58  ? 1_555 85.4  ? 
3  OD2 ? A ASP 8   ? A ASP 8   ? 1_555 CA ? B CA . ? A CA 130 ? 1_555 OE1 ? A GLU 58  ? A GLU 58  ? 1_555 88.0  ? 
4  OD1 ? A ASP 8   ? A ASP 8   ? 1_555 CA ? B CA . ? A CA 130 ? 1_555 O2A ? E COA .   ? A COA 133 ? 3_555 120.4 ? 
5  OD2 ? A ASP 8   ? A ASP 8   ? 1_555 CA ? B CA . ? A CA 130 ? 1_555 O2A ? E COA .   ? A COA 133 ? 3_555 73.9  ? 
6  OE1 ? A GLU 58  ? A GLU 58  ? 1_555 CA ? B CA . ? A CA 130 ? 1_555 O2A ? E COA .   ? A COA 133 ? 3_555 114.9 ? 
7  OD1 ? A ASP 8   ? A ASP 8   ? 1_555 CA ? B CA . ? A CA 130 ? 1_555 O   ? F HOH .   ? A HOH 135 ? 1_555 142.1 ? 
8  OD2 ? A ASP 8   ? A ASP 8   ? 1_555 CA ? B CA . ? A CA 130 ? 1_555 O   ? F HOH .   ? A HOH 135 ? 1_555 163.2 ? 
9  OE1 ? A GLU 58  ? A GLU 58  ? 1_555 CA ? B CA . ? A CA 130 ? 1_555 O   ? F HOH .   ? A HOH 135 ? 1_555 103.0 ? 
10 O2A ? E COA .   ? A COA 133 ? 3_555 CA ? B CA . ? A CA 130 ? 1_555 O   ? F HOH .   ? A HOH 135 ? 1_555 89.8  ? 
11 OD1 ? A ASP 8   ? A ASP 8   ? 1_555 CA ? B CA . ? A CA 130 ? 1_555 O   ? F HOH .   ? A HOH 137 ? 1_555 87.3  ? 
12 OD2 ? A ASP 8   ? A ASP 8   ? 1_555 CA ? B CA . ? A CA 130 ? 1_555 O   ? F HOH .   ? A HOH 137 ? 1_555 95.9  ? 
13 OE1 ? A GLU 58  ? A GLU 58  ? 1_555 CA ? B CA . ? A CA 130 ? 1_555 O   ? F HOH .   ? A HOH 137 ? 1_555 166.5 ? 
14 O2A ? E COA .   ? A COA 133 ? 3_555 CA ? B CA . ? A CA 130 ? 1_555 O   ? F HOH .   ? A HOH 137 ? 1_555 78.6  ? 
15 O   ? F HOH .   ? A HOH 135 ? 1_555 CA ? B CA . ? A CA 130 ? 1_555 O   ? F HOH .   ? A HOH 137 ? 1_555 76.3  ? 
16 OD1 ? A ASP 8   ? A ASP 8   ? 1_555 CA ? B CA . ? A CA 130 ? 1_555 O   ? F HOH .   ? A HOH 143 ? 1_555 71.0  ? 
17 OD2 ? A ASP 8   ? A ASP 8   ? 1_555 CA ? B CA . ? A CA 130 ? 1_555 O   ? F HOH .   ? A HOH 143 ? 1_555 121.0 ? 
18 OE1 ? A GLU 58  ? A GLU 58  ? 1_555 CA ? B CA . ? A CA 130 ? 1_555 O   ? F HOH .   ? A HOH 143 ? 1_555 82.2  ? 
19 O2A ? E COA .   ? A COA 133 ? 3_555 CA ? B CA . ? A CA 130 ? 1_555 O   ? F HOH .   ? A HOH 143 ? 1_555 158.9 ? 
20 O   ? F HOH .   ? A HOH 135 ? 1_555 CA ? B CA . ? A CA 130 ? 1_555 O   ? F HOH .   ? A HOH 143 ? 1_555 73.7  ? 
21 O   ? F HOH .   ? A HOH 137 ? 1_555 CA ? B CA . ? A CA 130 ? 1_555 O   ? F HOH .   ? A HOH 143 ? 1_555 84.7  ? 
22 OE2 ? A GLU 108 ? A GLU 108 ? 1_555 CA ? D CA . ? A CA 132 ? 1_555 OE1 ? A GLU 108 ? A GLU 108 ? 1_555 49.8  ? 
23 OE2 ? A GLU 108 ? A GLU 108 ? 1_555 CA ? D CA . ? A CA 132 ? 1_555 OE1 ? A GLU 108 ? A GLU 108 ? 2_555 79.0  ? 
24 OE1 ? A GLU 108 ? A GLU 108 ? 1_555 CA ? D CA . ? A CA 132 ? 1_555 OE1 ? A GLU 108 ? A GLU 108 ? 2_555 119.1 ? 
25 OE2 ? A GLU 108 ? A GLU 108 ? 1_555 CA ? D CA . ? A CA 132 ? 1_555 OE2 ? A GLU 108 ? A GLU 108 ? 3_555 82.6  ? 
26 OE1 ? A GLU 108 ? A GLU 108 ? 1_555 CA ? D CA . ? A CA 132 ? 1_555 OE2 ? A GLU 108 ? A GLU 108 ? 3_555 79.0  ? 
27 OE1 ? A GLU 108 ? A GLU 108 ? 2_555 CA ? D CA . ? A CA 132 ? 1_555 OE2 ? A GLU 108 ? A GLU 108 ? 3_555 130.6 ? 
28 OE2 ? A GLU 108 ? A GLU 108 ? 1_555 CA ? D CA . ? A CA 132 ? 1_555 OE1 ? A GLU 108 ? A GLU 108 ? 3_555 130.6 ? 
29 OE1 ? A GLU 108 ? A GLU 108 ? 1_555 CA ? D CA . ? A CA 132 ? 1_555 OE1 ? A GLU 108 ? A GLU 108 ? 3_555 119.1 ? 
30 OE1 ? A GLU 108 ? A GLU 108 ? 2_555 CA ? D CA . ? A CA 132 ? 1_555 OE1 ? A GLU 108 ? A GLU 108 ? 3_555 119.1 ? 
31 OE2 ? A GLU 108 ? A GLU 108 ? 3_555 CA ? D CA . ? A CA 132 ? 1_555 OE1 ? A GLU 108 ? A GLU 108 ? 3_555 49.8  ? 
32 OE2 ? A GLU 108 ? A GLU 108 ? 1_555 CA ? D CA . ? A CA 132 ? 1_555 OE2 ? A GLU 108 ? A GLU 108 ? 2_555 82.6  ? 
33 OE1 ? A GLU 108 ? A GLU 108 ? 1_555 CA ? D CA . ? A CA 132 ? 1_555 OE2 ? A GLU 108 ? A GLU 108 ? 2_555 130.6 ? 
34 OE1 ? A GLU 108 ? A GLU 108 ? 2_555 CA ? D CA . ? A CA 132 ? 1_555 OE2 ? A GLU 108 ? A GLU 108 ? 2_555 49.8  ? 
35 OE2 ? A GLU 108 ? A GLU 108 ? 3_555 CA ? D CA . ? A CA 132 ? 1_555 OE2 ? A GLU 108 ? A GLU 108 ? 2_555 82.6  ? 
36 OE1 ? A GLU 108 ? A GLU 108 ? 3_555 CA ? D CA . ? A CA 132 ? 1_555 OE2 ? A GLU 108 ? A GLU 108 ? 2_555 79.0  ? 
37 OE2 ? A GLU 108 ? A GLU 108 ? 1_555 CA ? D CA . ? A CA 132 ? 1_555 O   ? F HOH .   ? A HOH 154 ? 1_555 84.9  ? 
38 OE1 ? A GLU 108 ? A GLU 108 ? 1_555 CA ? D CA . ? A CA 132 ? 1_555 O   ? F HOH .   ? A HOH 154 ? 1_555 70.7  ? 
39 OE1 ? A GLU 108 ? A GLU 108 ? 2_555 CA ? D CA . ? A CA 132 ? 1_555 O   ? F HOH .   ? A HOH 154 ? 1_555 74.7  ? 
40 OE2 ? A GLU 108 ? A GLU 108 ? 3_555 CA ? D CA . ? A CA 132 ? 1_555 O   ? F HOH .   ? A HOH 154 ? 1_555 148.3 ? 
41 OE1 ? A GLU 108 ? A GLU 108 ? 3_555 CA ? D CA . ? A CA 132 ? 1_555 O   ? F HOH .   ? A HOH 154 ? 1_555 142.2 ? 
42 OE2 ? A GLU 108 ? A GLU 108 ? 2_555 CA ? D CA . ? A CA 132 ? 1_555 O   ? F HOH .   ? A HOH 154 ? 1_555 124.5 ? 
43 OE2 ? A GLU 108 ? A GLU 108 ? 1_555 CA ? D CA . ? A CA 132 ? 1_555 O   ? F HOH .   ? A HOH 154 ? 2_555 148.3 ? 
44 OE1 ? A GLU 108 ? A GLU 108 ? 1_555 CA ? D CA . ? A CA 132 ? 1_555 O   ? F HOH .   ? A HOH 154 ? 2_555 142.2 ? 
45 OE1 ? A GLU 108 ? A GLU 108 ? 2_555 CA ? D CA . ? A CA 132 ? 1_555 O   ? F HOH .   ? A HOH 154 ? 2_555 70.7  ? 
46 OE2 ? A GLU 108 ? A GLU 108 ? 3_555 CA ? D CA . ? A CA 132 ? 1_555 O   ? F HOH .   ? A HOH 154 ? 2_555 124.5 ? 
47 OE1 ? A GLU 108 ? A GLU 108 ? 3_555 CA ? D CA . ? A CA 132 ? 1_555 O   ? F HOH .   ? A HOH 154 ? 2_555 74.7  ? 
48 OE2 ? A GLU 108 ? A GLU 108 ? 2_555 CA ? D CA . ? A CA 132 ? 1_555 O   ? F HOH .   ? A HOH 154 ? 2_555 84.9  ? 
49 O   ? F HOH .   ? A HOH 154 ? 1_555 CA ? D CA . ? A CA 132 ? 1_555 O   ? F HOH .   ? A HOH 154 ? 2_555 78.3  ? 
50 OE2 ? A GLU 108 ? A GLU 108 ? 1_555 CA ? D CA . ? A CA 132 ? 1_555 O   ? F HOH .   ? A HOH 154 ? 3_555 124.5 ? 
51 OE1 ? A GLU 108 ? A GLU 108 ? 1_555 CA ? D CA . ? A CA 132 ? 1_555 O   ? F HOH .   ? A HOH 154 ? 3_555 74.7  ? 
52 OE1 ? A GLU 108 ? A GLU 108 ? 2_555 CA ? D CA . ? A CA 132 ? 1_555 O   ? F HOH .   ? A HOH 154 ? 3_555 142.2 ? 
53 OE2 ? A GLU 108 ? A GLU 108 ? 3_555 CA ? D CA . ? A CA 132 ? 1_555 O   ? F HOH .   ? A HOH 154 ? 3_555 84.9  ? 
54 OE1 ? A GLU 108 ? A GLU 108 ? 3_555 CA ? D CA . ? A CA 132 ? 1_555 O   ? F HOH .   ? A HOH 154 ? 3_555 70.7  ? 
55 OE2 ? A GLU 108 ? A GLU 108 ? 2_555 CA ? D CA . ? A CA 132 ? 1_555 O   ? F HOH .   ? A HOH 154 ? 3_555 148.3 ? 
56 O   ? F HOH .   ? A HOH 154 ? 1_555 CA ? D CA . ? A CA 132 ? 1_555 O   ? F HOH .   ? A HOH 154 ? 3_555 78.3  ? 
57 O   ? F HOH .   ? A HOH 154 ? 2_555 CA ? D CA . ? A CA 132 ? 1_555 O   ? F HOH .   ? A HOH 154 ? 3_555 78.3  ? 
# 
loop_
_pdbx_audit_revision_history.ordinal 
_pdbx_audit_revision_history.data_content_type 
_pdbx_audit_revision_history.major_revision 
_pdbx_audit_revision_history.minor_revision 
_pdbx_audit_revision_history.revision_date 
1 'Structure model' 1 0 2001-06-27 
2 'Structure model' 1 1 2008-04-27 
3 'Structure model' 1 2 2011-07-13 
4 'Structure model' 1 3 2018-01-31 
5 'Structure model' 1 4 2021-11-03 
6 'Structure model' 1 5 2023-08-09 
# 
_pdbx_audit_revision_details.ordinal             1 
_pdbx_audit_revision_details.revision_ordinal    1 
_pdbx_audit_revision_details.data_content_type   'Structure model' 
_pdbx_audit_revision_details.provider            repository 
_pdbx_audit_revision_details.type                'Initial release' 
_pdbx_audit_revision_details.description         ? 
_pdbx_audit_revision_details.details             ? 
# 
loop_
_pdbx_audit_revision_group.ordinal 
_pdbx_audit_revision_group.revision_ordinal 
_pdbx_audit_revision_group.data_content_type 
_pdbx_audit_revision_group.group 
1 2 'Structure model' 'Version format compliance' 
2 3 'Structure model' 'Derived calculations'      
3 3 'Structure model' 'Version format compliance' 
4 4 'Structure model' 'Experimental preparation'  
5 5 'Structure model' 'Database references'       
6 5 'Structure model' 'Derived calculations'      
7 6 'Structure model' 'Data collection'           
8 6 'Structure model' 'Refinement description'    
# 
loop_
_pdbx_audit_revision_category.ordinal 
_pdbx_audit_revision_category.revision_ordinal 
_pdbx_audit_revision_category.data_content_type 
_pdbx_audit_revision_category.category 
1 4 'Structure model' exptl_crystal_grow            
2 5 'Structure model' database_2                    
3 5 'Structure model' pdbx_struct_conn_angle        
4 5 'Structure model' struct_conn                   
5 5 'Structure model' struct_ref_seq_dif            
6 5 'Structure model' struct_site                   
7 6 'Structure model' chem_comp_atom                
8 6 'Structure model' chem_comp_bond                
9 6 'Structure model' pdbx_initial_refinement_model 
# 
loop_
_pdbx_audit_revision_item.ordinal 
_pdbx_audit_revision_item.revision_ordinal 
_pdbx_audit_revision_item.data_content_type 
_pdbx_audit_revision_item.item 
1  4 'Structure model' '_exptl_crystal_grow.pdbx_details'            
2  4 'Structure model' '_exptl_crystal_grow.temp'                    
3  5 'Structure model' '_database_2.pdbx_DOI'                        
4  5 'Structure model' '_database_2.pdbx_database_accession'         
5  5 'Structure model' '_pdbx_struct_conn_angle.ptnr1_auth_comp_id'  
6  5 'Structure model' '_pdbx_struct_conn_angle.ptnr1_auth_seq_id'   
7  5 'Structure model' '_pdbx_struct_conn_angle.ptnr1_label_asym_id' 
8  5 'Structure model' '_pdbx_struct_conn_angle.ptnr1_label_atom_id' 
9  5 'Structure model' '_pdbx_struct_conn_angle.ptnr1_label_comp_id' 
10 5 'Structure model' '_pdbx_struct_conn_angle.ptnr1_label_seq_id'  
11 5 'Structure model' '_pdbx_struct_conn_angle.ptnr1_symmetry'      
12 5 'Structure model' '_pdbx_struct_conn_angle.ptnr3_auth_comp_id'  
13 5 'Structure model' '_pdbx_struct_conn_angle.ptnr3_auth_seq_id'   
14 5 'Structure model' '_pdbx_struct_conn_angle.ptnr3_label_asym_id' 
15 5 'Structure model' '_pdbx_struct_conn_angle.ptnr3_label_atom_id' 
16 5 'Structure model' '_pdbx_struct_conn_angle.ptnr3_label_comp_id' 
17 5 'Structure model' '_pdbx_struct_conn_angle.ptnr3_label_seq_id'  
18 5 'Structure model' '_pdbx_struct_conn_angle.ptnr3_symmetry'      
19 5 'Structure model' '_pdbx_struct_conn_angle.value'               
20 5 'Structure model' '_struct_conn.pdbx_dist_value'                
21 5 'Structure model' '_struct_conn.ptnr1_auth_comp_id'             
22 5 'Structure model' '_struct_conn.ptnr1_auth_seq_id'              
23 5 'Structure model' '_struct_conn.ptnr1_label_asym_id'            
24 5 'Structure model' '_struct_conn.ptnr1_label_atom_id'            
25 5 'Structure model' '_struct_conn.ptnr1_label_comp_id'            
26 5 'Structure model' '_struct_conn.ptnr1_label_seq_id'             
27 5 'Structure model' '_struct_conn.ptnr1_symmetry'                 
28 5 'Structure model' '_struct_conn.ptnr2_auth_comp_id'             
29 5 'Structure model' '_struct_conn.ptnr2_auth_seq_id'              
30 5 'Structure model' '_struct_conn.ptnr2_label_asym_id'            
31 5 'Structure model' '_struct_conn.ptnr2_label_atom_id'            
32 5 'Structure model' '_struct_conn.ptnr2_label_comp_id'            
33 5 'Structure model' '_struct_conn.ptnr2_label_seq_id'             
34 5 'Structure model' '_struct_conn.ptnr2_symmetry'                 
35 5 'Structure model' '_struct_ref_seq_dif.details'                 
36 5 'Structure model' '_struct_site.pdbx_auth_asym_id'              
37 5 'Structure model' '_struct_site.pdbx_auth_comp_id'              
38 5 'Structure model' '_struct_site.pdbx_auth_seq_id'               
# 
loop_
_software.name 
_software.classification 
_software.version 
_software.citation_id 
_software.pdbx_ordinal 
SHARP     phasing          .   ? 1 
AMoRE     phasing          .   ? 2 
CNS       refinement       0.9 ? 3 
DENZO     'data reduction' .   ? 4 
SCALEPACK 'data scaling'   .   ? 5 
# 
_pdbx_validate_torsion.id              1 
_pdbx_validate_torsion.PDB_model_num   1 
_pdbx_validate_torsion.auth_comp_id    LEU 
_pdbx_validate_torsion.auth_asym_id    A 
_pdbx_validate_torsion.auth_seq_id     94 
_pdbx_validate_torsion.PDB_ins_code    ? 
_pdbx_validate_torsion.label_alt_id    ? 
_pdbx_validate_torsion.phi             -90.43 
_pdbx_validate_torsion.psi             -62.90 
# 
loop_
_pdbx_unobs_or_zero_occ_atoms.id 
_pdbx_unobs_or_zero_occ_atoms.PDB_model_num 
_pdbx_unobs_or_zero_occ_atoms.polymer_flag 
_pdbx_unobs_or_zero_occ_atoms.occupancy_flag 
_pdbx_unobs_or_zero_occ_atoms.auth_asym_id 
_pdbx_unobs_or_zero_occ_atoms.auth_comp_id 
_pdbx_unobs_or_zero_occ_atoms.auth_seq_id 
_pdbx_unobs_or_zero_occ_atoms.PDB_ins_code 
_pdbx_unobs_or_zero_occ_atoms.auth_atom_id 
_pdbx_unobs_or_zero_occ_atoms.label_alt_id 
_pdbx_unobs_or_zero_occ_atoms.label_asym_id 
_pdbx_unobs_or_zero_occ_atoms.label_comp_id 
_pdbx_unobs_or_zero_occ_atoms.label_seq_id 
_pdbx_unobs_or_zero_occ_atoms.label_atom_id 
1  1 Y 1 A LYS 23  ? CG  ? A LYS 23  CG  
2  1 Y 1 A LYS 23  ? CD  ? A LYS 23  CD  
3  1 Y 1 A LYS 23  ? CE  ? A LYS 23  CE  
4  1 Y 1 A LYS 23  ? NZ  ? A LYS 23  NZ  
5  1 Y 1 A ARG 70  ? CG  ? A ARG 70  CG  
6  1 Y 1 A ARG 70  ? CD  ? A ARG 70  CD  
7  1 Y 1 A ARG 70  ? NE  ? A ARG 70  NE  
8  1 Y 1 A ARG 70  ? CZ  ? A ARG 70  CZ  
9  1 Y 1 A ARG 70  ? NH1 ? A ARG 70  NH1 
10 1 Y 1 A ARG 70  ? NH2 ? A ARG 70  NH2 
11 1 Y 1 A ARG 118 ? CG  ? A ARG 118 CG  
12 1 Y 1 A ARG 118 ? CD  ? A ARG 118 CD  
13 1 Y 1 A ARG 118 ? NE  ? A ARG 118 NE  
14 1 Y 1 A ARG 118 ? CZ  ? A ARG 118 CZ  
15 1 Y 1 A ARG 118 ? NH1 ? A ARG 118 NH1 
16 1 Y 1 A ARG 118 ? NH2 ? A ARG 118 NH2 
# 
loop_
_pdbx_unobs_or_zero_occ_residues.id 
_pdbx_unobs_or_zero_occ_residues.PDB_model_num 
_pdbx_unobs_or_zero_occ_residues.polymer_flag 
_pdbx_unobs_or_zero_occ_residues.occupancy_flag 
_pdbx_unobs_or_zero_occ_residues.auth_asym_id 
_pdbx_unobs_or_zero_occ_residues.auth_comp_id 
_pdbx_unobs_or_zero_occ_residues.auth_seq_id 
_pdbx_unobs_or_zero_occ_residues.PDB_ins_code 
_pdbx_unobs_or_zero_occ_residues.label_asym_id 
_pdbx_unobs_or_zero_occ_residues.label_comp_id 
_pdbx_unobs_or_zero_occ_residues.label_seq_id 
1 1 Y 1 A LEU 119 ? A LEU 119 
2 1 Y 1 A SER 120 ? A SER 120 
3 1 Y 1 A SER 121 ? A SER 121 
# 
loop_
_chem_comp_atom.comp_id 
_chem_comp_atom.atom_id 
_chem_comp_atom.type_symbol 
_chem_comp_atom.pdbx_aromatic_flag 
_chem_comp_atom.pdbx_stereo_config 
_chem_comp_atom.pdbx_ordinal 
ALA N    N  N N 1   
ALA CA   C  N S 2   
ALA C    C  N N 3   
ALA O    O  N N 4   
ALA CB   C  N N 5   
ALA OXT  O  N N 6   
ALA H    H  N N 7   
ALA H2   H  N N 8   
ALA HA   H  N N 9   
ALA HB1  H  N N 10  
ALA HB2  H  N N 11  
ALA HB3  H  N N 12  
ALA HXT  H  N N 13  
ARG N    N  N N 14  
ARG CA   C  N S 15  
ARG C    C  N N 16  
ARG O    O  N N 17  
ARG CB   C  N N 18  
ARG CG   C  N N 19  
ARG CD   C  N N 20  
ARG NE   N  N N 21  
ARG CZ   C  N N 22  
ARG NH1  N  N N 23  
ARG NH2  N  N N 24  
ARG OXT  O  N N 25  
ARG H    H  N N 26  
ARG H2   H  N N 27  
ARG HA   H  N N 28  
ARG HB2  H  N N 29  
ARG HB3  H  N N 30  
ARG HG2  H  N N 31  
ARG HG3  H  N N 32  
ARG HD2  H  N N 33  
ARG HD3  H  N N 34  
ARG HE   H  N N 35  
ARG HH11 H  N N 36  
ARG HH12 H  N N 37  
ARG HH21 H  N N 38  
ARG HH22 H  N N 39  
ARG HXT  H  N N 40  
ASN N    N  N N 41  
ASN CA   C  N S 42  
ASN C    C  N N 43  
ASN O    O  N N 44  
ASN CB   C  N N 45  
ASN CG   C  N N 46  
ASN OD1  O  N N 47  
ASN ND2  N  N N 48  
ASN OXT  O  N N 49  
ASN H    H  N N 50  
ASN H2   H  N N 51  
ASN HA   H  N N 52  
ASN HB2  H  N N 53  
ASN HB3  H  N N 54  
ASN HD21 H  N N 55  
ASN HD22 H  N N 56  
ASN HXT  H  N N 57  
ASP N    N  N N 58  
ASP CA   C  N S 59  
ASP C    C  N N 60  
ASP O    O  N N 61  
ASP CB   C  N N 62  
ASP CG   C  N N 63  
ASP OD1  O  N N 64  
ASP OD2  O  N N 65  
ASP OXT  O  N N 66  
ASP H    H  N N 67  
ASP H2   H  N N 68  
ASP HA   H  N N 69  
ASP HB2  H  N N 70  
ASP HB3  H  N N 71  
ASP HD2  H  N N 72  
ASP HXT  H  N N 73  
CA  CA   CA N N 74  
CL  CL   CL N N 75  
COA N1A  N  Y N 76  
COA C2A  C  Y N 77  
COA N3A  N  Y N 78  
COA C4A  C  Y N 79  
COA C5A  C  Y N 80  
COA C6A  C  Y N 81  
COA N6A  N  N N 82  
COA N7A  N  Y N 83  
COA C8A  C  Y N 84  
COA N9A  N  Y N 85  
COA C1B  C  N R 86  
COA C2B  C  N R 87  
COA O2B  O  N N 88  
COA C3B  C  N S 89  
COA O3B  O  N N 90  
COA P3B  P  N N 91  
COA O7A  O  N N 92  
COA O8A  O  N N 93  
COA O9A  O  N N 94  
COA C4B  C  N R 95  
COA O4B  O  N N 96  
COA C5B  C  N N 97  
COA O5B  O  N N 98  
COA P1A  P  N S 99  
COA O1A  O  N N 100 
COA O2A  O  N N 101 
COA O3A  O  N N 102 
COA P2A  P  N S 103 
COA O4A  O  N N 104 
COA O5A  O  N N 105 
COA O6A  O  N N 106 
COA CBP  C  N N 107 
COA CCP  C  N N 108 
COA CDP  C  N N 109 
COA CEP  C  N N 110 
COA CAP  C  N R 111 
COA OAP  O  N N 112 
COA C9P  C  N N 113 
COA O9P  O  N N 114 
COA N8P  N  N N 115 
COA C7P  C  N N 116 
COA C6P  C  N N 117 
COA C5P  C  N N 118 
COA O5P  O  N N 119 
COA N4P  N  N N 120 
COA C3P  C  N N 121 
COA C2P  C  N N 122 
COA S1P  S  N N 123 
COA H2A  H  N N 124 
COA H61A H  N N 125 
COA H62A H  N N 126 
COA H8A  H  N N 127 
COA H1B  H  N N 128 
COA H2B  H  N N 129 
COA HO2A H  N N 130 
COA H3B  H  N N 131 
COA HOA8 H  N N 132 
COA HOA9 H  N N 133 
COA H4B  H  N N 134 
COA H51A H  N N 135 
COA H52A H  N N 136 
COA HOA2 H  N N 137 
COA HOA5 H  N N 138 
COA H121 H  N N 139 
COA H122 H  N N 140 
COA H131 H  N N 141 
COA H132 H  N N 142 
COA H133 H  N N 143 
COA H141 H  N N 144 
COA H142 H  N N 145 
COA H143 H  N N 146 
COA H10  H  N N 147 
COA HO1  H  N N 148 
COA HN8  H  N N 149 
COA H71  H  N N 150 
COA H72  H  N N 151 
COA H61  H  N N 152 
COA H62  H  N N 153 
COA HN4  H  N N 154 
COA H31  H  N N 155 
COA H32  H  N N 156 
COA H21  H  N N 157 
COA H22  H  N N 158 
COA HS1  H  N N 159 
CYS N    N  N N 160 
CYS CA   C  N R 161 
CYS C    C  N N 162 
CYS O    O  N N 163 
CYS CB   C  N N 164 
CYS SG   S  N N 165 
CYS OXT  O  N N 166 
CYS H    H  N N 167 
CYS H2   H  N N 168 
CYS HA   H  N N 169 
CYS HB2  H  N N 170 
CYS HB3  H  N N 171 
CYS HG   H  N N 172 
CYS HXT  H  N N 173 
GLN N    N  N N 174 
GLN CA   C  N S 175 
GLN C    C  N N 176 
GLN O    O  N N 177 
GLN CB   C  N N 178 
GLN CG   C  N N 179 
GLN CD   C  N N 180 
GLN OE1  O  N N 181 
GLN NE2  N  N N 182 
GLN OXT  O  N N 183 
GLN H    H  N N 184 
GLN H2   H  N N 185 
GLN HA   H  N N 186 
GLN HB2  H  N N 187 
GLN HB3  H  N N 188 
GLN HG2  H  N N 189 
GLN HG3  H  N N 190 
GLN HE21 H  N N 191 
GLN HE22 H  N N 192 
GLN HXT  H  N N 193 
GLU N    N  N N 194 
GLU CA   C  N S 195 
GLU C    C  N N 196 
GLU O    O  N N 197 
GLU CB   C  N N 198 
GLU CG   C  N N 199 
GLU CD   C  N N 200 
GLU OE1  O  N N 201 
GLU OE2  O  N N 202 
GLU OXT  O  N N 203 
GLU H    H  N N 204 
GLU H2   H  N N 205 
GLU HA   H  N N 206 
GLU HB2  H  N N 207 
GLU HB3  H  N N 208 
GLU HG2  H  N N 209 
GLU HG3  H  N N 210 
GLU HE2  H  N N 211 
GLU HXT  H  N N 212 
GLY N    N  N N 213 
GLY CA   C  N N 214 
GLY C    C  N N 215 
GLY O    O  N N 216 
GLY OXT  O  N N 217 
GLY H    H  N N 218 
GLY H2   H  N N 219 
GLY HA2  H  N N 220 
GLY HA3  H  N N 221 
GLY HXT  H  N N 222 
HIS N    N  N N 223 
HIS CA   C  N S 224 
HIS C    C  N N 225 
HIS O    O  N N 226 
HIS CB   C  N N 227 
HIS CG   C  Y N 228 
HIS ND1  N  Y N 229 
HIS CD2  C  Y N 230 
HIS CE1  C  Y N 231 
HIS NE2  N  Y N 232 
HIS OXT  O  N N 233 
HIS H    H  N N 234 
HIS H2   H  N N 235 
HIS HA   H  N N 236 
HIS HB2  H  N N 237 
HIS HB3  H  N N 238 
HIS HD1  H  N N 239 
HIS HD2  H  N N 240 
HIS HE1  H  N N 241 
HIS HE2  H  N N 242 
HIS HXT  H  N N 243 
HOH O    O  N N 244 
HOH H1   H  N N 245 
HOH H2   H  N N 246 
ILE N    N  N N 247 
ILE CA   C  N S 248 
ILE C    C  N N 249 
ILE O    O  N N 250 
ILE CB   C  N S 251 
ILE CG1  C  N N 252 
ILE CG2  C  N N 253 
ILE CD1  C  N N 254 
ILE OXT  O  N N 255 
ILE H    H  N N 256 
ILE H2   H  N N 257 
ILE HA   H  N N 258 
ILE HB   H  N N 259 
ILE HG12 H  N N 260 
ILE HG13 H  N N 261 
ILE HG21 H  N N 262 
ILE HG22 H  N N 263 
ILE HG23 H  N N 264 
ILE HD11 H  N N 265 
ILE HD12 H  N N 266 
ILE HD13 H  N N 267 
ILE HXT  H  N N 268 
LEU N    N  N N 269 
LEU CA   C  N S 270 
LEU C    C  N N 271 
LEU O    O  N N 272 
LEU CB   C  N N 273 
LEU CG   C  N N 274 
LEU CD1  C  N N 275 
LEU CD2  C  N N 276 
LEU OXT  O  N N 277 
LEU H    H  N N 278 
LEU H2   H  N N 279 
LEU HA   H  N N 280 
LEU HB2  H  N N 281 
LEU HB3  H  N N 282 
LEU HG   H  N N 283 
LEU HD11 H  N N 284 
LEU HD12 H  N N 285 
LEU HD13 H  N N 286 
LEU HD21 H  N N 287 
LEU HD22 H  N N 288 
LEU HD23 H  N N 289 
LEU HXT  H  N N 290 
LYS N    N  N N 291 
LYS CA   C  N S 292 
LYS C    C  N N 293 
LYS O    O  N N 294 
LYS CB   C  N N 295 
LYS CG   C  N N 296 
LYS CD   C  N N 297 
LYS CE   C  N N 298 
LYS NZ   N  N N 299 
LYS OXT  O  N N 300 
LYS H    H  N N 301 
LYS H2   H  N N 302 
LYS HA   H  N N 303 
LYS HB2  H  N N 304 
LYS HB3  H  N N 305 
LYS HG2  H  N N 306 
LYS HG3  H  N N 307 
LYS HD2  H  N N 308 
LYS HD3  H  N N 309 
LYS HE2  H  N N 310 
LYS HE3  H  N N 311 
LYS HZ1  H  N N 312 
LYS HZ2  H  N N 313 
LYS HZ3  H  N N 314 
LYS HXT  H  N N 315 
MET N    N  N N 316 
MET CA   C  N S 317 
MET C    C  N N 318 
MET O    O  N N 319 
MET CB   C  N N 320 
MET CG   C  N N 321 
MET SD   S  N N 322 
MET CE   C  N N 323 
MET OXT  O  N N 324 
MET H    H  N N 325 
MET H2   H  N N 326 
MET HA   H  N N 327 
MET HB2  H  N N 328 
MET HB3  H  N N 329 
MET HG2  H  N N 330 
MET HG3  H  N N 331 
MET HE1  H  N N 332 
MET HE2  H  N N 333 
MET HE3  H  N N 334 
MET HXT  H  N N 335 
PHE N    N  N N 336 
PHE CA   C  N S 337 
PHE C    C  N N 338 
PHE O    O  N N 339 
PHE CB   C  N N 340 
PHE CG   C  Y N 341 
PHE CD1  C  Y N 342 
PHE CD2  C  Y N 343 
PHE CE1  C  Y N 344 
PHE CE2  C  Y N 345 
PHE CZ   C  Y N 346 
PHE OXT  O  N N 347 
PHE H    H  N N 348 
PHE H2   H  N N 349 
PHE HA   H  N N 350 
PHE HB2  H  N N 351 
PHE HB3  H  N N 352 
PHE HD1  H  N N 353 
PHE HD2  H  N N 354 
PHE HE1  H  N N 355 
PHE HE2  H  N N 356 
PHE HZ   H  N N 357 
PHE HXT  H  N N 358 
PRO N    N  N N 359 
PRO CA   C  N S 360 
PRO C    C  N N 361 
PRO O    O  N N 362 
PRO CB   C  N N 363 
PRO CG   C  N N 364 
PRO CD   C  N N 365 
PRO OXT  O  N N 366 
PRO H    H  N N 367 
PRO HA   H  N N 368 
PRO HB2  H  N N 369 
PRO HB3  H  N N 370 
PRO HG2  H  N N 371 
PRO HG3  H  N N 372 
PRO HD2  H  N N 373 
PRO HD3  H  N N 374 
PRO HXT  H  N N 375 
SER N    N  N N 376 
SER CA   C  N S 377 
SER C    C  N N 378 
SER O    O  N N 379 
SER CB   C  N N 380 
SER OG   O  N N 381 
SER OXT  O  N N 382 
SER H    H  N N 383 
SER H2   H  N N 384 
SER HA   H  N N 385 
SER HB2  H  N N 386 
SER HB3  H  N N 387 
SER HG   H  N N 388 
SER HXT  H  N N 389 
THR N    N  N N 390 
THR CA   C  N S 391 
THR C    C  N N 392 
THR O    O  N N 393 
THR CB   C  N R 394 
THR OG1  O  N N 395 
THR CG2  C  N N 396 
THR OXT  O  N N 397 
THR H    H  N N 398 
THR H2   H  N N 399 
THR HA   H  N N 400 
THR HB   H  N N 401 
THR HG1  H  N N 402 
THR HG21 H  N N 403 
THR HG22 H  N N 404 
THR HG23 H  N N 405 
THR HXT  H  N N 406 
TYR N    N  N N 407 
TYR CA   C  N S 408 
TYR C    C  N N 409 
TYR O    O  N N 410 
TYR CB   C  N N 411 
TYR CG   C  Y N 412 
TYR CD1  C  Y N 413 
TYR CD2  C  Y N 414 
TYR CE1  C  Y N 415 
TYR CE2  C  Y N 416 
TYR CZ   C  Y N 417 
TYR OH   O  N N 418 
TYR OXT  O  N N 419 
TYR H    H  N N 420 
TYR H2   H  N N 421 
TYR HA   H  N N 422 
TYR HB2  H  N N 423 
TYR HB3  H  N N 424 
TYR HD1  H  N N 425 
TYR HD2  H  N N 426 
TYR HE1  H  N N 427 
TYR HE2  H  N N 428 
TYR HH   H  N N 429 
TYR HXT  H  N N 430 
VAL N    N  N N 431 
VAL CA   C  N S 432 
VAL C    C  N N 433 
VAL O    O  N N 434 
VAL CB   C  N N 435 
VAL CG1  C  N N 436 
VAL CG2  C  N N 437 
VAL OXT  O  N N 438 
VAL H    H  N N 439 
VAL H2   H  N N 440 
VAL HA   H  N N 441 
VAL HB   H  N N 442 
VAL HG11 H  N N 443 
VAL HG12 H  N N 444 
VAL HG13 H  N N 445 
VAL HG21 H  N N 446 
VAL HG22 H  N N 447 
VAL HG23 H  N N 448 
VAL HXT  H  N N 449 
# 
loop_
_chem_comp_bond.comp_id 
_chem_comp_bond.atom_id_1 
_chem_comp_bond.atom_id_2 
_chem_comp_bond.value_order 
_chem_comp_bond.pdbx_aromatic_flag 
_chem_comp_bond.pdbx_stereo_config 
_chem_comp_bond.pdbx_ordinal 
ALA N   CA   sing N N 1   
ALA N   H    sing N N 2   
ALA N   H2   sing N N 3   
ALA CA  C    sing N N 4   
ALA CA  CB   sing N N 5   
ALA CA  HA   sing N N 6   
ALA C   O    doub N N 7   
ALA C   OXT  sing N N 8   
ALA CB  HB1  sing N N 9   
ALA CB  HB2  sing N N 10  
ALA CB  HB3  sing N N 11  
ALA OXT HXT  sing N N 12  
ARG N   CA   sing N N 13  
ARG N   H    sing N N 14  
ARG N   H2   sing N N 15  
ARG CA  C    sing N N 16  
ARG CA  CB   sing N N 17  
ARG CA  HA   sing N N 18  
ARG C   O    doub N N 19  
ARG C   OXT  sing N N 20  
ARG CB  CG   sing N N 21  
ARG CB  HB2  sing N N 22  
ARG CB  HB3  sing N N 23  
ARG CG  CD   sing N N 24  
ARG CG  HG2  sing N N 25  
ARG CG  HG3  sing N N 26  
ARG CD  NE   sing N N 27  
ARG CD  HD2  sing N N 28  
ARG CD  HD3  sing N N 29  
ARG NE  CZ   sing N N 30  
ARG NE  HE   sing N N 31  
ARG CZ  NH1  sing N N 32  
ARG CZ  NH2  doub N N 33  
ARG NH1 HH11 sing N N 34  
ARG NH1 HH12 sing N N 35  
ARG NH2 HH21 sing N N 36  
ARG NH2 HH22 sing N N 37  
ARG OXT HXT  sing N N 38  
ASN N   CA   sing N N 39  
ASN N   H    sing N N 40  
ASN N   H2   sing N N 41  
ASN CA  C    sing N N 42  
ASN CA  CB   sing N N 43  
ASN CA  HA   sing N N 44  
ASN C   O    doub N N 45  
ASN C   OXT  sing N N 46  
ASN CB  CG   sing N N 47  
ASN CB  HB2  sing N N 48  
ASN CB  HB3  sing N N 49  
ASN CG  OD1  doub N N 50  
ASN CG  ND2  sing N N 51  
ASN ND2 HD21 sing N N 52  
ASN ND2 HD22 sing N N 53  
ASN OXT HXT  sing N N 54  
ASP N   CA   sing N N 55  
ASP N   H    sing N N 56  
ASP N   H2   sing N N 57  
ASP CA  C    sing N N 58  
ASP CA  CB   sing N N 59  
ASP CA  HA   sing N N 60  
ASP C   O    doub N N 61  
ASP C   OXT  sing N N 62  
ASP CB  CG   sing N N 63  
ASP CB  HB2  sing N N 64  
ASP CB  HB3  sing N N 65  
ASP CG  OD1  doub N N 66  
ASP CG  OD2  sing N N 67  
ASP OD2 HD2  sing N N 68  
ASP OXT HXT  sing N N 69  
COA N1A C2A  sing Y N 70  
COA N1A C6A  doub Y N 71  
COA C2A N3A  doub Y N 72  
COA C2A H2A  sing N N 73  
COA N3A C4A  sing Y N 74  
COA C4A C5A  doub Y N 75  
COA C4A N9A  sing Y N 76  
COA C5A C6A  sing Y N 77  
COA C5A N7A  sing Y N 78  
COA C6A N6A  sing N N 79  
COA N6A H61A sing N N 80  
COA N6A H62A sing N N 81  
COA N7A C8A  doub Y N 82  
COA C8A N9A  sing Y N 83  
COA C8A H8A  sing N N 84  
COA N9A C1B  sing N N 85  
COA C1B C2B  sing N N 86  
COA C1B O4B  sing N N 87  
COA C1B H1B  sing N N 88  
COA C2B O2B  sing N N 89  
COA C2B C3B  sing N N 90  
COA C2B H2B  sing N N 91  
COA O2B HO2A sing N N 92  
COA C3B O3B  sing N N 93  
COA C3B C4B  sing N N 94  
COA C3B H3B  sing N N 95  
COA O3B P3B  sing N N 96  
COA P3B O7A  doub N N 97  
COA P3B O8A  sing N N 98  
COA P3B O9A  sing N N 99  
COA O8A HOA8 sing N N 100 
COA O9A HOA9 sing N N 101 
COA C4B O4B  sing N N 102 
COA C4B C5B  sing N N 103 
COA C4B H4B  sing N N 104 
COA C5B O5B  sing N N 105 
COA C5B H51A sing N N 106 
COA C5B H52A sing N N 107 
COA O5B P1A  sing N N 108 
COA P1A O1A  doub N N 109 
COA P1A O2A  sing N N 110 
COA P1A O3A  sing N N 111 
COA O2A HOA2 sing N N 112 
COA O3A P2A  sing N N 113 
COA P2A O4A  doub N N 114 
COA P2A O5A  sing N N 115 
COA P2A O6A  sing N N 116 
COA O5A HOA5 sing N N 117 
COA O6A CCP  sing N N 118 
COA CBP CCP  sing N N 119 
COA CBP CDP  sing N N 120 
COA CBP CEP  sing N N 121 
COA CBP CAP  sing N N 122 
COA CCP H121 sing N N 123 
COA CCP H122 sing N N 124 
COA CDP H131 sing N N 125 
COA CDP H132 sing N N 126 
COA CDP H133 sing N N 127 
COA CEP H141 sing N N 128 
COA CEP H142 sing N N 129 
COA CEP H143 sing N N 130 
COA CAP OAP  sing N N 131 
COA CAP C9P  sing N N 132 
COA CAP H10  sing N N 133 
COA OAP HO1  sing N N 134 
COA C9P O9P  doub N N 135 
COA C9P N8P  sing N N 136 
COA N8P C7P  sing N N 137 
COA N8P HN8  sing N N 138 
COA C7P C6P  sing N N 139 
COA C7P H71  sing N N 140 
COA C7P H72  sing N N 141 
COA C6P C5P  sing N N 142 
COA C6P H61  sing N N 143 
COA C6P H62  sing N N 144 
COA C5P O5P  doub N N 145 
COA C5P N4P  sing N N 146 
COA N4P C3P  sing N N 147 
COA N4P HN4  sing N N 148 
COA C3P C2P  sing N N 149 
COA C3P H31  sing N N 150 
COA C3P H32  sing N N 151 
COA C2P S1P  sing N N 152 
COA C2P H21  sing N N 153 
COA C2P H22  sing N N 154 
COA S1P HS1  sing N N 155 
CYS N   CA   sing N N 156 
CYS N   H    sing N N 157 
CYS N   H2   sing N N 158 
CYS CA  C    sing N N 159 
CYS CA  CB   sing N N 160 
CYS CA  HA   sing N N 161 
CYS C   O    doub N N 162 
CYS C   OXT  sing N N 163 
CYS CB  SG   sing N N 164 
CYS CB  HB2  sing N N 165 
CYS CB  HB3  sing N N 166 
CYS SG  HG   sing N N 167 
CYS OXT HXT  sing N N 168 
GLN N   CA   sing N N 169 
GLN N   H    sing N N 170 
GLN N   H2   sing N N 171 
GLN CA  C    sing N N 172 
GLN CA  CB   sing N N 173 
GLN CA  HA   sing N N 174 
GLN C   O    doub N N 175 
GLN C   OXT  sing N N 176 
GLN CB  CG   sing N N 177 
GLN CB  HB2  sing N N 178 
GLN CB  HB3  sing N N 179 
GLN CG  CD   sing N N 180 
GLN CG  HG2  sing N N 181 
GLN CG  HG3  sing N N 182 
GLN CD  OE1  doub N N 183 
GLN CD  NE2  sing N N 184 
GLN NE2 HE21 sing N N 185 
GLN NE2 HE22 sing N N 186 
GLN OXT HXT  sing N N 187 
GLU N   CA   sing N N 188 
GLU N   H    sing N N 189 
GLU N   H2   sing N N 190 
GLU CA  C    sing N N 191 
GLU CA  CB   sing N N 192 
GLU CA  HA   sing N N 193 
GLU C   O    doub N N 194 
GLU C   OXT  sing N N 195 
GLU CB  CG   sing N N 196 
GLU CB  HB2  sing N N 197 
GLU CB  HB3  sing N N 198 
GLU CG  CD   sing N N 199 
GLU CG  HG2  sing N N 200 
GLU CG  HG3  sing N N 201 
GLU CD  OE1  doub N N 202 
GLU CD  OE2  sing N N 203 
GLU OE2 HE2  sing N N 204 
GLU OXT HXT  sing N N 205 
GLY N   CA   sing N N 206 
GLY N   H    sing N N 207 
GLY N   H2   sing N N 208 
GLY CA  C    sing N N 209 
GLY CA  HA2  sing N N 210 
GLY CA  HA3  sing N N 211 
GLY C   O    doub N N 212 
GLY C   OXT  sing N N 213 
GLY OXT HXT  sing N N 214 
HIS N   CA   sing N N 215 
HIS N   H    sing N N 216 
HIS N   H2   sing N N 217 
HIS CA  C    sing N N 218 
HIS CA  CB   sing N N 219 
HIS CA  HA   sing N N 220 
HIS C   O    doub N N 221 
HIS C   OXT  sing N N 222 
HIS CB  CG   sing N N 223 
HIS CB  HB2  sing N N 224 
HIS CB  HB3  sing N N 225 
HIS CG  ND1  sing Y N 226 
HIS CG  CD2  doub Y N 227 
HIS ND1 CE1  doub Y N 228 
HIS ND1 HD1  sing N N 229 
HIS CD2 NE2  sing Y N 230 
HIS CD2 HD2  sing N N 231 
HIS CE1 NE2  sing Y N 232 
HIS CE1 HE1  sing N N 233 
HIS NE2 HE2  sing N N 234 
HIS OXT HXT  sing N N 235 
HOH O   H1   sing N N 236 
HOH O   H2   sing N N 237 
ILE N   CA   sing N N 238 
ILE N   H    sing N N 239 
ILE N   H2   sing N N 240 
ILE CA  C    sing N N 241 
ILE CA  CB   sing N N 242 
ILE CA  HA   sing N N 243 
ILE C   O    doub N N 244 
ILE C   OXT  sing N N 245 
ILE CB  CG1  sing N N 246 
ILE CB  CG2  sing N N 247 
ILE CB  HB   sing N N 248 
ILE CG1 CD1  sing N N 249 
ILE CG1 HG12 sing N N 250 
ILE CG1 HG13 sing N N 251 
ILE CG2 HG21 sing N N 252 
ILE CG2 HG22 sing N N 253 
ILE CG2 HG23 sing N N 254 
ILE CD1 HD11 sing N N 255 
ILE CD1 HD12 sing N N 256 
ILE CD1 HD13 sing N N 257 
ILE OXT HXT  sing N N 258 
LEU N   CA   sing N N 259 
LEU N   H    sing N N 260 
LEU N   H2   sing N N 261 
LEU CA  C    sing N N 262 
LEU CA  CB   sing N N 263 
LEU CA  HA   sing N N 264 
LEU C   O    doub N N 265 
LEU C   OXT  sing N N 266 
LEU CB  CG   sing N N 267 
LEU CB  HB2  sing N N 268 
LEU CB  HB3  sing N N 269 
LEU CG  CD1  sing N N 270 
LEU CG  CD2  sing N N 271 
LEU CG  HG   sing N N 272 
LEU CD1 HD11 sing N N 273 
LEU CD1 HD12 sing N N 274 
LEU CD1 HD13 sing N N 275 
LEU CD2 HD21 sing N N 276 
LEU CD2 HD22 sing N N 277 
LEU CD2 HD23 sing N N 278 
LEU OXT HXT  sing N N 279 
LYS N   CA   sing N N 280 
LYS N   H    sing N N 281 
LYS N   H2   sing N N 282 
LYS CA  C    sing N N 283 
LYS CA  CB   sing N N 284 
LYS CA  HA   sing N N 285 
LYS C   O    doub N N 286 
LYS C   OXT  sing N N 287 
LYS CB  CG   sing N N 288 
LYS CB  HB2  sing N N 289 
LYS CB  HB3  sing N N 290 
LYS CG  CD   sing N N 291 
LYS CG  HG2  sing N N 292 
LYS CG  HG3  sing N N 293 
LYS CD  CE   sing N N 294 
LYS CD  HD2  sing N N 295 
LYS CD  HD3  sing N N 296 
LYS CE  NZ   sing N N 297 
LYS CE  HE2  sing N N 298 
LYS CE  HE3  sing N N 299 
LYS NZ  HZ1  sing N N 300 
LYS NZ  HZ2  sing N N 301 
LYS NZ  HZ3  sing N N 302 
LYS OXT HXT  sing N N 303 
MET N   CA   sing N N 304 
MET N   H    sing N N 305 
MET N   H2   sing N N 306 
MET CA  C    sing N N 307 
MET CA  CB   sing N N 308 
MET CA  HA   sing N N 309 
MET C   O    doub N N 310 
MET C   OXT  sing N N 311 
MET CB  CG   sing N N 312 
MET CB  HB2  sing N N 313 
MET CB  HB3  sing N N 314 
MET CG  SD   sing N N 315 
MET CG  HG2  sing N N 316 
MET CG  HG3  sing N N 317 
MET SD  CE   sing N N 318 
MET CE  HE1  sing N N 319 
MET CE  HE2  sing N N 320 
MET CE  HE3  sing N N 321 
MET OXT HXT  sing N N 322 
PHE N   CA   sing N N 323 
PHE N   H    sing N N 324 
PHE N   H2   sing N N 325 
PHE CA  C    sing N N 326 
PHE CA  CB   sing N N 327 
PHE CA  HA   sing N N 328 
PHE C   O    doub N N 329 
PHE C   OXT  sing N N 330 
PHE CB  CG   sing N N 331 
PHE CB  HB2  sing N N 332 
PHE CB  HB3  sing N N 333 
PHE CG  CD1  doub Y N 334 
PHE CG  CD2  sing Y N 335 
PHE CD1 CE1  sing Y N 336 
PHE CD1 HD1  sing N N 337 
PHE CD2 CE2  doub Y N 338 
PHE CD2 HD2  sing N N 339 
PHE CE1 CZ   doub Y N 340 
PHE CE1 HE1  sing N N 341 
PHE CE2 CZ   sing Y N 342 
PHE CE2 HE2  sing N N 343 
PHE CZ  HZ   sing N N 344 
PHE OXT HXT  sing N N 345 
PRO N   CA   sing N N 346 
PRO N   CD   sing N N 347 
PRO N   H    sing N N 348 
PRO CA  C    sing N N 349 
PRO CA  CB   sing N N 350 
PRO CA  HA   sing N N 351 
PRO C   O    doub N N 352 
PRO C   OXT  sing N N 353 
PRO CB  CG   sing N N 354 
PRO CB  HB2  sing N N 355 
PRO CB  HB3  sing N N 356 
PRO CG  CD   sing N N 357 
PRO CG  HG2  sing N N 358 
PRO CG  HG3  sing N N 359 
PRO CD  HD2  sing N N 360 
PRO CD  HD3  sing N N 361 
PRO OXT HXT  sing N N 362 
SER N   CA   sing N N 363 
SER N   H    sing N N 364 
SER N   H2   sing N N 365 
SER CA  C    sing N N 366 
SER CA  CB   sing N N 367 
SER CA  HA   sing N N 368 
SER C   O    doub N N 369 
SER C   OXT  sing N N 370 
SER CB  OG   sing N N 371 
SER CB  HB2  sing N N 372 
SER CB  HB3  sing N N 373 
SER OG  HG   sing N N 374 
SER OXT HXT  sing N N 375 
THR N   CA   sing N N 376 
THR N   H    sing N N 377 
THR N   H2   sing N N 378 
THR CA  C    sing N N 379 
THR CA  CB   sing N N 380 
THR CA  HA   sing N N 381 
THR C   O    doub N N 382 
THR C   OXT  sing N N 383 
THR CB  OG1  sing N N 384 
THR CB  CG2  sing N N 385 
THR CB  HB   sing N N 386 
THR OG1 HG1  sing N N 387 
THR CG2 HG21 sing N N 388 
THR CG2 HG22 sing N N 389 
THR CG2 HG23 sing N N 390 
THR OXT HXT  sing N N 391 
TYR N   CA   sing N N 392 
TYR N   H    sing N N 393 
TYR N   H2   sing N N 394 
TYR CA  C    sing N N 395 
TYR CA  CB   sing N N 396 
TYR CA  HA   sing N N 397 
TYR C   O    doub N N 398 
TYR C   OXT  sing N N 399 
TYR CB  CG   sing N N 400 
TYR CB  HB2  sing N N 401 
TYR CB  HB3  sing N N 402 
TYR CG  CD1  doub Y N 403 
TYR CG  CD2  sing Y N 404 
TYR CD1 CE1  sing Y N 405 
TYR CD1 HD1  sing N N 406 
TYR CD2 CE2  doub Y N 407 
TYR CD2 HD2  sing N N 408 
TYR CE1 CZ   doub Y N 409 
TYR CE1 HE1  sing N N 410 
TYR CE2 CZ   sing Y N 411 
TYR CE2 HE2  sing N N 412 
TYR CZ  OH   sing N N 413 
TYR OH  HH   sing N N 414 
TYR OXT HXT  sing N N 415 
VAL N   CA   sing N N 416 
VAL N   H    sing N N 417 
VAL N   H2   sing N N 418 
VAL CA  C    sing N N 419 
VAL CA  CB   sing N N 420 
VAL CA  HA   sing N N 421 
VAL C   O    doub N N 422 
VAL C   OXT  sing N N 423 
VAL CB  CG1  sing N N 424 
VAL CB  CG2  sing N N 425 
VAL CB  HB   sing N N 426 
VAL CG1 HG11 sing N N 427 
VAL CG1 HG12 sing N N 428 
VAL CG1 HG13 sing N N 429 
VAL CG2 HG21 sing N N 430 
VAL CG2 HG22 sing N N 431 
VAL CG2 HG23 sing N N 432 
VAL OXT HXT  sing N N 433 
# 
loop_
_pdbx_entity_nonpoly.entity_id 
_pdbx_entity_nonpoly.name 
_pdbx_entity_nonpoly.comp_id 
2 'CALCIUM ION'  CA  
3 'CHLORIDE ION' CL  
4 'COENZYME A'   COA 
5 water          HOH 
# 
_pdbx_initial_refinement_model.id               1 
_pdbx_initial_refinement_model.entity_id_list   ? 
_pdbx_initial_refinement_model.type             'experimental model' 
_pdbx_initial_refinement_model.source_name      PDB 
_pdbx_initial_refinement_model.accession_code   1F7T 
_pdbx_initial_refinement_model.details          'monomer from PDB 1F7T' 
# 
